data_5YQH
#
_entry.id   5YQH
#
_cell.length_a   105.928
_cell.length_b   143.242
_cell.length_c   171.889
_cell.angle_alpha   90.00
_cell.angle_beta   90.00
_cell.angle_gamma   90.00
#
_symmetry.space_group_name_H-M   'P 21 21 21'
#
loop_
_entity.id
_entity.type
_entity.pdbx_description
1 polymer 'Cytochrome P450'
2 non-polymer 'PROTOPORPHYRIN IX CONTAINING FE'
3 non-polymer 4-methoxybenzamide
4 non-polymer 'CHLORIDE ION'
5 non-polymer GLYCEROL
6 non-polymer 'SULFATE ION'
7 water water
#
_entity_poly.entity_id   1
_entity_poly.type   'polypeptide(L)'
_entity_poly.pdbx_seq_one_letter_code
;MISNSSAESISAPPNDSTIPHLAIDPFSLDFFDDPYPDQQTLRDAGPVVYLDKWNVYGVARYAEVHAVLNDPTTFCSSRG
VGLSDFKKEKPWRPPSLILEADPPAHTRPRAVLSKVLSPATMKTIRDGFAAAADAKVDELLQRGCIDAIADLAEAYPLSV
FPDAMGLKQEGREHLLPYAGLVFNAFGPPNELRQTAIERSAPHQAYVNEQCQRPNLAPGGFGACIHAFTDTGEITPDEAP
LLVRSLLSAGLDTTVNGIGAAVYCLARFPGELQRLRSDPTLARNAFEEAVRFESPVQTFFRTTTREVELGGAVIGEGEKV
LMFLGSANRDPRRWSDPDLYDITRKTSGHVGFGSGVHMCVGQLVARLEGEVMLSALARKVAAIDIDGPVKRRFNNTLRGL
ESLPVKLTPA
;
_entity_poly.pdbx_strand_id   A,B,C,D
#
loop_
_chem_comp.id
_chem_comp.type
_chem_comp.name
_chem_comp.formula
8ZX non-polymer 4-methoxybenzamide 'C8 H9 N O2'
CL non-polymer 'CHLORIDE ION' 'Cl -1'
GOL non-polymer GLYCEROL 'C3 H8 O3'
HEM non-polymer 'PROTOPORPHYRIN IX CONTAINING FE' 'C34 H32 Fe N4 O4'
SO4 non-polymer 'SULFATE ION' 'O4 S -2'
#
# COMPACT_ATOMS: atom_id res chain seq x y z
N THR A 18 4.96 31.68 -21.37
CA THR A 18 5.96 30.71 -20.96
C THR A 18 6.08 30.61 -19.42
N ILE A 19 6.57 29.47 -18.94
CA ILE A 19 6.46 29.11 -17.53
C ILE A 19 7.81 28.88 -16.86
N PRO A 20 8.14 29.74 -15.88
CA PRO A 20 9.45 29.65 -15.22
C PRO A 20 9.65 28.36 -14.41
N HIS A 21 10.82 27.76 -14.54
CA HIS A 21 11.18 26.55 -13.83
C HIS A 21 11.95 26.92 -12.57
N LEU A 22 11.59 26.34 -11.43
CA LEU A 22 12.28 26.65 -10.18
C LEU A 22 12.74 25.39 -9.47
N ALA A 23 13.86 25.47 -8.76
CA ALA A 23 14.41 24.30 -8.09
C ALA A 23 13.94 24.18 -6.63
N ILE A 24 13.05 25.09 -6.23
CA ILE A 24 12.48 25.09 -4.89
C ILE A 24 11.70 23.81 -4.53
N ASP A 25 12.03 23.22 -3.40
CA ASP A 25 11.30 22.07 -2.89
C ASP A 25 10.49 22.53 -1.67
N PRO A 26 9.18 22.77 -1.88
CA PRO A 26 8.29 23.27 -0.85
C PRO A 26 7.85 22.19 0.13
N PHE A 27 8.35 20.96 -0.02
CA PHE A 27 8.10 19.89 0.94
C PHE A 27 9.40 19.39 1.58
N SER A 28 10.43 20.24 1.57
CA SER A 28 11.72 19.90 2.16
C SER A 28 11.85 20.53 3.52
N LEU A 29 12.64 19.90 4.37
CA LEU A 29 12.87 20.41 5.73
C LEU A 29 13.41 21.85 5.74
N ASP A 30 14.27 22.20 4.78
CA ASP A 30 14.82 23.56 4.77
C ASP A 30 13.75 24.59 4.46
N PHE A 31 12.88 24.26 3.52
CA PHE A 31 11.78 25.15 3.20
C PHE A 31 10.90 25.32 4.44
N PHE A 32 10.44 24.20 5.03
CA PHE A 32 9.59 24.28 6.23
C PHE A 32 10.21 25.19 7.27
N ASP A 33 11.53 25.07 7.46
CA ASP A 33 12.19 25.79 8.52
C ASP A 33 12.26 27.30 8.29
N ASP A 34 12.21 27.71 7.01
CA ASP A 34 12.16 29.13 6.67
C ASP A 34 11.61 29.33 5.26
N PRO A 35 10.28 29.33 5.14
CA PRO A 35 9.57 29.25 3.85
C PRO A 35 9.46 30.58 3.13
N TYR A 36 9.64 31.68 3.85
CA TYR A 36 9.25 32.99 3.33
C TYR A 36 10.08 33.53 2.17
N PRO A 37 11.41 33.39 2.21
CA PRO A 37 12.12 33.85 1.00
C PRO A 37 11.72 33.00 -0.22
N ASP A 38 11.66 31.68 -0.07
CA ASP A 38 11.26 30.84 -1.18
C ASP A 38 9.82 31.13 -1.68
N GLN A 39 8.90 31.44 -0.77
CA GLN A 39 7.54 31.81 -1.18
C GLN A 39 7.50 33.14 -1.95
N GLN A 40 8.33 34.09 -1.54
CA GLN A 40 8.48 35.32 -2.32
C GLN A 40 8.96 35.02 -3.74
N THR A 41 9.91 34.10 -3.86
CA THR A 41 10.39 33.70 -5.18
C THR A 41 9.31 33.00 -6.00
N LEU A 42 8.55 32.09 -5.37
CA LEU A 42 7.45 31.41 -6.04
C LEU A 42 6.46 32.43 -6.61
N ARG A 43 6.19 33.49 -5.84
CA ARG A 43 5.25 34.52 -6.28
C ARG A 43 5.86 35.41 -7.36
N ASP A 44 7.11 35.81 -7.16
CA ASP A 44 7.72 36.83 -8.01
C ASP A 44 8.26 36.34 -9.35
N ALA A 45 8.44 35.03 -9.49
CA ALA A 45 9.01 34.48 -10.71
C ALA A 45 7.98 34.56 -11.82
N GLY A 46 6.71 34.54 -11.44
CA GLY A 46 5.61 34.56 -12.39
C GLY A 46 4.33 34.14 -11.71
N PRO A 47 3.18 34.37 -12.36
CA PRO A 47 1.93 33.94 -11.73
C PRO A 47 1.75 32.41 -11.79
N VAL A 48 2.29 31.74 -12.79
CA VAL A 48 2.35 30.27 -12.77
C VAL A 48 3.78 29.79 -12.84
N VAL A 49 4.13 28.81 -12.01
CA VAL A 49 5.48 28.26 -12.01
C VAL A 49 5.50 26.74 -12.21
N TYR A 50 6.68 26.22 -12.50
CA TYR A 50 6.87 24.79 -12.61
C TYR A 50 7.95 24.39 -11.64
N LEU A 51 7.70 23.33 -10.88
CA LEU A 51 8.62 22.89 -9.84
C LEU A 51 9.36 21.65 -10.30
N ASP A 52 10.67 21.79 -10.53
CA ASP A 52 11.49 20.73 -11.14
C ASP A 52 11.50 19.46 -10.31
N LYS A 53 11.61 19.65 -8.99
CA LYS A 53 11.77 18.53 -8.06
C LYS A 53 10.55 17.58 -8.10
N TRP A 54 9.35 18.13 -8.26
CA TRP A 54 8.15 17.29 -8.27
C TRP A 54 7.37 17.31 -9.59
N ASN A 55 7.87 18.04 -10.58
CA ASN A 55 7.25 17.96 -11.89
C ASN A 55 5.76 18.31 -11.86
N VAL A 56 5.44 19.48 -11.28
CA VAL A 56 4.08 19.92 -11.18
C VAL A 56 4.01 21.43 -11.27
N TYR A 57 2.86 21.98 -11.66
CA TYR A 57 2.67 23.43 -11.67
C TYR A 57 2.23 23.95 -10.31
N GLY A 58 2.58 25.20 -10.02
CA GLY A 58 2.17 25.85 -8.80
C GLY A 58 1.79 27.32 -9.00
N VAL A 59 0.88 27.82 -8.18
CA VAL A 59 0.53 29.23 -8.17
C VAL A 59 0.59 29.71 -6.72
N ALA A 60 1.27 30.82 -6.49
CA ALA A 60 1.60 31.24 -5.13
C ALA A 60 1.02 32.61 -4.80
N ARG A 61 0.51 33.31 -5.81
CA ARG A 61 -0.09 34.62 -5.59
C ARG A 61 -1.55 34.53 -5.17
N TYR A 62 -2.01 35.51 -4.42
CA TYR A 62 -3.39 35.53 -3.97
C TYR A 62 -4.35 35.40 -5.14
N ALA A 63 -4.12 36.17 -6.19
CA ALA A 63 -5.08 36.23 -7.29
C ALA A 63 -5.34 34.85 -7.89
N GLU A 64 -4.26 34.13 -8.19
CA GLU A 64 -4.40 32.80 -8.80
C GLU A 64 -4.95 31.75 -7.84
N VAL A 65 -4.44 31.73 -6.62
CA VAL A 65 -4.90 30.77 -5.63
C VAL A 65 -6.40 30.96 -5.42
N HIS A 66 -6.81 32.20 -5.23
CA HIS A 66 -8.23 32.50 -5.01
C HIS A 66 -9.09 32.11 -6.20
N ALA A 67 -8.59 32.36 -7.40
CA ALA A 67 -9.32 32.02 -8.61
C ALA A 67 -9.47 30.51 -8.75
N VAL A 68 -8.41 29.77 -8.44
CA VAL A 68 -8.45 28.31 -8.56
C VAL A 68 -9.46 27.69 -7.58
N LEU A 69 -9.42 28.12 -6.32
CA LEU A 69 -10.35 27.67 -5.30
C LEU A 69 -11.79 27.81 -5.77
N ASN A 70 -12.07 28.93 -6.45
CA ASN A 70 -13.44 29.28 -6.81
C ASN A 70 -13.89 28.87 -8.20
N ASP A 71 -13.14 27.96 -8.83
CA ASP A 71 -13.57 27.32 -10.08
C ASP A 71 -13.34 25.80 -10.01
N PRO A 72 -14.21 25.11 -9.24
CA PRO A 72 -14.08 23.68 -8.98
C PRO A 72 -14.38 22.83 -10.21
N THR A 73 -15.09 23.39 -11.17
CA THR A 73 -15.38 22.67 -12.41
C THR A 73 -14.09 22.44 -13.19
N THR A 74 -13.27 23.48 -13.28
CA THR A 74 -12.02 23.42 -14.02
C THR A 74 -10.93 22.80 -13.15
N PHE A 75 -10.96 23.10 -11.85
CA PHE A 75 -9.93 22.61 -10.95
C PHE A 75 -10.59 21.74 -9.90
N CYS A 76 -10.69 20.46 -10.23
CA CYS A 76 -11.48 19.53 -9.45
C CYS A 76 -10.67 18.96 -8.30
N SER A 77 -11.36 18.28 -7.38
CA SER A 77 -10.77 17.76 -6.16
C SER A 77 -10.85 16.23 -6.10
N SER A 78 -11.70 15.65 -6.94
CA SER A 78 -11.97 14.21 -6.89
C SER A 78 -10.81 13.40 -7.43
N ARG A 79 -9.88 14.06 -8.12
CA ARG A 79 -8.66 13.40 -8.52
C ARG A 79 -7.60 13.59 -7.44
N GLY A 80 -8.05 14.00 -6.24
CA GLY A 80 -7.18 14.10 -5.09
C GLY A 80 -6.78 15.54 -4.87
N VAL A 81 -6.59 15.93 -3.62
CA VAL A 81 -6.05 17.26 -3.34
C VAL A 81 -4.60 17.15 -2.84
N GLY A 82 -4.03 15.96 -2.94
CA GLY A 82 -2.60 15.76 -2.73
C GLY A 82 -1.91 15.70 -4.08
N LEU A 83 -0.62 15.35 -4.10
CA LEU A 83 0.12 15.30 -5.37
C LEU A 83 -0.41 14.17 -6.23
N SER A 84 -0.63 13.03 -5.59
CA SER A 84 -1.16 11.86 -6.26
C SER A 84 -2.44 12.15 -7.05
N ASP A 85 -2.47 11.71 -8.30
CA ASP A 85 -3.64 11.80 -9.18
C ASP A 85 -4.49 10.54 -9.04
N PHE A 86 -5.65 10.64 -8.42
CA PHE A 86 -6.48 9.47 -8.16
C PHE A 86 -7.01 8.81 -9.44
N LYS A 87 -6.96 9.51 -10.56
CA LYS A 87 -7.44 8.89 -11.80
C LYS A 87 -6.44 7.86 -12.31
N LYS A 88 -5.16 8.06 -11.96
CA LYS A 88 -4.09 7.18 -12.38
C LYS A 88 -3.43 6.36 -11.27
N GLU A 89 -3.66 6.69 -10.01
CA GLU A 89 -2.92 6.05 -8.92
C GLU A 89 -3.86 5.50 -7.85
N LYS A 90 -3.33 4.64 -6.98
CA LYS A 90 -4.12 4.11 -5.88
C LYS A 90 -4.11 5.04 -4.66
N PRO A 91 -5.29 5.55 -4.27
CA PRO A 91 -5.39 6.37 -3.07
C PRO A 91 -4.80 5.63 -1.88
N TRP A 92 -4.12 6.35 -0.98
CA TRP A 92 -3.51 5.71 0.19
C TRP A 92 -4.58 5.20 1.16
N ARG A 93 -5.79 5.71 1.03
CA ARG A 93 -6.93 5.20 1.80
C ARG A 93 -8.19 5.42 0.97
N PRO A 94 -9.33 4.86 1.43
CA PRO A 94 -10.60 5.16 0.76
C PRO A 94 -10.80 6.68 0.81
N PRO A 95 -11.04 7.33 -0.34
CA PRO A 95 -11.12 8.79 -0.41
C PRO A 95 -12.19 9.38 0.50
N SER A 96 -11.94 10.58 1.01
CA SER A 96 -12.93 11.36 1.72
C SER A 96 -14.17 11.54 0.86
N LEU A 97 -15.36 11.41 1.44
CA LEU A 97 -16.62 11.68 0.74
C LEU A 97 -16.78 13.16 0.43
N ILE A 98 -16.15 14.00 1.25
CA ILE A 98 -16.31 15.43 1.14
C ILE A 98 -15.09 16.14 0.50
N LEU A 99 -13.90 15.98 1.09
CA LEU A 99 -12.71 16.72 0.60
C LEU A 99 -12.32 16.36 -0.82
N GLU A 100 -12.57 15.11 -1.19
CA GLU A 100 -12.05 14.58 -2.45
C GLU A 100 -13.17 14.22 -3.41
N ALA A 101 -14.19 15.07 -3.45
CA ALA A 101 -15.35 14.88 -4.30
C ALA A 101 -15.76 16.24 -4.89
N ASP A 102 -16.40 16.21 -6.05
CA ASP A 102 -16.85 17.43 -6.72
C ASP A 102 -18.38 17.52 -6.66
N PRO A 103 -18.92 18.74 -6.82
CA PRO A 103 -20.36 18.85 -7.09
C PRO A 103 -20.65 18.08 -8.36
N PRO A 104 -21.78 17.38 -8.44
CA PRO A 104 -22.89 17.31 -7.49
C PRO A 104 -22.68 16.35 -6.32
N ALA A 105 -21.75 15.42 -6.43
CA ALA A 105 -21.58 14.38 -5.41
C ALA A 105 -21.17 14.97 -4.05
N HIS A 106 -20.38 16.04 -4.08
CA HIS A 106 -19.90 16.68 -2.86
C HIS A 106 -21.04 17.26 -2.03
N THR A 107 -22.14 17.60 -2.69
CA THR A 107 -23.17 18.45 -2.09
C THR A 107 -23.83 17.85 -0.85
N ARG A 108 -24.26 16.60 -0.95
CA ARG A 108 -24.98 15.96 0.15
C ARG A 108 -24.10 15.75 1.38
N PRO A 109 -22.90 15.15 1.23
CA PRO A 109 -22.08 15.01 2.43
C PRO A 109 -21.69 16.34 3.06
N ARG A 110 -21.49 17.36 2.22
CA ARG A 110 -21.21 18.70 2.70
C ARG A 110 -22.39 19.25 3.51
N ALA A 111 -23.61 19.09 2.99
CA ALA A 111 -24.81 19.54 3.69
C ALA A 111 -24.91 18.92 5.09
N VAL A 112 -24.62 17.63 5.20
CA VAL A 112 -24.64 16.95 6.49
C VAL A 112 -23.68 17.55 7.51
N LEU A 113 -22.41 17.69 7.13
CA LEU A 113 -21.41 18.24 8.05
C LEU A 113 -21.67 19.71 8.38
N SER A 114 -22.16 20.47 7.40
CA SER A 114 -22.57 21.85 7.64
C SER A 114 -23.67 21.97 8.72
N LYS A 115 -24.65 21.05 8.70
CA LYS A 115 -25.70 21.06 9.71
C LYS A 115 -25.10 20.67 11.06
N VAL A 116 -24.34 19.58 11.09
CA VAL A 116 -23.70 19.13 12.33
C VAL A 116 -22.81 20.21 12.97
N LEU A 117 -22.19 21.05 12.16
CA LEU A 117 -21.23 22.02 12.67
C LEU A 117 -21.74 23.47 12.53
N SER A 118 -23.06 23.62 12.60
CA SER A 118 -23.73 24.89 12.32
C SER A 118 -23.57 25.93 13.42
N PRO A 119 -23.91 27.19 13.10
CA PRO A 119 -23.96 28.26 14.10
C PRO A 119 -24.82 27.87 15.31
N ALA A 120 -25.97 27.24 15.05
CA ALA A 120 -26.84 26.82 16.15
C ALA A 120 -26.13 25.82 17.05
N THR A 121 -25.52 24.79 16.45
CA THR A 121 -24.74 23.85 17.24
C THR A 121 -23.71 24.60 18.09
N MET A 122 -23.02 25.57 17.50
CA MET A 122 -22.00 26.31 18.24
C MET A 122 -22.60 27.02 19.47
N LYS A 123 -23.82 27.54 19.34
CA LYS A 123 -24.42 28.18 20.50
C LYS A 123 -24.58 27.18 21.65
N THR A 124 -24.94 25.94 21.33
CA THR A 124 -25.13 24.94 22.38
C THR A 124 -23.85 24.51 23.12
N ILE A 125 -22.68 24.69 22.51
CA ILE A 125 -21.46 24.20 23.15
C ILE A 125 -20.54 25.34 23.57
N ARG A 126 -20.85 26.54 23.11
CA ARG A 126 -20.04 27.72 23.39
C ARG A 126 -19.64 27.86 24.85
N ASP A 127 -20.61 27.84 25.77
CA ASP A 127 -20.32 28.09 27.20
C ASP A 127 -19.35 27.06 27.77
N GLY A 128 -19.56 25.78 27.45
CA GLY A 128 -18.61 24.75 27.82
C GLY A 128 -17.21 25.00 27.26
N PHE A 129 -17.13 25.37 25.99
CA PHE A 129 -15.80 25.67 25.44
C PHE A 129 -15.14 26.81 26.18
N ALA A 130 -15.91 27.83 26.55
CA ALA A 130 -15.33 29.03 27.13
C ALA A 130 -14.85 28.78 28.56
N ALA A 131 -15.65 28.04 29.31
CA ALA A 131 -15.29 27.68 30.70
C ALA A 131 -14.05 26.78 30.70
N ALA A 132 -14.00 25.81 29.80
CA ALA A 132 -12.79 25.03 29.63
C ALA A 132 -11.56 25.91 29.33
N ALA A 133 -11.72 26.89 28.45
CA ALA A 133 -10.62 27.78 28.11
C ALA A 133 -10.18 28.62 29.31
N ASP A 134 -11.14 29.12 30.06
CA ASP A 134 -10.84 29.96 31.23
C ASP A 134 -10.13 29.14 32.30
N ALA A 135 -10.66 27.95 32.56
CA ALA A 135 -10.03 27.01 33.49
C ALA A 135 -8.62 26.66 33.03
N LYS A 136 -8.45 26.42 31.74
CA LYS A 136 -7.13 26.03 31.23
C LYS A 136 -6.08 27.12 31.50
N VAL A 137 -6.43 28.38 31.20
CA VAL A 137 -5.49 29.47 31.42
C VAL A 137 -5.17 29.66 32.90
N ASP A 138 -6.20 29.59 33.75
CA ASP A 138 -6.00 29.66 35.20
C ASP A 138 -4.97 28.62 35.61
N GLU A 139 -5.17 27.38 35.19
CA GLU A 139 -4.26 26.30 35.55
C GLU A 139 -2.81 26.61 35.13
N LEU A 140 -2.64 27.17 33.92
CA LEU A 140 -1.29 27.48 33.42
C LEU A 140 -0.65 28.60 34.23
N LEU A 141 -1.47 29.54 34.69
CA LEU A 141 -0.96 30.68 35.44
C LEU A 141 -0.35 30.28 36.79
N GLN A 142 -0.74 29.12 37.29
CA GLN A 142 -0.25 28.62 38.56
C GLN A 142 1.15 28.03 38.42
N ARG A 143 1.55 27.78 37.19
CA ARG A 143 2.83 27.15 36.88
C ARG A 143 3.79 28.22 36.38
N GLY A 144 3.29 29.12 35.56
CA GLY A 144 4.11 30.19 35.02
C GLY A 144 4.91 29.74 33.81
N CYS A 145 5.86 28.84 34.02
CA CYS A 145 6.69 28.31 32.94
C CYS A 145 5.99 27.14 32.25
N ILE A 146 5.45 27.34 31.05
CA ILE A 146 4.75 26.27 30.35
C ILE A 146 5.26 26.06 28.94
N ASP A 147 4.72 25.04 28.28
CA ASP A 147 4.98 24.85 26.86
C ASP A 147 3.69 25.17 26.13
N ALA A 148 3.67 26.27 25.39
CA ALA A 148 2.45 26.73 24.75
C ALA A 148 1.91 25.73 23.74
N ILE A 149 2.75 24.81 23.26
CA ILE A 149 2.22 23.75 22.42
C ILE A 149 1.57 22.65 23.29
N ALA A 150 2.39 21.87 24.00
CA ALA A 150 1.84 20.76 24.79
C ALA A 150 0.76 21.15 25.80
N ASP A 151 0.97 22.26 26.52
CA ASP A 151 0.06 22.66 27.60
C ASP A 151 -1.13 23.52 27.16
N LEU A 152 -1.09 24.04 25.93
CA LEU A 152 -2.13 24.96 25.50
C LEU A 152 -2.66 24.60 24.12
N ALA A 153 -1.84 24.81 23.08
CA ALA A 153 -2.30 24.56 21.72
C ALA A 153 -2.76 23.12 21.58
N GLU A 154 -2.09 22.19 22.25
CA GLU A 154 -2.50 20.78 22.20
C GLU A 154 -3.52 20.48 23.30
N ALA A 155 -3.21 20.87 24.54
CA ALA A 155 -4.05 20.48 25.68
C ALA A 155 -5.47 20.99 25.53
N TYR A 156 -5.63 22.25 25.17
CA TYR A 156 -6.97 22.81 25.08
C TYR A 156 -7.89 22.09 24.07
N PRO A 157 -7.47 22.01 22.79
CA PRO A 157 -8.34 21.27 21.85
C PRO A 157 -8.55 19.79 22.23
N LEU A 158 -7.55 19.14 22.83
CA LEU A 158 -7.75 17.76 23.26
C LEU A 158 -8.82 17.67 24.35
N SER A 159 -8.98 18.73 25.14
CA SER A 159 -9.92 18.71 26.26
C SER A 159 -11.35 18.97 25.85
N VAL A 160 -11.56 19.54 24.67
CA VAL A 160 -12.92 19.89 24.27
C VAL A 160 -13.42 19.20 23.00
N PHE A 161 -12.54 18.97 22.03
CA PHE A 161 -13.01 18.49 20.74
C PHE A 161 -13.40 17.01 20.72
N PRO A 162 -12.57 16.13 21.31
CA PRO A 162 -12.99 14.72 21.36
C PRO A 162 -14.27 14.51 22.18
N ASP A 163 -14.45 15.25 23.28
CA ASP A 163 -15.71 15.19 24.03
C ASP A 163 -16.87 15.68 23.17
N ALA A 164 -16.69 16.84 22.53
CA ALA A 164 -17.70 17.34 21.62
C ALA A 164 -17.98 16.35 20.47
N MET A 165 -16.98 15.56 20.08
CA MET A 165 -17.21 14.48 19.10
C MET A 165 -18.03 13.30 19.66
N GLY A 166 -18.03 13.10 20.98
CA GLY A 166 -18.70 11.96 21.57
C GLY A 166 -17.81 10.72 21.68
N LEU A 167 -16.51 10.95 21.67
CA LEU A 167 -15.49 9.89 21.63
C LEU A 167 -15.21 9.29 23.00
N LYS A 168 -15.07 7.97 23.05
CA LYS A 168 -14.57 7.27 24.25
C LYS A 168 -13.21 7.81 24.70
N GLN A 169 -12.90 7.66 25.98
CA GLN A 169 -11.62 8.12 26.52
C GLN A 169 -10.42 7.32 25.98
N GLU A 170 -10.60 6.01 25.84
CA GLU A 170 -9.50 5.11 25.48
C GLU A 170 -9.01 5.30 24.04
N GLY A 171 -7.70 5.35 23.87
CA GLY A 171 -7.08 5.46 22.56
C GLY A 171 -6.98 6.85 21.96
N ARG A 172 -7.26 7.89 22.76
CA ARG A 172 -7.20 9.26 22.22
C ARG A 172 -5.80 9.70 21.79
N GLU A 173 -4.76 9.01 22.26
CA GLU A 173 -3.40 9.43 21.98
C GLU A 173 -3.12 9.28 20.47
N HIS A 174 -3.94 8.50 19.79
CA HIS A 174 -3.79 8.32 18.35
C HIS A 174 -4.28 9.50 17.51
N LEU A 175 -5.00 10.44 18.12
CA LEU A 175 -5.64 11.49 17.33
C LEU A 175 -4.63 12.40 16.63
N LEU A 176 -3.67 12.93 17.38
CA LEU A 176 -2.67 13.82 16.83
C LEU A 176 -1.87 13.15 15.70
N PRO A 177 -1.26 11.98 15.99
CA PRO A 177 -0.44 11.40 14.92
C PRO A 177 -1.26 10.91 13.74
N TYR A 178 -2.54 10.62 13.94
CA TYR A 178 -3.42 10.23 12.86
C TYR A 178 -3.62 11.38 11.89
N ALA A 179 -3.92 12.55 12.43
CA ALA A 179 -4.03 13.74 11.60
C ALA A 179 -2.68 14.06 10.94
N GLY A 180 -1.59 13.85 11.68
CA GLY A 180 -0.26 14.08 11.14
C GLY A 180 -0.06 13.22 9.91
N LEU A 181 -0.41 11.95 10.06
CA LEU A 181 -0.44 11.03 8.94
C LEU A 181 -1.25 11.56 7.78
N VAL A 182 -2.51 11.91 8.04
CA VAL A 182 -3.41 12.34 6.98
C VAL A 182 -2.83 13.50 6.17
N PHE A 183 -2.25 14.48 6.86
CA PHE A 183 -1.72 15.67 6.19
C PHE A 183 -0.37 15.44 5.50
N ASN A 184 0.49 14.58 6.07
CA ASN A 184 1.67 14.15 5.34
C ASN A 184 1.30 13.50 4.02
N ALA A 185 0.16 12.81 4.00
CA ALA A 185 -0.21 11.99 2.84
C ALA A 185 -0.62 12.79 1.61
N PHE A 186 -0.97 14.06 1.80
CA PHE A 186 -1.18 14.94 0.66
C PHE A 186 0.15 15.19 -0.05
N GLY A 187 1.24 15.04 0.70
CA GLY A 187 2.55 15.43 0.20
C GLY A 187 3.09 14.57 -0.93
N PRO A 188 4.32 14.87 -1.36
CA PRO A 188 5.02 14.01 -2.33
C PRO A 188 5.49 12.79 -1.57
N PRO A 189 5.96 11.75 -2.28
CA PRO A 189 6.48 10.56 -1.61
C PRO A 189 7.91 10.78 -1.10
N ASN A 190 8.05 11.64 -0.11
CA ASN A 190 9.33 11.85 0.55
C ASN A 190 9.34 11.03 1.82
N GLU A 191 10.37 11.18 2.64
CA GLU A 191 10.49 10.42 3.88
C GLU A 191 9.29 10.67 4.80
N LEU A 192 8.87 11.92 4.89
CA LEU A 192 7.78 12.28 5.81
C LEU A 192 6.54 11.47 5.49
N ARG A 193 6.21 11.38 4.20
CA ARG A 193 5.04 10.66 3.74
C ARG A 193 5.17 9.15 3.87
N GLN A 194 6.30 8.60 3.46
CA GLN A 194 6.41 7.15 3.42
C GLN A 194 6.51 6.55 4.82
N THR A 195 7.18 7.26 5.72
CA THR A 195 7.29 6.85 7.11
C THR A 195 5.92 6.94 7.84
N ALA A 196 5.17 8.01 7.59
CA ALA A 196 3.81 8.10 8.09
C ALA A 196 2.94 6.89 7.67
N ILE A 197 2.87 6.65 6.37
CA ILE A 197 2.00 5.61 5.83
C ILE A 197 2.43 4.23 6.33
N GLU A 198 3.73 4.00 6.41
CA GLU A 198 4.26 2.75 6.92
C GLU A 198 3.91 2.47 8.41
N ARG A 199 3.73 3.52 9.20
CA ARG A 199 3.42 3.36 10.63
C ARG A 199 1.92 3.56 10.93
N SER A 200 1.09 3.55 9.88
CA SER A 200 -0.28 4.03 9.96
C SER A 200 -1.31 3.07 10.60
N ALA A 201 -1.11 1.77 10.49
CA ALA A 201 -2.18 0.79 10.79
C ALA A 201 -2.84 0.95 12.17
N PRO A 202 -2.03 1.05 13.24
CA PRO A 202 -2.68 1.19 14.55
C PRO A 202 -3.52 2.47 14.67
N HIS A 203 -3.10 3.55 14.02
CA HIS A 203 -3.88 4.80 14.04
C HIS A 203 -5.19 4.60 13.28
N GLN A 204 -5.10 4.03 12.09
CA GLN A 204 -6.29 3.85 11.28
C GLN A 204 -7.28 2.92 12.00
N ALA A 205 -6.78 1.89 12.66
CA ALA A 205 -7.63 0.91 13.29
C ALA A 205 -8.34 1.56 14.47
N TYR A 206 -7.63 2.39 15.22
CA TYR A 206 -8.29 3.14 16.28
C TYR A 206 -9.38 4.02 15.72
N VAL A 207 -9.05 4.78 14.68
CA VAL A 207 -10.00 5.71 14.10
C VAL A 207 -11.22 4.96 13.58
N ASN A 208 -10.99 3.83 12.93
CA ASN A 208 -12.13 3.09 12.40
C ASN A 208 -13.08 2.53 13.44
N GLU A 209 -12.56 2.13 14.59
CA GLU A 209 -13.43 1.72 15.68
C GLU A 209 -14.29 2.90 16.11
N GLN A 210 -13.68 4.08 16.27
CA GLN A 210 -14.38 5.25 16.81
C GLN A 210 -15.42 5.82 15.85
N CYS A 211 -15.30 5.54 14.55
CA CYS A 211 -16.28 5.99 13.58
C CYS A 211 -17.63 5.22 13.61
N GLN A 212 -17.69 4.12 14.37
CA GLN A 212 -18.87 3.25 14.33
C GLN A 212 -19.94 3.75 15.28
N ARG A 213 -21.20 3.68 14.86
CA ARG A 213 -22.30 4.23 15.65
C ARG A 213 -22.32 3.91 17.16
N PRO A 214 -22.07 2.64 17.51
CA PRO A 214 -22.18 2.32 18.95
C PRO A 214 -21.09 2.97 19.81
N ASN A 215 -20.02 3.47 19.22
CA ASN A 215 -18.92 4.01 20.02
C ASN A 215 -18.95 5.53 20.19
N LEU A 216 -20.01 6.15 19.69
CA LEU A 216 -20.11 7.59 19.75
C LEU A 216 -21.25 8.01 20.65
N ALA A 217 -20.88 8.71 21.73
CA ALA A 217 -21.84 9.24 22.70
C ALA A 217 -23.01 10.04 22.08
N PRO A 218 -24.20 9.92 22.68
CA PRO A 218 -25.39 10.69 22.29
C PRO A 218 -25.19 12.22 22.44
N GLY A 219 -25.71 13.00 21.50
CA GLY A 219 -25.53 14.46 21.56
C GLY A 219 -24.21 14.99 20.99
N GLY A 220 -23.33 14.09 20.57
CA GLY A 220 -22.03 14.50 20.03
C GLY A 220 -22.03 14.59 18.52
N PHE A 221 -20.94 15.10 17.95
CA PHE A 221 -20.89 15.27 16.51
C PHE A 221 -21.07 13.94 15.81
N GLY A 222 -20.44 12.92 16.37
CA GLY A 222 -20.49 11.60 15.77
C GLY A 222 -21.90 11.05 15.72
N ALA A 223 -22.59 11.03 16.85
CA ALA A 223 -23.95 10.51 16.89
C ALA A 223 -24.85 11.33 15.97
N CYS A 224 -24.69 12.65 15.98
CA CYS A 224 -25.48 13.53 15.13
C CYS A 224 -25.32 13.14 13.68
N ILE A 225 -24.09 12.82 13.29
CA ILE A 225 -23.86 12.43 11.92
C ILE A 225 -24.62 11.14 11.64
N HIS A 226 -24.51 10.19 12.56
CA HIS A 226 -25.17 8.91 12.36
C HIS A 226 -26.70 9.02 12.33
N ALA A 227 -27.25 10.02 13.00
CA ALA A 227 -28.70 10.24 12.97
C ALA A 227 -29.19 10.44 11.53
N PHE A 228 -28.31 10.98 10.68
CA PHE A 228 -28.68 11.24 9.29
C PHE A 228 -28.90 9.95 8.51
N THR A 229 -28.53 8.82 9.09
CA THR A 229 -28.87 7.54 8.46
C THR A 229 -30.37 7.21 8.66
N ASP A 230 -30.94 7.73 9.74
CA ASP A 230 -32.33 7.40 10.08
C ASP A 230 -33.35 8.03 9.14
N THR A 231 -32.98 9.16 8.56
CA THR A 231 -33.88 9.86 7.65
C THR A 231 -33.61 9.50 6.19
N GLY A 232 -32.55 8.73 5.94
CA GLY A 232 -32.16 8.38 4.57
C GLY A 232 -31.26 9.43 3.94
N GLU A 233 -30.78 10.36 4.76
CA GLU A 233 -29.93 11.43 4.23
C GLU A 233 -28.55 10.88 3.82
N ILE A 234 -28.03 9.97 4.62
CA ILE A 234 -26.81 9.21 4.26
C ILE A 234 -27.00 7.73 4.58
N THR A 235 -26.21 6.87 3.93
CA THR A 235 -26.25 5.44 4.19
C THR A 235 -25.44 5.04 5.43
N PRO A 236 -25.65 3.81 5.91
CA PRO A 236 -24.86 3.32 7.06
C PRO A 236 -23.39 3.16 6.71
N ASP A 237 -23.06 3.04 5.42
CA ASP A 237 -21.67 3.02 4.97
C ASP A 237 -21.03 4.40 4.90
N GLU A 238 -21.81 5.40 4.48
CA GLU A 238 -21.31 6.78 4.39
C GLU A 238 -21.09 7.36 5.78
N ALA A 239 -21.97 7.03 6.70
CA ALA A 239 -21.92 7.64 8.04
C ALA A 239 -20.52 7.63 8.67
N PRO A 240 -19.91 6.45 8.82
CA PRO A 240 -18.58 6.36 9.46
C PRO A 240 -17.49 7.14 8.70
N LEU A 241 -17.50 7.12 7.37
CA LEU A 241 -16.58 7.91 6.58
C LEU A 241 -16.71 9.43 6.86
N LEU A 242 -17.91 9.88 7.23
CA LEU A 242 -18.08 11.30 7.54
C LEU A 242 -17.53 11.58 8.92
N VAL A 243 -17.67 10.65 9.84
CA VAL A 243 -17.04 10.83 11.14
C VAL A 243 -15.52 10.85 10.94
N ARG A 244 -15.05 10.03 10.00
CA ARG A 244 -13.63 9.95 9.70
C ARG A 244 -13.14 11.33 9.27
N SER A 245 -13.91 12.02 8.45
CA SER A 245 -13.54 13.37 8.00
C SER A 245 -13.22 14.30 9.15
N LEU A 246 -14.07 14.32 10.18
CA LEU A 246 -13.87 15.24 11.28
C LEU A 246 -12.66 14.83 12.12
N LEU A 247 -12.40 13.54 12.20
CA LEU A 247 -11.28 13.08 13.00
C LEU A 247 -9.96 13.28 12.23
N SER A 248 -10.07 13.36 10.90
CA SER A 248 -8.90 13.61 10.08
C SER A 248 -8.53 15.08 10.16
N ALA A 249 -9.51 15.97 10.13
CA ALA A 249 -9.28 17.39 9.88
C ALA A 249 -9.53 18.32 11.06
N GLY A 250 -10.20 17.82 12.09
CA GLY A 250 -10.75 18.68 13.11
C GLY A 250 -9.86 19.03 14.28
N LEU A 251 -8.73 18.33 14.44
CA LEU A 251 -7.88 18.54 15.61
C LEU A 251 -6.54 19.23 15.35
N ASP A 252 -5.65 18.58 14.60
CA ASP A 252 -4.31 19.12 14.37
C ASP A 252 -4.31 20.53 13.78
N THR A 253 -5.27 20.80 12.90
CA THR A 253 -5.43 22.14 12.34
C THR A 253 -5.58 23.17 13.45
N THR A 254 -6.60 22.98 14.30
CA THR A 254 -6.88 23.94 15.37
C THR A 254 -5.74 24.03 16.36
N VAL A 255 -5.12 22.89 16.67
CA VAL A 255 -3.91 22.91 17.48
C VAL A 255 -2.89 23.87 16.88
N ASN A 256 -2.64 23.78 15.57
CA ASN A 256 -1.67 24.66 14.96
C ASN A 256 -2.16 26.10 14.85
N GLY A 257 -3.47 26.28 14.70
CA GLY A 257 -4.05 27.60 14.68
C GLY A 257 -3.82 28.29 16.01
N ILE A 258 -4.13 27.59 17.09
CA ILE A 258 -3.99 28.16 18.42
C ILE A 258 -2.50 28.39 18.74
N GLY A 259 -1.66 27.43 18.36
CA GLY A 259 -0.24 27.58 18.60
C GLY A 259 0.27 28.82 17.88
N ALA A 260 -0.20 29.00 16.65
CA ALA A 260 0.19 30.13 15.84
C ALA A 260 -0.22 31.45 16.51
N ALA A 261 -1.46 31.51 17.03
CA ALA A 261 -1.95 32.72 17.68
C ALA A 261 -1.11 33.09 18.89
N VAL A 262 -0.77 32.10 19.70
CA VAL A 262 0.04 32.34 20.90
C VAL A 262 1.44 32.77 20.52
N TYR A 263 1.97 32.17 19.46
CA TYR A 263 3.26 32.57 18.96
C TYR A 263 3.26 34.04 18.51
N CYS A 264 2.22 34.43 17.78
CA CYS A 264 2.12 35.80 17.31
C CYS A 264 2.03 36.77 18.49
N LEU A 265 1.15 36.49 19.44
CA LEU A 265 1.01 37.39 20.59
C LEU A 265 2.30 37.49 21.39
N ALA A 266 3.10 36.42 21.37
CA ALA A 266 4.38 36.45 22.06
C ALA A 266 5.39 37.32 21.32
N ARG A 267 5.41 37.21 19.99
CA ARG A 267 6.37 37.95 19.17
C ARG A 267 5.97 39.40 18.89
N PHE A 268 4.68 39.69 19.05
CA PHE A 268 4.16 41.02 18.83
C PHE A 268 3.51 41.55 20.12
N PRO A 269 4.33 41.84 21.14
CA PRO A 269 3.81 42.21 22.48
C PRO A 269 2.79 43.35 22.42
N GLY A 270 3.06 44.36 21.58
CA GLY A 270 2.12 45.43 21.34
C GLY A 270 0.72 44.96 20.96
N GLU A 271 0.64 43.96 20.10
CA GLU A 271 -0.66 43.44 19.69
C GLU A 271 -1.38 42.73 20.82
N LEU A 272 -0.61 42.11 21.72
CA LEU A 272 -1.20 41.50 22.90
C LEU A 272 -1.86 42.57 23.79
N GLN A 273 -1.18 43.70 23.96
CA GLN A 273 -1.71 44.77 24.81
C GLN A 273 -2.96 45.40 24.22
N ARG A 274 -3.02 45.50 22.89
CA ARG A 274 -4.26 45.94 22.26
C ARG A 274 -5.38 44.95 22.52
N LEU A 275 -5.03 43.67 22.59
CA LEU A 275 -6.03 42.63 22.81
C LEU A 275 -6.57 42.69 24.24
N ARG A 276 -5.66 42.93 25.19
CA ARG A 276 -6.08 43.12 26.57
C ARG A 276 -7.01 44.33 26.68
N SER A 277 -6.66 45.43 26.02
CA SER A 277 -7.47 46.65 26.06
C SER A 277 -8.86 46.45 25.46
N ASP A 278 -8.95 45.62 24.42
CA ASP A 278 -10.25 45.27 23.84
C ASP A 278 -10.33 43.77 23.50
N PRO A 279 -10.79 42.97 24.47
CA PRO A 279 -10.86 41.51 24.28
C PRO A 279 -11.90 41.08 23.25
N THR A 280 -12.79 41.97 22.81
CA THR A 280 -13.71 41.62 21.73
C THR A 280 -12.94 41.42 20.42
N LEU A 281 -11.67 41.84 20.42
CA LEU A 281 -10.77 41.59 19.28
C LEU A 281 -10.32 40.11 19.20
N ALA A 282 -10.75 39.30 20.17
CA ALA A 282 -10.32 37.90 20.29
C ALA A 282 -10.54 37.08 19.01
N ARG A 283 -11.76 37.08 18.50
CA ARG A 283 -12.07 36.33 17.29
C ARG A 283 -11.22 36.78 16.09
N ASN A 284 -10.97 38.09 15.98
CA ASN A 284 -10.21 38.59 14.86
C ASN A 284 -8.72 38.40 15.04
N ALA A 285 -8.26 38.43 16.29
CA ALA A 285 -6.88 38.10 16.59
C ALA A 285 -6.59 36.67 16.10
N PHE A 286 -7.56 35.79 16.31
CA PHE A 286 -7.42 34.41 15.88
C PHE A 286 -7.44 34.26 14.36
N GLU A 287 -8.37 34.94 13.71
CA GLU A 287 -8.46 34.90 12.25
C GLU A 287 -7.14 35.42 11.67
N GLU A 288 -6.62 36.49 12.25
CA GLU A 288 -5.36 37.07 11.78
C GLU A 288 -4.18 36.11 11.95
N ALA A 289 -4.21 35.30 13.01
CA ALA A 289 -3.19 34.27 13.20
C ALA A 289 -3.29 33.22 12.10
N VAL A 290 -4.51 32.87 11.72
CA VAL A 290 -4.71 31.91 10.65
C VAL A 290 -4.18 32.44 9.32
N ARG A 291 -4.43 33.72 9.03
CA ARG A 291 -3.83 34.34 7.85
C ARG A 291 -2.31 34.32 7.93
N PHE A 292 -1.79 34.77 9.08
CA PHE A 292 -0.35 34.98 9.27
C PHE A 292 0.48 33.71 9.17
N GLU A 293 0.03 32.62 9.79
CA GLU A 293 0.80 31.37 9.78
C GLU A 293 0.23 30.33 8.83
N SER A 294 -1.09 30.31 8.68
CA SER A 294 -1.76 29.38 7.78
C SER A 294 -1.44 27.94 8.09
N PRO A 295 -2.03 27.41 9.18
CA PRO A 295 -1.81 26.02 9.60
C PRO A 295 -1.86 25.06 8.43
N VAL A 296 -2.76 25.27 7.47
CA VAL A 296 -2.74 24.46 6.25
C VAL A 296 -2.05 25.25 5.13
N GLN A 297 -0.88 24.78 4.72
CA GLN A 297 0.00 25.55 3.84
C GLN A 297 -0.33 25.39 2.35
N THR A 298 -0.68 24.18 1.95
CA THR A 298 -0.81 23.85 0.55
C THR A 298 -1.90 22.81 0.31
N PHE A 299 -2.57 22.92 -0.83
CA PHE A 299 -3.48 21.90 -1.33
C PHE A 299 -3.34 21.87 -2.85
N PHE A 300 -3.68 20.74 -3.47
CA PHE A 300 -3.67 20.62 -4.94
C PHE A 300 -5.08 20.62 -5.56
N ARG A 301 -5.13 20.91 -6.85
CA ARG A 301 -6.30 20.67 -7.67
C ARG A 301 -5.82 20.00 -8.95
N THR A 302 -6.75 19.48 -9.74
CA THR A 302 -6.39 18.87 -11.01
C THR A 302 -7.29 19.44 -12.11
N THR A 303 -6.70 19.88 -13.22
CA THR A 303 -7.45 20.47 -14.30
C THR A 303 -8.31 19.44 -15.00
N THR A 304 -9.49 19.86 -15.42
CA THR A 304 -10.43 18.98 -16.11
C THR A 304 -10.55 19.40 -17.57
N ARG A 305 -9.82 20.43 -17.93
CA ARG A 305 -9.80 20.91 -19.30
C ARG A 305 -8.60 21.82 -19.48
N GLU A 306 -8.26 22.05 -20.74
CA GLU A 306 -7.29 23.07 -21.10
C GLU A 306 -7.76 24.36 -20.46
N VAL A 307 -6.85 25.08 -19.80
CA VAL A 307 -7.25 26.29 -19.10
C VAL A 307 -6.13 27.29 -19.04
N GLU A 308 -6.48 28.55 -19.24
CA GLU A 308 -5.54 29.64 -19.17
C GLU A 308 -5.46 30.19 -17.74
N LEU A 309 -4.27 30.13 -17.16
CA LEU A 309 -4.06 30.49 -15.77
C LEU A 309 -2.77 31.30 -15.71
N GLY A 310 -2.84 32.50 -15.16
CA GLY A 310 -1.67 33.37 -15.14
C GLY A 310 -1.08 33.66 -16.51
N GLY A 311 -1.92 33.65 -17.55
CA GLY A 311 -1.45 33.94 -18.89
C GLY A 311 -0.82 32.77 -19.62
N ALA A 312 -0.77 31.61 -18.96
CA ALA A 312 -0.23 30.40 -19.58
C ALA A 312 -1.35 29.40 -19.78
N VAL A 313 -1.24 28.58 -20.81
CA VAL A 313 -2.27 27.57 -21.03
C VAL A 313 -1.82 26.25 -20.43
N ILE A 314 -2.58 25.76 -19.44
CA ILE A 314 -2.31 24.47 -18.80
C ILE A 314 -3.24 23.39 -19.36
N GLY A 315 -2.67 22.24 -19.70
CA GLY A 315 -3.45 21.17 -20.30
C GLY A 315 -4.30 20.43 -19.30
N GLU A 316 -5.28 19.71 -19.81
CA GLU A 316 -6.18 18.92 -19.00
C GLU A 316 -5.41 17.82 -18.26
N GLY A 317 -5.89 17.45 -17.08
CA GLY A 317 -5.30 16.36 -16.32
C GLY A 317 -4.06 16.73 -15.53
N GLU A 318 -3.82 18.03 -15.40
CA GLU A 318 -2.62 18.50 -14.71
C GLU A 318 -2.88 18.91 -13.26
N LYS A 319 -2.06 18.38 -12.38
CA LYS A 319 -2.01 18.82 -10.99
C LYS A 319 -1.55 20.26 -10.87
N VAL A 320 -2.20 21.00 -9.97
CA VAL A 320 -1.77 22.35 -9.70
C VAL A 320 -1.63 22.53 -8.21
N LEU A 321 -0.45 22.94 -7.77
CA LEU A 321 -0.20 23.16 -6.36
C LEU A 321 -0.54 24.59 -5.95
N MET A 322 -1.40 24.76 -4.95
CA MET A 322 -1.78 26.08 -4.43
C MET A 322 -1.06 26.36 -3.11
N PHE A 323 -0.37 27.49 -3.03
CA PHE A 323 0.31 27.89 -1.81
C PHE A 323 -0.60 28.85 -1.05
N LEU A 324 -1.42 28.29 -0.15
CA LEU A 324 -2.39 29.07 0.61
C LEU A 324 -1.65 30.04 1.52
N GLY A 325 -0.62 29.55 2.19
CA GLY A 325 0.09 30.37 3.14
C GLY A 325 0.79 31.54 2.46
N SER A 326 1.26 31.30 1.24
CA SER A 326 1.86 32.34 0.44
C SER A 326 0.81 33.35 -0.01
N ALA A 327 -0.31 32.88 -0.52
CA ALA A 327 -1.39 33.78 -0.94
C ALA A 327 -1.80 34.71 0.20
N ASN A 328 -1.67 34.23 1.42
CA ASN A 328 -2.11 34.98 2.59
C ASN A 328 -1.05 36.01 2.99
N ARG A 329 0.08 35.97 2.31
CA ARG A 329 1.14 36.94 2.56
C ARG A 329 1.56 37.68 1.32
N ASP A 330 0.68 37.69 0.33
CA ASP A 330 0.99 38.30 -0.96
C ASP A 330 0.81 39.82 -0.87
N PRO A 331 1.91 40.58 -1.04
CA PRO A 331 1.80 42.04 -0.93
C PRO A 331 0.82 42.63 -1.95
N ARG A 332 0.52 41.90 -3.02
CA ARG A 332 -0.44 42.36 -4.00
C ARG A 332 -1.86 42.44 -3.40
N ARG A 333 -2.07 41.79 -2.27
CA ARG A 333 -3.40 41.75 -1.66
C ARG A 333 -3.42 42.31 -0.23
N TRP A 334 -2.32 42.15 0.48
CA TRP A 334 -2.24 42.55 1.89
C TRP A 334 -1.20 43.65 2.09
N SER A 335 -1.57 44.71 2.79
CA SER A 335 -0.61 45.71 3.25
C SER A 335 0.19 45.16 4.41
N ASP A 336 1.51 45.29 4.34
CA ASP A 336 2.38 44.82 5.40
C ASP A 336 2.02 43.38 5.77
N PRO A 337 1.98 42.48 4.77
CA PRO A 337 1.57 41.09 4.94
C PRO A 337 2.34 40.38 6.05
N ASP A 338 3.62 40.73 6.22
CA ASP A 338 4.48 40.13 7.24
C ASP A 338 4.30 40.69 8.65
N LEU A 339 3.23 41.44 8.88
CA LEU A 339 2.97 41.95 10.22
C LEU A 339 1.68 41.35 10.78
N TYR A 340 1.74 40.93 12.04
CA TYR A 340 0.55 40.44 12.72
C TYR A 340 -0.24 41.64 13.24
N ASP A 341 -1.42 41.88 12.66
CA ASP A 341 -2.26 43.03 13.00
C ASP A 341 -3.68 42.61 13.33
N ILE A 342 -4.02 42.61 14.63
CA ILE A 342 -5.30 42.09 15.07
C ILE A 342 -6.52 42.93 14.68
N THR A 343 -6.31 44.09 14.05
CA THR A 343 -7.45 44.85 13.53
C THR A 343 -7.53 44.83 12.00
N ARG A 344 -6.66 44.07 11.36
CA ARG A 344 -6.69 43.90 9.91
C ARG A 344 -8.06 43.41 9.43
N LYS A 345 -8.48 43.86 8.25
CA LYS A 345 -9.62 43.24 7.59
C LYS A 345 -9.16 41.88 7.07
N THR A 346 -9.47 40.81 7.79
CA THR A 346 -8.96 39.48 7.45
C THR A 346 -9.85 38.79 6.43
N SER A 347 -10.99 39.40 6.18
CA SER A 347 -11.95 38.84 5.25
C SER A 347 -11.27 38.65 3.90
N GLY A 348 -11.39 37.46 3.33
CA GLY A 348 -10.74 37.19 2.05
C GLY A 348 -9.53 36.29 2.12
N HIS A 349 -8.96 36.10 3.31
CA HIS A 349 -7.80 35.22 3.45
C HIS A 349 -8.18 33.78 3.09
N VAL A 350 -7.21 32.99 2.65
CA VAL A 350 -7.50 31.64 2.19
C VAL A 350 -7.02 30.56 3.17
N GLY A 351 -6.86 30.93 4.43
CA GLY A 351 -6.46 29.98 5.45
C GLY A 351 -7.45 28.85 5.65
N PHE A 352 -8.74 29.14 5.46
CA PHE A 352 -9.78 28.11 5.51
C PHE A 352 -10.19 27.69 4.09
N GLY A 353 -9.37 28.02 3.09
CA GLY A 353 -9.79 27.83 1.72
C GLY A 353 -10.81 28.88 1.28
N SER A 354 -11.54 28.58 0.22
CA SER A 354 -12.52 29.52 -0.31
C SER A 354 -13.38 28.77 -1.31
N GLY A 355 -14.66 29.12 -1.41
CA GLY A 355 -15.55 28.46 -2.36
C GLY A 355 -16.27 27.23 -1.80
N VAL A 356 -16.60 26.27 -2.67
CA VAL A 356 -17.48 25.17 -2.26
C VAL A 356 -16.88 24.27 -1.20
N HIS A 357 -15.56 24.23 -1.12
CA HIS A 357 -14.87 23.37 -0.16
C HIS A 357 -14.38 24.14 1.06
N MET A 358 -14.62 25.44 1.11
CA MET A 358 -14.21 26.22 2.28
C MET A 358 -14.51 25.51 3.60
N CYS A 359 -13.56 25.56 4.52
CA CYS A 359 -13.54 24.70 5.70
C CYS A 359 -14.90 24.57 6.37
N VAL A 360 -15.47 23.36 6.33
CA VAL A 360 -16.78 23.15 6.93
C VAL A 360 -16.76 23.18 8.47
N GLY A 361 -15.58 23.09 9.05
CA GLY A 361 -15.43 23.16 10.50
C GLY A 361 -14.92 24.52 10.97
N GLN A 362 -15.01 25.55 10.13
CA GLN A 362 -14.46 26.86 10.51
C GLN A 362 -15.09 27.46 11.77
N LEU A 363 -16.38 27.22 11.99
CA LEU A 363 -17.03 27.75 13.19
C LEU A 363 -16.48 27.09 14.45
N VAL A 364 -16.23 25.79 14.39
CA VAL A 364 -15.61 25.09 15.49
C VAL A 364 -14.24 25.68 15.82
N ALA A 365 -13.41 25.84 14.79
CA ALA A 365 -12.07 26.41 14.95
C ALA A 365 -12.12 27.82 15.50
N ARG A 366 -12.95 28.68 14.91
CA ARG A 366 -13.06 30.05 15.40
C ARG A 366 -13.54 30.11 16.86
N LEU A 367 -14.41 29.17 17.25
CA LEU A 367 -14.92 29.12 18.63
C LEU A 367 -13.80 28.76 19.59
N GLU A 368 -13.03 27.72 19.25
CA GLU A 368 -11.92 27.33 20.09
C GLU A 368 -10.91 28.48 20.21
N GLY A 369 -10.54 29.07 19.08
CA GLY A 369 -9.56 30.13 19.09
C GLY A 369 -10.03 31.40 19.78
N GLU A 370 -11.28 31.77 19.51
CA GLU A 370 -11.83 32.96 20.13
C GLU A 370 -11.84 32.84 21.66
N VAL A 371 -12.48 31.80 22.18
CA VAL A 371 -12.64 31.68 23.63
C VAL A 371 -11.29 31.58 24.32
N MET A 372 -10.34 30.93 23.67
CA MET A 372 -8.98 30.79 24.24
C MET A 372 -8.19 32.09 24.24
N LEU A 373 -8.32 32.90 23.20
CA LEU A 373 -7.65 34.20 23.19
C LEU A 373 -8.39 35.19 24.08
N SER A 374 -9.69 34.98 24.25
CA SER A 374 -10.49 35.82 25.16
C SER A 374 -10.05 35.59 26.61
N ALA A 375 -9.81 34.34 26.96
CA ALA A 375 -9.29 33.97 28.28
C ALA A 375 -7.89 34.57 28.51
N LEU A 376 -7.04 34.49 27.49
CA LEU A 376 -5.70 35.05 27.59
C LEU A 376 -5.78 36.57 27.71
N ALA A 377 -6.62 37.17 26.88
CA ALA A 377 -6.82 38.62 26.87
C ALA A 377 -7.16 39.12 28.27
N ARG A 378 -8.03 38.39 28.95
CA ARG A 378 -8.51 38.78 30.27
C ARG A 378 -7.54 38.44 31.41
N LYS A 379 -6.78 37.37 31.27
CA LYS A 379 -6.06 36.83 32.42
C LYS A 379 -4.54 36.98 32.39
N VAL A 380 -4.01 37.37 31.23
CA VAL A 380 -2.56 37.40 31.05
C VAL A 380 -2.07 38.78 30.67
N ALA A 381 -0.95 39.18 31.25
CA ALA A 381 -0.41 40.51 31.04
C ALA A 381 0.71 40.48 30.03
N ALA A 382 1.45 39.37 30.02
CA ALA A 382 2.61 39.22 29.15
C ALA A 382 2.86 37.75 28.83
N ILE A 383 3.44 37.52 27.66
CA ILE A 383 3.78 36.18 27.19
C ILE A 383 5.19 36.26 26.61
N ASP A 384 6.15 35.66 27.30
CA ASP A 384 7.54 35.74 26.88
C ASP A 384 8.15 34.39 26.52
N ILE A 385 8.67 34.31 25.30
CA ILE A 385 9.37 33.11 24.86
C ILE A 385 10.64 32.96 25.67
N ASP A 386 10.80 31.82 26.33
CA ASP A 386 12.02 31.57 27.08
C ASP A 386 12.42 30.10 27.05
N GLY A 387 13.17 29.76 26.02
CA GLY A 387 13.61 28.41 25.78
C GLY A 387 13.73 28.18 24.29
N PRO A 388 14.27 27.01 23.91
CA PRO A 388 14.42 26.69 22.49
C PRO A 388 13.09 26.40 21.83
N VAL A 389 12.82 27.08 20.72
CA VAL A 389 11.60 26.84 19.97
C VAL A 389 11.86 25.71 19.01
N LYS A 390 10.95 24.75 18.95
CA LYS A 390 11.13 23.59 18.06
C LYS A 390 9.96 23.41 17.11
N ARG A 391 10.28 23.19 15.84
CA ARG A 391 9.28 23.09 14.80
C ARG A 391 8.90 21.63 14.54
N ARG A 392 7.62 21.43 14.22
CA ARG A 392 7.14 20.15 13.76
C ARG A 392 7.04 20.21 12.24
N PHE A 393 7.66 19.25 11.59
CA PHE A 393 7.64 19.16 10.14
C PHE A 393 6.50 18.26 9.63
N ASN A 394 5.77 18.77 8.66
CA ASN A 394 4.68 18.04 8.03
C ASN A 394 4.56 18.49 6.59
N ASN A 395 4.19 17.59 5.68
CA ASN A 395 4.10 18.00 4.28
C ASN A 395 3.08 19.09 4.01
N THR A 396 2.10 19.26 4.89
CA THR A 396 0.99 20.15 4.63
C THR A 396 0.71 21.11 5.78
N LEU A 397 0.96 20.64 7.00
CA LEU A 397 0.61 21.44 8.19
C LEU A 397 1.81 22.21 8.65
N ARG A 398 1.60 23.48 9.02
CA ARG A 398 2.67 24.28 9.59
C ARG A 398 2.38 24.53 11.06
N GLY A 399 3.34 24.22 11.91
CA GLY A 399 3.19 24.50 13.32
C GLY A 399 4.39 24.06 14.12
N LEU A 400 4.34 24.33 15.43
CA LEU A 400 5.48 24.12 16.30
C LEU A 400 5.29 22.89 17.15
N GLU A 401 6.40 22.21 17.42
CA GLU A 401 6.39 21.05 18.31
C GLU A 401 6.54 21.50 19.76
N SER A 402 7.38 22.51 19.99
CA SER A 402 7.57 23.05 21.33
C SER A 402 7.70 24.57 21.31
N LEU A 403 7.11 25.23 22.30
CA LEU A 403 7.20 26.69 22.43
C LEU A 403 7.18 27.06 23.91
N PRO A 404 8.36 27.02 24.54
CA PRO A 404 8.42 27.35 25.97
C PRO A 404 8.16 28.83 26.22
N VAL A 405 7.16 29.15 27.03
CA VAL A 405 6.86 30.55 27.37
C VAL A 405 6.67 30.74 28.88
N LYS A 406 6.96 31.95 29.36
CA LYS A 406 6.58 32.37 30.69
C LYS A 406 5.31 33.22 30.58
N LEU A 407 4.27 32.87 31.32
CA LEU A 407 3.04 33.66 31.35
C LEU A 407 3.03 34.53 32.61
N THR A 408 2.75 35.81 32.43
CA THR A 408 2.65 36.73 33.55
C THR A 408 1.19 37.11 33.76
N PRO A 409 0.66 36.85 34.96
CA PRO A 409 -0.78 37.05 35.21
C PRO A 409 -1.18 38.52 35.17
N ALA A 410 -2.39 38.78 34.67
CA ALA A 410 -2.96 40.11 34.69
C ALA A 410 -2.97 40.60 36.13
N THR B 18 45.46 -6.43 34.52
CA THR B 18 45.87 -5.54 33.42
C THR B 18 44.70 -5.19 32.50
N ILE B 19 44.02 -4.13 32.92
CA ILE B 19 42.71 -3.73 32.45
C ILE B 19 42.63 -3.41 30.95
N PRO B 20 41.83 -4.19 30.22
CA PRO B 20 41.74 -4.06 28.76
C PRO B 20 40.89 -2.89 28.34
N HIS B 21 41.31 -2.22 27.27
CA HIS B 21 40.60 -1.09 26.71
C HIS B 21 39.58 -1.56 25.70
N LEU B 22 38.49 -0.81 25.59
CA LEU B 22 37.47 -1.08 24.59
C LEU B 22 36.98 0.26 24.07
N ALA B 23 36.68 0.31 22.78
CA ALA B 23 36.24 1.55 22.14
C ALA B 23 34.71 1.61 22.09
N ILE B 24 34.07 0.60 22.67
CA ILE B 24 32.60 0.55 22.72
C ILE B 24 31.96 1.75 23.43
N ASP B 25 31.00 2.41 22.77
CA ASP B 25 30.23 3.48 23.39
C ASP B 25 28.88 2.95 23.77
N PRO B 26 28.68 2.70 25.08
CA PRO B 26 27.41 2.15 25.61
C PRO B 26 26.29 3.18 25.65
N PHE B 27 26.58 4.40 25.19
CA PHE B 27 25.57 5.45 25.13
C PHE B 27 25.38 5.97 23.70
N SER B 28 25.76 5.14 22.73
CA SER B 28 25.63 5.49 21.31
C SER B 28 24.43 4.76 20.73
N LEU B 29 23.86 5.32 19.67
CA LEU B 29 22.68 4.72 19.05
C LEU B 29 22.95 3.31 18.52
N ASP B 30 24.17 3.04 18.11
CA ASP B 30 24.46 1.73 17.55
C ASP B 30 24.41 0.62 18.60
N PHE B 31 24.91 0.95 19.79
CA PHE B 31 24.83 0.06 20.94
C PHE B 31 23.38 -0.15 21.39
N PHE B 32 22.61 0.93 21.55
CA PHE B 32 21.19 0.80 21.94
C PHE B 32 20.47 -0.14 20.97
N ASP B 33 20.80 0.00 19.69
CA ASP B 33 20.11 -0.73 18.65
C ASP B 33 20.40 -2.23 18.65
N ASP B 34 21.59 -2.60 19.12
CA ASP B 34 22.00 -4.00 19.13
C ASP B 34 23.05 -4.17 20.21
N PRO B 35 22.62 -4.19 21.48
CA PRO B 35 23.58 -4.11 22.60
C PRO B 35 24.26 -5.44 22.96
N TYR B 36 23.64 -6.55 22.58
CA TYR B 36 24.03 -7.84 23.11
C TYR B 36 25.44 -8.36 22.71
N PRO B 37 25.83 -8.19 21.44
CA PRO B 37 27.23 -8.51 21.07
C PRO B 37 28.23 -7.65 21.85
N ASP B 38 27.97 -6.35 21.96
CA ASP B 38 28.84 -5.47 22.75
C ASP B 38 28.86 -5.86 24.24
N GLN B 39 27.75 -6.33 24.79
CA GLN B 39 27.75 -6.77 26.18
C GLN B 39 28.55 -8.06 26.36
N GLN B 40 28.40 -8.99 25.44
CA GLN B 40 29.27 -10.16 25.43
C GLN B 40 30.76 -9.75 25.37
N THR B 41 31.07 -8.77 24.53
CA THR B 41 32.45 -8.29 24.48
C THR B 41 32.89 -7.69 25.82
N LEU B 42 32.06 -6.81 26.41
CA LEU B 42 32.38 -6.20 27.70
C LEU B 42 32.61 -7.22 28.80
N ARG B 43 31.79 -8.25 28.85
CA ARG B 43 31.97 -9.32 29.82
C ARG B 43 33.24 -10.13 29.54
N ASP B 44 33.45 -10.46 28.27
CA ASP B 44 34.52 -11.40 27.92
C ASP B 44 35.92 -10.81 28.05
N ALA B 45 36.02 -9.49 27.94
CA ALA B 45 37.32 -8.82 27.96
C ALA B 45 38.02 -8.93 29.32
N GLY B 46 37.25 -8.76 30.40
CA GLY B 46 37.80 -8.88 31.74
C GLY B 46 36.74 -8.59 32.77
N PRO B 47 37.03 -8.85 34.05
CA PRO B 47 36.04 -8.45 35.06
C PRO B 47 35.92 -6.92 35.16
N VAL B 48 37.02 -6.21 34.96
CA VAL B 48 36.99 -4.74 34.87
C VAL B 48 37.52 -4.30 33.50
N VAL B 49 36.82 -3.37 32.87
CA VAL B 49 37.26 -2.89 31.57
C VAL B 49 37.48 -1.39 31.64
N TYR B 50 38.24 -0.86 30.68
CA TYR B 50 38.44 0.57 30.59
C TYR B 50 37.73 1.06 29.34
N LEU B 51 36.77 1.94 29.52
CA LEU B 51 36.02 2.48 28.39
C LEU B 51 36.67 3.76 27.91
N ASP B 52 37.34 3.66 26.78
CA ASP B 52 38.11 4.77 26.22
C ASP B 52 37.24 5.96 25.87
N LYS B 53 36.01 5.69 25.43
CA LYS B 53 35.15 6.75 24.94
C LYS B 53 34.76 7.74 26.04
N TRP B 54 34.71 7.28 27.28
CA TRP B 54 34.32 8.17 28.38
C TRP B 54 35.31 8.14 29.56
N ASN B 55 36.50 7.58 29.35
CA ASN B 55 37.52 7.54 30.38
C ASN B 55 37.04 7.03 31.72
N VAL B 56 36.38 5.88 31.70
CA VAL B 56 35.82 5.34 32.94
C VAL B 56 35.89 3.81 32.99
N TYR B 57 36.05 3.26 34.19
CA TYR B 57 35.95 1.82 34.36
C TYR B 57 34.52 1.28 34.25
N GLY B 58 34.40 0.02 33.88
CA GLY B 58 33.10 -0.61 33.74
C GLY B 58 33.16 -2.06 34.14
N VAL B 59 32.05 -2.57 34.67
CA VAL B 59 31.95 -3.98 35.00
C VAL B 59 30.65 -4.50 34.44
N ALA B 60 30.73 -5.60 33.70
CA ALA B 60 29.58 -6.11 32.96
C ALA B 60 29.15 -7.49 33.42
N ARG B 61 29.90 -8.10 34.31
CA ARG B 61 29.59 -9.47 34.76
C ARG B 61 28.67 -9.49 35.99
N TYR B 62 27.83 -10.50 36.07
CA TYR B 62 26.98 -10.63 37.23
C TYR B 62 27.79 -10.55 38.53
N ALA B 63 28.91 -11.26 38.59
CA ALA B 63 29.68 -11.27 39.85
C ALA B 63 30.13 -9.86 40.30
N GLU B 64 30.73 -9.08 39.43
CA GLU B 64 31.18 -7.73 39.83
C GLU B 64 30.02 -6.79 40.10
N VAL B 65 29.01 -6.84 39.24
CA VAL B 65 27.88 -5.95 39.37
C VAL B 65 27.22 -6.19 40.73
N HIS B 66 27.00 -7.45 41.07
CA HIS B 66 26.30 -7.80 42.31
C HIS B 66 27.11 -7.37 43.54
N ALA B 67 28.42 -7.64 43.52
CA ALA B 67 29.27 -7.24 44.64
C ALA B 67 29.32 -5.73 44.82
N VAL B 68 29.45 -5.00 43.70
CA VAL B 68 29.44 -3.54 43.75
C VAL B 68 28.14 -3.03 44.39
N LEU B 69 26.99 -3.46 43.86
CA LEU B 69 25.71 -3.00 44.39
C LEU B 69 25.63 -3.19 45.90
N ASN B 70 26.22 -4.27 46.39
CA ASN B 70 26.07 -4.67 47.77
C ASN B 70 27.19 -4.20 48.69
N ASP B 71 27.95 -3.21 48.23
CA ASP B 71 28.99 -2.59 49.05
C ASP B 71 28.93 -1.07 48.90
N PRO B 72 27.89 -0.46 49.47
CA PRO B 72 27.63 0.98 49.38
C PRO B 72 28.68 1.82 50.09
N THR B 73 29.33 1.25 51.09
CA THR B 73 30.35 1.97 51.85
C THR B 73 31.50 2.28 50.91
N THR B 74 31.85 1.31 50.07
CA THR B 74 33.00 1.42 49.18
C THR B 74 32.59 2.04 47.84
N PHE B 75 31.42 1.64 47.34
CA PHE B 75 30.95 2.13 46.05
C PHE B 75 29.72 2.99 46.28
N CYS B 76 29.92 4.28 46.51
CA CYS B 76 28.85 5.12 46.99
C CYS B 76 27.95 5.66 45.89
N SER B 77 26.77 6.13 46.26
CA SER B 77 25.89 6.78 45.31
C SER B 77 25.85 8.30 45.50
N SER B 78 26.43 8.79 46.59
CA SER B 78 26.29 10.21 46.94
C SER B 78 27.14 11.14 46.07
N ARG B 79 28.06 10.57 45.30
CA ARG B 79 28.79 11.38 44.34
C ARG B 79 28.13 11.28 42.97
N GLY B 80 26.89 10.77 42.96
CA GLY B 80 26.10 10.66 41.76
C GLY B 80 26.05 9.25 41.20
N VAL B 81 24.90 8.85 40.67
CA VAL B 81 24.80 7.59 39.96
C VAL B 81 24.83 7.73 38.44
N GLY B 82 25.09 8.95 37.96
CA GLY B 82 25.39 9.17 36.55
C GLY B 82 26.89 9.35 36.36
N LEU B 83 27.34 9.66 35.14
CA LEU B 83 28.78 9.83 34.86
C LEU B 83 29.35 10.98 35.67
N SER B 84 28.57 12.06 35.78
CA SER B 84 28.96 13.25 36.54
C SER B 84 29.34 12.96 37.99
N ASP B 85 30.53 13.40 38.39
CA ASP B 85 30.98 13.28 39.77
C ASP B 85 30.61 14.54 40.55
N PHE B 86 29.67 14.42 41.48
CA PHE B 86 29.15 15.58 42.20
C PHE B 86 30.24 16.30 43.00
N LYS B 87 31.21 15.54 43.49
CA LYS B 87 32.32 16.14 44.21
C LYS B 87 33.14 17.08 43.32
N LYS B 88 32.83 17.11 42.02
CA LYS B 88 33.67 17.83 41.05
C LYS B 88 32.90 18.61 39.97
N GLU B 89 31.60 18.37 39.85
CA GLU B 89 30.77 19.07 38.86
C GLU B 89 29.44 19.47 39.51
N LYS B 90 28.83 20.54 38.99
CA LYS B 90 27.52 20.96 39.47
C LYS B 90 26.44 20.00 38.97
N PRO B 91 25.66 19.42 39.91
CA PRO B 91 24.54 18.56 39.48
C PRO B 91 23.62 19.34 38.54
N TRP B 92 22.91 18.64 37.67
CA TRP B 92 22.04 19.31 36.71
C TRP B 92 20.75 19.77 37.41
N ARG B 93 20.38 19.08 38.50
CA ARG B 93 19.28 19.49 39.37
C ARG B 93 19.66 19.11 40.81
N PRO B 94 18.88 19.58 41.80
CA PRO B 94 19.12 19.13 43.19
C PRO B 94 19.05 17.60 43.30
N PRO B 95 20.15 16.96 43.73
CA PRO B 95 20.28 15.49 43.85
C PRO B 95 19.09 14.82 44.55
N SER B 96 18.83 13.58 44.17
CA SER B 96 17.77 12.81 44.82
C SER B 96 18.13 12.60 46.30
N LEU B 97 17.16 12.89 47.17
CA LEU B 97 17.33 12.62 48.60
C LEU B 97 17.55 11.14 48.86
N ILE B 98 16.99 10.29 47.98
CA ILE B 98 17.08 8.86 48.17
C ILE B 98 18.09 8.16 47.24
N LEU B 99 18.00 8.41 45.93
CA LEU B 99 18.86 7.70 44.94
C LEU B 99 20.33 8.11 45.02
N GLU B 100 20.58 9.38 45.36
CA GLU B 100 21.94 9.87 45.41
C GLU B 100 22.43 10.18 46.82
N ALA B 101 22.09 9.29 47.75
CA ALA B 101 22.46 9.40 49.15
C ALA B 101 22.91 8.04 49.67
N ASP B 102 23.84 8.06 50.63
CA ASP B 102 24.34 6.83 51.22
C ASP B 102 23.80 6.68 52.62
N PRO B 103 23.80 5.45 53.15
CA PRO B 103 23.57 5.31 54.58
C PRO B 103 24.71 6.06 55.25
N PRO B 104 24.44 6.79 56.35
CA PRO B 104 23.18 6.85 57.10
C PRO B 104 22.07 7.77 56.54
N ALA B 105 22.43 8.84 55.83
CA ALA B 105 21.42 9.82 55.41
C ALA B 105 20.33 9.19 54.56
N HIS B 106 20.66 8.07 53.92
CA HIS B 106 19.73 7.41 53.03
C HIS B 106 18.56 6.79 53.78
N THR B 107 18.81 6.38 55.03
CA THR B 107 17.88 5.51 55.74
C THR B 107 16.48 6.12 55.91
N ARG B 108 16.42 7.38 56.31
CA ARG B 108 15.13 7.97 56.65
C ARG B 108 14.22 8.10 55.43
N PRO B 109 14.69 8.75 54.36
CA PRO B 109 13.84 8.85 53.16
C PRO B 109 13.48 7.50 52.54
N ARG B 110 14.40 6.55 52.66
CA ARG B 110 14.15 5.19 52.19
C ARG B 110 12.99 4.57 52.99
N ALA B 111 13.04 4.71 54.32
CA ALA B 111 11.98 4.16 55.17
C ALA B 111 10.61 4.77 54.83
N VAL B 112 10.57 6.07 54.61
CA VAL B 112 9.32 6.73 54.23
C VAL B 112 8.70 6.14 52.96
N LEU B 113 9.50 6.06 51.89
CA LEU B 113 8.99 5.51 50.63
C LEU B 113 8.69 4.02 50.77
N SER B 114 9.49 3.34 51.58
CA SER B 114 9.21 1.94 51.86
C SER B 114 7.81 1.77 52.50
N LYS B 115 7.48 2.63 53.47
CA LYS B 115 6.18 2.53 54.16
C LYS B 115 5.05 2.89 53.19
N VAL B 116 5.26 3.96 52.43
CA VAL B 116 4.24 4.41 51.49
C VAL B 116 3.96 3.40 50.38
N LEU B 117 4.95 2.59 50.03
CA LEU B 117 4.80 1.61 48.95
C LEU B 117 4.84 0.17 49.46
N SER B 118 4.38 0.00 50.69
CA SER B 118 4.45 -1.28 51.37
C SER B 118 3.51 -2.29 50.75
N PRO B 119 3.75 -3.58 51.04
CA PRO B 119 2.88 -4.69 50.62
C PRO B 119 1.42 -4.47 51.07
N ALA B 120 1.24 -3.94 52.26
CA ALA B 120 -0.11 -3.68 52.74
C ALA B 120 -0.78 -2.67 51.80
N THR B 121 -0.03 -1.63 51.44
CA THR B 121 -0.55 -0.62 50.54
C THR B 121 -0.98 -1.27 49.23
N MET B 122 -0.16 -2.16 48.71
CA MET B 122 -0.49 -2.85 47.46
C MET B 122 -1.82 -3.60 47.58
N LYS B 123 -2.07 -4.20 48.76
CA LYS B 123 -3.36 -4.87 49.00
C LYS B 123 -4.54 -3.93 48.80
N THR B 124 -4.40 -2.69 49.25
CA THR B 124 -5.48 -1.71 49.12
C THR B 124 -5.77 -1.24 47.69
N ILE B 125 -4.81 -1.36 46.78
CA ILE B 125 -5.02 -0.83 45.43
C ILE B 125 -5.10 -1.94 44.39
N ARG B 126 -4.73 -3.15 44.81
CA ARG B 126 -4.56 -4.27 43.91
C ARG B 126 -5.79 -4.59 43.05
N ASP B 127 -6.98 -4.36 43.60
CA ASP B 127 -8.23 -4.71 42.91
C ASP B 127 -8.54 -3.74 41.76
N GLY B 128 -8.38 -2.45 42.02
CA GLY B 128 -8.51 -1.46 40.98
C GLY B 128 -7.53 -1.67 39.83
N PHE B 129 -6.26 -1.90 40.17
CA PHE B 129 -5.27 -2.10 39.13
C PHE B 129 -5.68 -3.27 38.23
N ALA B 130 -6.03 -4.38 38.85
CA ALA B 130 -6.41 -5.58 38.10
C ALA B 130 -7.65 -5.33 37.24
N ALA B 131 -8.61 -4.57 37.77
CA ALA B 131 -9.83 -4.26 37.02
C ALA B 131 -9.50 -3.40 35.82
N ALA B 132 -8.80 -2.30 36.07
CA ALA B 132 -8.28 -1.47 34.98
C ALA B 132 -7.53 -2.28 33.91
N ALA B 133 -6.70 -3.22 34.35
CA ALA B 133 -5.93 -4.03 33.38
C ALA B 133 -6.83 -4.94 32.55
N ASP B 134 -7.82 -5.57 33.21
CA ASP B 134 -8.82 -6.40 32.52
C ASP B 134 -9.60 -5.57 31.50
N ALA B 135 -10.12 -4.42 31.95
CA ALA B 135 -10.88 -3.53 31.08
C ALA B 135 -10.05 -3.11 29.88
N LYS B 136 -8.77 -2.81 30.09
CA LYS B 136 -7.89 -2.41 28.98
C LYS B 136 -7.73 -3.49 27.92
N VAL B 137 -7.50 -4.73 28.34
CA VAL B 137 -7.34 -5.80 27.37
C VAL B 137 -8.61 -6.05 26.58
N ASP B 138 -9.75 -6.07 27.26
CA ASP B 138 -11.05 -6.09 26.59
C ASP B 138 -11.15 -4.98 25.53
N GLU B 139 -10.83 -3.75 25.90
CA GLU B 139 -10.84 -2.63 24.97
C GLU B 139 -9.96 -2.87 23.72
N LEU B 140 -8.73 -3.32 23.92
CA LEU B 140 -7.82 -3.55 22.79
C LEU B 140 -8.31 -4.67 21.87
N LEU B 141 -8.98 -5.67 22.44
CA LEU B 141 -9.49 -6.80 21.65
C LEU B 141 -10.57 -6.39 20.67
N GLN B 142 -11.29 -5.33 21.01
CA GLN B 142 -12.30 -4.76 20.12
C GLN B 142 -11.69 -4.21 18.83
N ARG B 143 -10.42 -3.86 18.90
CA ARG B 143 -9.71 -3.22 17.80
C ARG B 143 -8.86 -4.26 17.09
N GLY B 144 -8.19 -5.08 17.89
CA GLY B 144 -7.32 -6.11 17.33
C GLY B 144 -5.96 -5.57 16.97
N CYS B 145 -5.91 -4.68 15.98
CA CYS B 145 -4.66 -4.07 15.55
C CYS B 145 -4.30 -2.86 16.43
N ILE B 146 -3.30 -3.02 17.29
CA ILE B 146 -2.96 -2.00 18.27
C ILE B 146 -1.45 -1.80 18.37
N ASP B 147 -1.04 -0.69 18.97
CA ASP B 147 0.36 -0.47 19.27
C ASP B 147 0.58 -0.90 20.70
N ALA B 148 1.29 -2.01 20.87
CA ALA B 148 1.49 -2.55 22.22
C ALA B 148 2.24 -1.58 23.15
N ILE B 149 2.86 -0.53 22.61
CA ILE B 149 3.41 0.51 23.46
C ILE B 149 2.36 1.59 23.81
N ALA B 150 2.01 2.44 22.86
CA ALA B 150 1.06 3.52 23.11
C ALA B 150 -0.24 3.03 23.74
N ASP B 151 -0.78 1.93 23.19
CA ASP B 151 -2.10 1.44 23.60
C ASP B 151 -2.11 0.55 24.85
N LEU B 152 -0.94 0.06 25.27
CA LEU B 152 -0.87 -0.89 26.37
C LEU B 152 0.24 -0.57 27.38
N ALA B 153 1.49 -0.68 26.95
CA ALA B 153 2.63 -0.38 27.80
C ALA B 153 2.63 1.05 28.36
N GLU B 154 2.22 2.01 27.54
CA GLU B 154 2.09 3.39 28.03
C GLU B 154 0.70 3.61 28.62
N ALA B 155 -0.34 3.25 27.87
CA ALA B 155 -1.71 3.49 28.31
C ALA B 155 -1.99 2.97 29.72
N TYR B 156 -1.74 1.67 29.94
CA TYR B 156 -2.09 1.08 31.23
C TYR B 156 -1.48 1.81 32.45
N PRO B 157 -0.15 1.95 32.49
CA PRO B 157 0.43 2.61 33.68
C PRO B 157 -0.01 4.07 33.77
N LEU B 158 -0.30 4.69 32.63
CA LEU B 158 -0.77 6.07 32.65
C LEU B 158 -2.17 6.14 33.28
N SER B 159 -2.96 5.09 33.11
CA SER B 159 -4.32 5.08 33.61
C SER B 159 -4.43 4.70 35.09
N VAL B 160 -3.35 4.21 35.69
CA VAL B 160 -3.43 3.76 37.09
C VAL B 160 -2.40 4.42 37.99
N PHE B 161 -1.19 4.59 37.49
CA PHE B 161 -0.13 5.14 38.32
C PHE B 161 -0.34 6.62 38.75
N PRO B 162 -0.63 7.52 37.81
CA PRO B 162 -0.80 8.90 38.25
C PRO B 162 -2.00 9.05 39.20
N ASP B 163 -3.08 8.29 38.95
CA ASP B 163 -4.22 8.31 39.87
C ASP B 163 -3.78 7.82 41.24
N ALA B 164 -3.09 6.67 41.26
CA ALA B 164 -2.57 6.13 42.51
C ALA B 164 -1.66 7.12 43.22
N MET B 165 -0.98 7.98 42.44
CA MET B 165 -0.16 9.04 43.02
C MET B 165 -1.03 10.14 43.59
N GLY B 166 -2.24 10.29 43.05
CA GLY B 166 -3.12 11.39 43.41
C GLY B 166 -2.87 12.64 42.61
N LEU B 167 -2.34 12.48 41.40
CA LEU B 167 -2.08 13.61 40.51
C LEU B 167 -3.37 14.18 39.93
N LYS B 168 -3.39 15.49 39.65
CA LYS B 168 -4.48 16.07 38.86
C LYS B 168 -4.42 15.59 37.41
N GLN B 169 -5.50 15.79 36.66
CA GLN B 169 -5.58 15.39 35.26
C GLN B 169 -4.70 16.23 34.32
N GLU B 170 -4.74 17.55 34.51
CA GLU B 170 -4.04 18.49 33.65
C GLU B 170 -2.52 18.35 33.74
N GLY B 171 -1.85 18.45 32.59
CA GLY B 171 -0.40 18.45 32.53
C GLY B 171 0.28 17.08 32.47
N ARG B 172 -0.51 16.01 32.58
CA ARG B 172 0.06 14.66 32.67
C ARG B 172 0.94 14.27 31.47
N GLU B 173 0.77 14.96 30.34
CA GLU B 173 1.58 14.67 29.16
C GLU B 173 3.08 14.92 29.40
N HIS B 174 3.42 15.59 30.49
CA HIS B 174 4.80 15.86 30.83
C HIS B 174 5.51 14.69 31.51
N LEU B 175 4.76 13.70 31.97
CA LEU B 175 5.31 12.65 32.83
C LEU B 175 6.34 11.76 32.15
N LEU B 176 5.97 11.22 30.99
CA LEU B 176 6.87 10.40 30.19
C LEU B 176 8.15 11.17 29.81
N PRO B 177 7.98 12.32 29.14
CA PRO B 177 9.22 13.00 28.75
C PRO B 177 10.01 13.48 29.96
N TYR B 178 9.34 13.82 31.05
CA TYR B 178 10.06 14.20 32.27
C TYR B 178 10.99 13.10 32.78
N ALA B 179 10.49 11.87 32.81
CA ALA B 179 11.32 10.73 33.20
C ALA B 179 12.36 10.45 32.13
N GLY B 180 11.98 10.62 30.86
CA GLY B 180 12.92 10.50 29.77
C GLY B 180 14.13 11.38 30.05
N LEU B 181 13.88 12.64 30.34
CA LEU B 181 14.93 13.59 30.70
C LEU B 181 15.78 13.08 31.86
N VAL B 182 15.12 12.59 32.90
CA VAL B 182 15.80 12.19 34.13
C VAL B 182 16.82 11.09 33.85
N PHE B 183 16.41 10.08 33.10
CA PHE B 183 17.28 8.97 32.77
C PHE B 183 18.36 9.30 31.71
N ASN B 184 18.04 10.15 30.74
CA ASN B 184 19.10 10.63 29.84
C ASN B 184 20.20 11.31 30.61
N ALA B 185 19.83 12.03 31.68
CA ALA B 185 20.78 12.85 32.43
C ALA B 185 21.82 12.06 33.23
N PHE B 186 21.58 10.78 33.50
CA PHE B 186 22.58 9.93 34.16
C PHE B 186 23.73 9.67 33.18
N GLY B 187 23.44 9.88 31.90
CA GLY B 187 24.39 9.56 30.86
C GLY B 187 25.53 10.53 30.71
N PRO B 188 26.38 10.26 29.72
CA PRO B 188 27.52 11.11 29.34
C PRO B 188 26.95 12.36 28.73
N PRO B 189 27.77 13.41 28.61
CA PRO B 189 27.26 14.63 27.95
C PRO B 189 27.23 14.43 26.44
N ASN B 190 26.30 13.63 25.95
CA ASN B 190 26.11 13.45 24.52
C ASN B 190 24.87 14.22 24.10
N GLU B 191 24.52 14.13 22.83
CA GLU B 191 23.38 14.84 22.28
C GLU B 191 22.08 14.52 23.04
N LEU B 192 21.84 13.25 23.33
CA LEU B 192 20.63 12.84 24.03
C LEU B 192 20.46 13.59 25.35
N ARG B 193 21.55 13.66 26.10
CA ARG B 193 21.53 14.32 27.40
C ARG B 193 21.37 15.84 27.28
N GLN B 194 22.22 16.47 26.48
CA GLN B 194 22.25 17.93 26.41
C GLN B 194 20.95 18.52 25.85
N THR B 195 20.44 17.93 24.78
CA THR B 195 19.14 18.30 24.23
C THR B 195 18.04 18.18 25.28
N ALA B 196 18.07 17.10 26.05
CA ALA B 196 17.03 16.86 27.07
C ALA B 196 17.07 17.93 28.16
N ILE B 197 18.26 18.22 28.67
CA ILE B 197 18.42 19.21 29.73
C ILE B 197 17.98 20.59 29.23
N GLU B 198 18.33 20.86 27.98
CA GLU B 198 18.06 22.12 27.30
C GLU B 198 16.56 22.40 27.13
N ARG B 199 15.76 21.35 26.90
CA ARG B 199 14.31 21.50 26.71
C ARG B 199 13.52 21.17 27.99
N SER B 200 14.19 21.16 29.14
CA SER B 200 13.60 20.56 30.35
C SER B 200 12.64 21.44 31.17
N ALA B 201 12.80 22.75 31.10
CA ALA B 201 12.12 23.67 32.02
C ALA B 201 10.61 23.44 32.16
N PRO B 202 9.87 23.45 31.04
CA PRO B 202 8.43 23.18 31.16
C PRO B 202 8.10 21.83 31.78
N HIS B 203 8.99 20.85 31.69
CA HIS B 203 8.73 19.56 32.33
C HIS B 203 8.96 19.68 33.83
N GLN B 204 10.01 20.39 34.20
CA GLN B 204 10.33 20.53 35.60
C GLN B 204 9.30 21.38 36.33
N ALA B 205 8.86 22.46 35.70
CA ALA B 205 7.87 23.32 36.32
C ALA B 205 6.59 22.53 36.55
N TYR B 206 6.21 21.68 35.60
CA TYR B 206 5.02 20.86 35.80
C TYR B 206 5.17 19.88 36.97
N VAL B 207 6.28 19.15 37.00
CA VAL B 207 6.52 18.20 38.08
C VAL B 207 6.59 18.96 39.40
N ASN B 208 7.24 20.10 39.38
CA ASN B 208 7.43 20.85 40.60
C ASN B 208 6.13 21.32 41.26
N GLU B 209 5.21 21.81 40.44
CA GLU B 209 3.90 22.19 40.92
C GLU B 209 3.16 20.96 41.48
N GLN B 210 3.18 19.85 40.77
CA GLN B 210 2.39 18.68 41.15
C GLN B 210 2.93 18.00 42.41
N CYS B 211 4.15 18.34 42.81
CA CYS B 211 4.74 17.81 44.03
C CYS B 211 4.23 18.47 45.33
N GLN B 212 3.58 19.63 45.20
CA GLN B 212 3.17 20.42 46.37
C GLN B 212 1.92 19.84 47.02
N ARG B 213 1.88 19.89 48.35
CA ARG B 213 0.79 19.27 49.11
C ARG B 213 -0.60 19.62 48.60
N PRO B 214 -0.84 20.89 48.29
CA PRO B 214 -2.24 21.17 47.95
C PRO B 214 -2.70 20.43 46.68
N ASN B 215 -1.75 19.95 45.87
CA ASN B 215 -2.06 19.46 44.52
C ASN B 215 -2.19 17.95 44.44
N LEU B 216 -2.03 17.28 45.57
CA LEU B 216 -2.08 15.82 45.60
C LEU B 216 -3.33 15.31 46.35
N ALA B 217 -4.14 14.49 45.68
CA ALA B 217 -5.38 13.94 46.21
C ALA B 217 -5.19 13.11 47.50
N PRO B 218 -6.12 13.28 48.46
CA PRO B 218 -6.08 12.56 49.74
C PRO B 218 -6.01 11.06 49.51
N GLY B 219 -5.19 10.38 50.31
CA GLY B 219 -5.10 8.92 50.21
C GLY B 219 -4.20 8.37 49.12
N GLY B 220 -3.74 9.21 48.20
CA GLY B 220 -2.81 8.74 47.15
C GLY B 220 -1.38 8.73 47.64
N PHE B 221 -0.45 8.20 46.83
CA PHE B 221 0.97 8.19 47.22
C PHE B 221 1.54 9.54 47.63
N GLY B 222 1.21 10.59 46.89
CA GLY B 222 1.73 11.91 47.19
C GLY B 222 1.30 12.46 48.55
N ALA B 223 -0.02 12.44 48.79
CA ALA B 223 -0.57 12.88 50.08
C ALA B 223 0.02 12.04 51.23
N CYS B 224 0.06 10.72 51.03
CA CYS B 224 0.62 9.84 52.05
C CYS B 224 2.04 10.24 52.44
N ILE B 225 2.81 10.70 51.47
CA ILE B 225 4.18 11.14 51.72
C ILE B 225 4.21 12.43 52.50
N HIS B 226 3.36 13.37 52.11
CA HIS B 226 3.26 14.66 52.81
C HIS B 226 2.78 14.50 54.26
N ALA B 227 2.00 13.46 54.51
CA ALA B 227 1.55 13.18 55.87
C ALA B 227 2.76 13.05 56.80
N PHE B 228 3.90 12.62 56.25
CA PHE B 228 5.10 12.45 57.04
C PHE B 228 5.71 13.76 57.49
N THR B 229 5.31 14.89 56.91
CA THR B 229 5.83 16.16 57.40
C THR B 229 5.18 16.51 58.75
N ASP B 230 3.97 15.97 58.98
CA ASP B 230 3.18 16.29 60.18
C ASP B 230 3.79 15.73 61.46
N THR B 231 4.47 14.59 61.36
CA THR B 231 5.07 13.98 62.52
C THR B 231 6.53 14.35 62.65
N GLY B 232 7.05 15.09 61.68
CA GLY B 232 8.45 15.54 61.69
C GLY B 232 9.44 14.57 61.07
N GLU B 233 8.93 13.48 60.51
CA GLU B 233 9.80 12.50 59.89
C GLU B 233 10.55 13.11 58.69
N ILE B 234 9.86 13.88 57.85
CA ILE B 234 10.52 14.67 56.82
C ILE B 234 10.15 16.16 56.97
N THR B 235 11.05 17.06 56.57
CA THR B 235 10.74 18.49 56.56
C THR B 235 9.75 18.83 55.43
N PRO B 236 9.18 20.03 55.47
CA PRO B 236 8.30 20.44 54.36
C PRO B 236 9.03 20.58 53.02
N ASP B 237 10.33 20.86 53.04
CA ASP B 237 11.13 20.93 51.82
C ASP B 237 11.41 19.55 51.22
N GLU B 238 11.55 18.56 52.08
CA GLU B 238 11.89 17.21 51.65
C GLU B 238 10.71 16.53 50.99
N ALA B 239 9.50 16.90 51.40
CA ALA B 239 8.30 16.20 50.95
C ALA B 239 8.10 16.29 49.42
N PRO B 240 8.19 17.51 48.84
CA PRO B 240 8.07 17.60 47.38
C PRO B 240 9.16 16.78 46.65
N LEU B 241 10.41 16.84 47.11
CA LEU B 241 11.48 16.01 46.55
C LEU B 241 11.18 14.50 46.50
N LEU B 242 10.49 13.99 47.52
CA LEU B 242 10.20 12.56 47.57
C LEU B 242 9.05 12.22 46.65
N VAL B 243 8.11 13.15 46.49
CA VAL B 243 7.07 12.96 45.48
C VAL B 243 7.75 13.00 44.12
N ARG B 244 8.76 13.87 43.99
CA ARG B 244 9.54 13.98 42.76
C ARG B 244 10.23 12.66 42.43
N SER B 245 10.81 12.02 43.45
CA SER B 245 11.46 10.73 43.27
C SER B 245 10.56 9.75 42.56
N LEU B 246 9.31 9.68 43.00
CA LEU B 246 8.39 8.69 42.45
C LEU B 246 7.94 9.08 41.05
N LEU B 247 7.86 10.36 40.77
CA LEU B 247 7.46 10.83 39.44
C LEU B 247 8.63 10.73 38.41
N SER B 248 9.85 10.54 38.91
CA SER B 248 11.01 10.38 38.06
C SER B 248 11.12 8.92 37.67
N ALA B 249 10.99 8.06 38.68
CA ALA B 249 11.43 6.68 38.57
C ALA B 249 10.29 5.70 38.34
N GLY B 250 9.07 6.15 38.57
CA GLY B 250 7.94 5.25 38.72
C GLY B 250 7.11 4.93 37.49
N LEU B 251 7.29 5.68 36.41
CA LEU B 251 6.44 5.49 35.24
C LEU B 251 7.16 4.82 34.05
N ASP B 252 8.20 5.48 33.53
CA ASP B 252 8.85 5.03 32.31
C ASP B 252 9.45 3.64 32.45
N THR B 253 10.03 3.38 33.61
CA THR B 253 10.56 2.07 33.91
C THR B 253 9.47 1.02 33.67
N THR B 254 8.34 1.15 34.37
CA THR B 254 7.29 0.12 34.31
C THR B 254 6.68 0.01 32.92
N VAL B 255 6.53 1.16 32.25
CA VAL B 255 6.17 1.18 30.84
C VAL B 255 7.09 0.28 30.01
N ASN B 256 8.39 0.40 30.21
CA ASN B 256 9.34 -0.40 29.42
C ASN B 256 9.31 -1.88 29.85
N GLY B 257 9.09 -2.11 31.15
CA GLY B 257 8.90 -3.45 31.68
C GLY B 257 7.76 -4.18 31.02
N ILE B 258 6.60 -3.55 31.03
CA ILE B 258 5.40 -4.12 30.43
C ILE B 258 5.60 -4.33 28.93
N GLY B 259 6.12 -3.31 28.24
CA GLY B 259 6.43 -3.46 26.82
C GLY B 259 7.39 -4.60 26.53
N ALA B 260 8.41 -4.77 27.38
CA ALA B 260 9.32 -5.90 27.23
C ALA B 260 8.55 -7.21 27.32
N ALA B 261 7.68 -7.33 28.33
CA ALA B 261 6.91 -8.55 28.55
C ALA B 261 6.09 -8.89 27.33
N VAL B 262 5.36 -7.91 26.83
CA VAL B 262 4.52 -8.14 25.67
C VAL B 262 5.37 -8.53 24.47
N TYR B 263 6.48 -7.82 24.27
CA TYR B 263 7.39 -8.16 23.19
C TYR B 263 7.88 -9.60 23.29
N CYS B 264 8.22 -10.02 24.51
CA CYS B 264 8.73 -11.38 24.75
C CYS B 264 7.67 -12.42 24.45
N LEU B 265 6.46 -12.17 24.90
CA LEU B 265 5.33 -13.09 24.67
C LEU B 265 4.98 -13.20 23.20
N ALA B 266 5.24 -12.12 22.45
CA ALA B 266 5.05 -12.12 21.01
C ALA B 266 6.17 -12.88 20.29
N ARG B 267 7.41 -12.75 20.80
CA ARG B 267 8.55 -13.40 20.17
C ARG B 267 8.74 -14.85 20.62
N PHE B 268 8.25 -15.17 21.80
CA PHE B 268 8.32 -16.54 22.32
C PHE B 268 6.90 -17.08 22.52
N PRO B 269 6.21 -17.38 21.41
CA PRO B 269 4.79 -17.75 21.47
C PRO B 269 4.58 -19.02 22.31
N GLY B 270 5.58 -19.90 22.32
CA GLY B 270 5.53 -21.07 23.20
C GLY B 270 5.42 -20.68 24.66
N GLU B 271 6.00 -19.54 25.02
CA GLU B 271 5.92 -19.08 26.41
C GLU B 271 4.55 -18.47 26.72
N LEU B 272 3.92 -17.89 25.70
CA LEU B 272 2.58 -17.34 25.90
C LEU B 272 1.60 -18.48 26.18
N GLN B 273 1.76 -19.60 25.46
CA GLN B 273 0.88 -20.75 25.69
C GLN B 273 1.12 -21.34 27.07
N ARG B 274 2.38 -21.39 27.50
CA ARG B 274 2.64 -21.83 28.86
C ARG B 274 1.97 -20.92 29.88
N LEU B 275 1.94 -19.62 29.62
CA LEU B 275 1.28 -18.67 30.51
C LEU B 275 -0.24 -18.81 30.46
N ARG B 276 -0.77 -19.07 29.27
CA ARG B 276 -2.20 -19.31 29.11
C ARG B 276 -2.64 -20.56 29.89
N SER B 277 -1.90 -21.66 29.73
CA SER B 277 -2.23 -22.90 30.43
C SER B 277 -2.16 -22.72 31.93
N ASP B 278 -1.33 -21.79 32.39
CA ASP B 278 -1.18 -21.53 33.82
C ASP B 278 -0.96 -20.04 34.12
N PRO B 279 -2.05 -19.28 34.22
CA PRO B 279 -2.00 -17.84 34.45
C PRO B 279 -1.33 -17.39 35.76
N THR B 280 -1.11 -18.31 36.70
CA THR B 280 -0.43 -17.95 37.94
C THR B 280 1.06 -17.70 37.71
N LEU B 281 1.53 -18.04 36.51
CA LEU B 281 2.91 -17.74 36.13
C LEU B 281 3.11 -16.24 35.84
N ALA B 282 2.02 -15.47 35.81
CA ALA B 282 2.05 -14.06 35.40
C ALA B 282 3.11 -13.22 36.10
N ARG B 283 3.17 -13.30 37.42
CA ARG B 283 4.15 -12.51 38.15
C ARG B 283 5.56 -12.84 37.68
N ASN B 284 5.86 -14.13 37.57
CA ASN B 284 7.22 -14.53 37.25
C ASN B 284 7.55 -14.32 35.78
N ALA B 285 6.52 -14.26 34.92
CA ALA B 285 6.74 -13.94 33.52
C ALA B 285 7.08 -12.45 33.37
N PHE B 286 6.57 -11.63 34.29
CA PHE B 286 6.95 -10.24 34.33
C PHE B 286 8.38 -10.11 34.81
N GLU B 287 8.65 -10.71 35.95
CA GLU B 287 9.99 -10.72 36.51
C GLU B 287 11.01 -11.17 35.46
N GLU B 288 10.67 -12.20 34.68
CA GLU B 288 11.59 -12.74 33.68
C GLU B 288 11.78 -11.74 32.54
N ALA B 289 10.73 -10.98 32.22
CA ALA B 289 10.87 -9.91 31.24
C ALA B 289 11.78 -8.82 31.78
N VAL B 290 11.65 -8.48 33.06
CA VAL B 290 12.59 -7.50 33.64
C VAL B 290 14.06 -7.98 33.60
N ARG B 291 14.29 -9.27 33.79
CA ARG B 291 15.66 -9.77 33.69
C ARG B 291 16.13 -9.77 32.24
N PHE B 292 15.31 -10.32 31.35
CA PHE B 292 15.65 -10.52 29.96
C PHE B 292 15.90 -9.20 29.21
N GLU B 293 15.10 -8.19 29.52
CA GLU B 293 15.21 -6.90 28.84
C GLU B 293 15.84 -5.78 29.68
N SER B 294 15.66 -5.82 31.00
CA SER B 294 16.22 -4.80 31.90
C SER B 294 15.96 -3.34 31.59
N PRO B 295 14.71 -2.90 31.78
CA PRO B 295 14.40 -1.50 31.48
C PRO B 295 15.46 -0.49 31.89
N VAL B 296 16.09 -0.71 33.04
CA VAL B 296 17.18 0.16 33.47
C VAL B 296 18.51 -0.54 33.19
N GLN B 297 19.24 -0.05 32.19
CA GLN B 297 20.39 -0.74 31.67
C GLN B 297 21.69 -0.56 32.44
N THR B 298 21.90 0.65 32.94
CA THR B 298 23.18 1.01 33.52
C THR B 298 23.00 1.99 34.66
N PHE B 299 23.95 2.02 35.58
CA PHE B 299 24.02 3.01 36.66
C PHE B 299 25.49 3.08 37.04
N PHE B 300 25.90 4.16 37.69
CA PHE B 300 27.26 4.29 38.17
C PHE B 300 27.36 4.20 39.70
N ARG B 301 28.57 3.96 40.20
CA ARG B 301 28.94 4.23 41.58
C ARG B 301 30.28 4.96 41.57
N THR B 302 30.72 5.45 42.72
CA THR B 302 32.04 6.09 42.82
C THR B 302 32.78 5.48 44.02
N THR B 303 34.00 5.03 43.82
CA THR B 303 34.77 4.44 44.91
C THR B 303 35.05 5.50 45.97
N THR B 304 35.11 5.07 47.23
CA THR B 304 35.36 5.99 48.34
C THR B 304 36.70 5.69 48.98
N ARG B 305 37.36 4.67 48.45
CA ARG B 305 38.67 4.25 48.92
C ARG B 305 39.27 3.36 47.84
N GLU B 306 40.59 3.13 47.91
CA GLU B 306 41.22 2.18 47.01
C GLU B 306 40.60 0.83 47.25
N VAL B 307 40.34 0.07 46.19
CA VAL B 307 39.58 -1.15 46.37
C VAL B 307 39.89 -2.18 45.32
N GLU B 308 40.17 -3.39 45.75
CA GLU B 308 40.40 -4.49 44.82
C GLU B 308 39.08 -4.93 44.20
N LEU B 309 38.96 -4.76 42.90
CA LEU B 309 37.76 -5.13 42.19
C LEU B 309 38.20 -5.90 40.95
N GLY B 310 37.74 -7.15 40.84
CA GLY B 310 38.12 -7.98 39.71
C GLY B 310 39.61 -8.15 39.52
N GLY B 311 40.35 -8.30 40.63
CA GLY B 311 41.77 -8.50 40.57
C GLY B 311 42.61 -7.24 40.46
N ALA B 312 41.97 -6.09 40.22
CA ALA B 312 42.73 -4.85 40.09
C ALA B 312 42.43 -3.89 41.23
N VAL B 313 43.45 -3.17 41.69
CA VAL B 313 43.23 -2.14 42.68
C VAL B 313 42.84 -0.85 41.97
N ILE B 314 41.58 -0.44 42.18
CA ILE B 314 41.03 0.79 41.66
C ILE B 314 41.20 1.86 42.71
N GLY B 315 41.64 3.04 42.30
CA GLY B 315 41.89 4.15 43.22
C GLY B 315 40.64 4.81 43.79
N GLU B 316 40.82 5.58 44.86
CA GLU B 316 39.75 6.37 45.49
C GLU B 316 39.20 7.37 44.50
N GLY B 317 37.88 7.55 44.50
CA GLY B 317 37.25 8.60 43.72
C GLY B 317 36.98 8.24 42.28
N GLU B 318 36.93 6.95 41.98
CA GLU B 318 36.76 6.51 40.60
C GLU B 318 35.32 6.16 40.25
N LYS B 319 34.82 6.66 39.14
CA LYS B 319 33.52 6.22 38.65
C LYS B 319 33.62 4.78 38.15
N VAL B 320 32.59 4.00 38.42
CA VAL B 320 32.50 2.65 37.89
C VAL B 320 31.13 2.47 37.26
N LEU B 321 31.12 2.13 35.98
CA LEU B 321 29.88 1.92 35.27
C LEU B 321 29.43 0.48 35.44
N MET B 322 28.21 0.27 35.93
CA MET B 322 27.65 -1.07 36.05
C MET B 322 26.68 -1.38 34.91
N PHE B 323 26.81 -2.55 34.28
CA PHE B 323 25.88 -2.98 33.25
C PHE B 323 24.92 -4.01 33.82
N LEU B 324 23.73 -3.55 34.21
CA LEU B 324 22.75 -4.41 34.85
C LEU B 324 22.14 -5.39 33.85
N GLY B 325 21.85 -4.89 32.67
CA GLY B 325 21.30 -5.71 31.62
C GLY B 325 22.28 -6.81 31.26
N SER B 326 23.56 -6.46 31.22
CA SER B 326 24.60 -7.45 30.95
C SER B 326 24.69 -8.51 32.07
N ALA B 327 24.65 -8.06 33.32
CA ALA B 327 24.69 -8.97 34.47
C ALA B 327 23.54 -9.95 34.43
N ASN B 328 22.38 -9.47 34.01
CA ASN B 328 21.18 -10.31 33.92
C ASN B 328 21.27 -11.32 32.77
N ARG B 329 22.32 -11.21 31.95
CA ARG B 329 22.48 -12.15 30.84
C ARG B 329 23.84 -12.85 30.85
N ASP B 330 24.50 -12.81 32.00
CA ASP B 330 25.81 -13.41 32.16
C ASP B 330 25.71 -14.94 32.17
N PRO B 331 26.26 -15.60 31.14
CA PRO B 331 26.18 -17.07 31.09
C PRO B 331 26.91 -17.73 32.27
N ARG B 332 27.77 -16.98 32.96
CA ARG B 332 28.40 -17.48 34.18
CA ARG B 332 28.41 -17.53 34.15
C ARG B 332 27.38 -17.69 35.27
N ARG B 333 26.26 -16.99 35.15
CA ARG B 333 25.26 -17.01 36.20
C ARG B 333 23.91 -17.60 35.77
N TRP B 334 23.57 -17.42 34.50
CA TRP B 334 22.26 -17.84 33.98
C TRP B 334 22.40 -18.87 32.86
N SER B 335 21.67 -19.99 32.97
CA SER B 335 21.69 -20.97 31.88
C SER B 335 20.83 -20.49 30.71
N ASP B 336 21.37 -20.52 29.51
CA ASP B 336 20.65 -20.00 28.35
C ASP B 336 20.08 -18.60 28.61
N PRO B 337 20.94 -17.66 29.04
CA PRO B 337 20.52 -16.29 29.39
C PRO B 337 19.69 -15.59 28.32
N ASP B 338 19.85 -16.01 27.07
CA ASP B 338 19.23 -15.32 25.94
C ASP B 338 17.88 -15.92 25.56
N LEU B 339 17.36 -16.80 26.41
CA LEU B 339 16.01 -17.28 26.23
C LEU B 339 15.10 -16.69 27.27
N TYR B 340 13.92 -16.27 26.84
CA TYR B 340 12.86 -15.86 27.75
C TYR B 340 12.19 -17.12 28.30
N ASP B 341 12.25 -17.31 29.61
CA ASP B 341 11.75 -18.54 30.23
C ASP B 341 10.94 -18.21 31.48
N ILE B 342 9.63 -18.38 31.38
CA ILE B 342 8.73 -17.86 32.41
C ILE B 342 8.72 -18.67 33.69
N THR B 343 9.33 -19.86 33.68
CA THR B 343 9.44 -20.63 34.92
C THR B 343 10.86 -20.57 35.46
N ARG B 344 11.73 -19.84 34.76
CA ARG B 344 13.08 -19.61 35.25
C ARG B 344 13.05 -19.16 36.71
N LYS B 345 14.06 -19.57 37.47
CA LYS B 345 14.23 -19.05 38.82
C LYS B 345 14.98 -17.72 38.70
N THR B 346 14.22 -16.64 38.87
CA THR B 346 14.70 -15.30 38.55
C THR B 346 15.33 -14.63 39.75
N SER B 347 15.18 -15.25 40.91
CA SER B 347 15.74 -14.67 42.13
C SER B 347 17.21 -14.33 41.95
N GLY B 348 17.61 -13.13 42.37
CA GLY B 348 18.98 -12.71 42.22
C GLY B 348 19.33 -11.89 40.97
N HIS B 349 18.40 -11.74 40.02
CA HIS B 349 18.64 -10.83 38.90
C HIS B 349 18.77 -9.43 39.46
N VAL B 350 19.42 -8.54 38.73
CA VAL B 350 19.69 -7.21 39.25
C VAL B 350 18.89 -6.13 38.50
N GLY B 351 17.79 -6.53 37.87
CA GLY B 351 16.97 -5.58 37.12
C GLY B 351 16.35 -4.49 37.99
N PHE B 352 16.19 -4.77 39.28
CA PHE B 352 15.72 -3.76 40.23
C PHE B 352 16.86 -3.37 41.13
N GLY B 353 18.09 -3.67 40.70
CA GLY B 353 19.25 -3.45 41.55
C GLY B 353 19.32 -4.47 42.67
N SER B 354 20.06 -4.14 43.72
CA SER B 354 20.37 -5.10 44.76
C SER B 354 20.95 -4.37 45.95
N GLY B 355 20.52 -4.74 47.15
CA GLY B 355 21.06 -4.15 48.36
C GLY B 355 20.25 -2.96 48.87
N VAL B 356 20.92 -2.02 49.52
CA VAL B 356 20.22 -0.95 50.23
C VAL B 356 19.39 -0.04 49.31
N HIS B 357 19.82 0.11 48.06
CA HIS B 357 19.11 0.96 47.09
C HIS B 357 18.12 0.19 46.21
N MET B 358 18.01 -1.11 46.41
CA MET B 358 17.10 -1.91 45.59
C MET B 358 15.75 -1.25 45.41
N CYS B 359 15.27 -1.24 44.18
CA CYS B 359 14.04 -0.54 43.82
C CYS B 359 13.08 -0.54 44.99
N VAL B 360 12.68 0.66 45.41
CA VAL B 360 11.73 0.77 46.53
C VAL B 360 10.32 0.65 45.95
N GLY B 361 10.18 0.88 44.63
CA GLY B 361 8.91 0.79 43.94
C GLY B 361 8.61 -0.58 43.34
N GLN B 362 9.42 -1.57 43.68
CA GLN B 362 9.29 -2.87 43.04
C GLN B 362 7.91 -3.54 43.21
N LEU B 363 7.25 -3.29 44.33
CA LEU B 363 5.94 -3.90 44.53
C LEU B 363 4.90 -3.27 43.59
N VAL B 364 5.01 -1.97 43.37
CA VAL B 364 4.13 -1.30 42.42
C VAL B 364 4.34 -1.81 41.00
N ALA B 365 5.60 -1.93 40.62
CA ALA B 365 5.96 -2.44 39.31
C ALA B 365 5.48 -3.88 39.11
N ARG B 366 5.76 -4.77 40.07
CA ARG B 366 5.32 -6.16 39.94
C ARG B 366 3.79 -6.27 39.91
N LEU B 367 3.13 -5.42 40.70
CA LEU B 367 1.66 -5.36 40.70
C LEU B 367 1.11 -5.04 39.32
N GLU B 368 1.65 -4.01 38.67
CA GLU B 368 1.14 -3.64 37.36
C GLU B 368 1.43 -4.71 36.32
N GLY B 369 2.63 -5.29 36.40
CA GLY B 369 3.04 -6.29 35.43
C GLY B 369 2.24 -7.56 35.61
N GLU B 370 2.05 -7.97 36.86
CA GLU B 370 1.29 -9.16 37.15
C GLU B 370 -0.12 -9.07 36.57
N VAL B 371 -0.88 -8.06 36.98
CA VAL B 371 -2.28 -7.97 36.59
C VAL B 371 -2.45 -7.84 35.08
N MET B 372 -1.53 -7.15 34.43
CA MET B 372 -1.59 -7.03 32.98
C MET B 372 -1.32 -8.38 32.29
N LEU B 373 -0.25 -9.07 32.68
CA LEU B 373 0.04 -10.35 32.07
C LEU B 373 -1.06 -11.35 32.42
N SER B 374 -1.72 -11.12 33.55
CA SER B 374 -2.83 -11.95 33.95
C SER B 374 -3.99 -11.79 32.96
N ALA B 375 -4.34 -10.55 32.67
CA ALA B 375 -5.46 -10.25 31.78
C ALA B 375 -5.17 -10.75 30.36
N LEU B 376 -3.91 -10.73 29.98
CA LEU B 376 -3.51 -11.22 28.67
C LEU B 376 -3.57 -12.75 28.65
N ALA B 377 -3.13 -13.35 29.75
CA ALA B 377 -3.13 -14.80 29.93
C ALA B 377 -4.53 -15.37 29.79
N ARG B 378 -5.52 -14.64 30.28
CA ARG B 378 -6.89 -15.14 30.29
C ARG B 378 -7.70 -14.75 29.06
N LYS B 379 -7.31 -13.67 28.38
CA LYS B 379 -8.16 -13.10 27.34
C LYS B 379 -7.58 -13.21 25.93
N VAL B 380 -6.30 -13.53 25.84
CA VAL B 380 -5.60 -13.47 24.56
C VAL B 380 -5.04 -14.82 24.19
N ALA B 381 -5.14 -15.15 22.90
CA ALA B 381 -4.73 -16.46 22.41
C ALA B 381 -3.45 -16.33 21.64
N ALA B 382 -3.22 -15.17 21.05
CA ALA B 382 -2.02 -14.95 20.28
C ALA B 382 -1.64 -13.48 20.25
N ILE B 383 -0.34 -13.21 20.21
CA ILE B 383 0.15 -11.86 19.99
C ILE B 383 1.11 -11.94 18.83
N ASP B 384 0.75 -11.32 17.72
CA ASP B 384 1.58 -11.36 16.52
C ASP B 384 2.11 -9.96 16.17
N ILE B 385 3.43 -9.81 16.09
CA ILE B 385 4.00 -8.55 15.66
C ILE B 385 3.65 -8.36 14.19
N ASP B 386 3.06 -7.22 13.85
CA ASP B 386 2.52 -7.01 12.51
C ASP B 386 2.73 -5.57 12.06
N GLY B 387 3.98 -5.15 12.00
CA GLY B 387 4.32 -3.82 11.54
C GLY B 387 5.75 -3.51 11.93
N PRO B 388 6.26 -2.34 11.52
CA PRO B 388 7.63 -1.95 11.86
C PRO B 388 7.80 -1.68 13.36
N VAL B 389 8.82 -2.30 13.95
CA VAL B 389 9.08 -2.11 15.37
C VAL B 389 10.06 -0.97 15.51
N LYS B 390 9.73 0.03 16.31
CA LYS B 390 10.63 1.18 16.44
C LYS B 390 11.15 1.34 17.84
N ARG B 391 12.47 1.53 17.96
CA ARG B 391 13.10 1.62 19.27
C ARG B 391 13.14 3.03 19.86
N ARG B 392 13.16 3.09 21.18
CA ARG B 392 13.29 4.35 21.89
C ARG B 392 14.70 4.47 22.41
N PHE B 393 15.36 5.57 22.07
CA PHE B 393 16.71 5.77 22.55
C PHE B 393 16.76 6.65 23.79
N ASN B 394 17.51 6.19 24.79
CA ASN B 394 17.68 6.90 26.05
C ASN B 394 19.01 6.44 26.63
N ASN B 395 19.77 7.32 27.27
CA ASN B 395 21.07 6.91 27.78
C ASN B 395 21.01 5.75 28.76
N THR B 396 19.92 5.63 29.51
CA THR B 396 19.83 4.69 30.63
C THR B 396 18.69 3.70 30.47
N LEU B 397 17.60 4.11 29.85
CA LEU B 397 16.42 3.24 29.70
C LEU B 397 16.42 2.49 28.37
N ARG B 398 16.13 1.19 28.42
CA ARG B 398 15.94 0.40 27.21
C ARG B 398 14.45 0.07 27.03
N GLY B 399 13.90 0.43 25.88
CA GLY B 399 12.52 0.11 25.60
C GLY B 399 12.13 0.53 24.22
N LEU B 400 10.93 0.11 23.81
CA LEU B 400 10.43 0.40 22.47
C LEU B 400 9.55 1.64 22.46
N GLU B 401 9.47 2.27 21.29
CA GLU B 401 8.63 3.43 21.09
C GLU B 401 7.31 3.04 20.42
N SER B 402 7.37 2.00 19.58
CA SER B 402 6.21 1.51 18.88
C SER B 402 6.31 -0.01 18.71
N LEU B 403 5.21 -0.72 18.90
CA LEU B 403 5.19 -2.18 18.77
C LEU B 403 3.84 -2.66 18.21
N PRO B 404 3.67 -2.59 16.88
CA PRO B 404 2.38 -2.97 16.32
C PRO B 404 2.14 -4.46 16.42
N VAL B 405 1.04 -4.85 17.05
CA VAL B 405 0.69 -6.25 17.21
C VAL B 405 -0.78 -6.47 16.94
N LYS B 406 -1.10 -7.66 16.46
CA LYS B 406 -2.48 -8.10 16.32
C LYS B 406 -2.79 -9.04 17.49
N LEU B 407 -3.76 -8.69 18.31
CA LEU B 407 -4.19 -9.56 19.41
C LEU B 407 -5.34 -10.43 18.94
N THR B 408 -5.21 -11.73 19.17
CA THR B 408 -6.28 -12.68 18.86
C THR B 408 -6.90 -13.06 20.20
N PRO B 409 -8.21 -12.92 20.31
CA PRO B 409 -8.88 -13.21 21.58
C PRO B 409 -8.90 -14.70 21.90
N ALA B 410 -8.94 -15.04 23.19
CA ALA B 410 -9.02 -16.43 23.63
C ALA B 410 -10.35 -17.04 23.22
N THR C 18 -13.57 -51.81 -27.06
CA THR C 18 -13.24 -52.11 -25.66
C THR C 18 -12.58 -50.90 -24.99
N ILE C 19 -12.70 -50.82 -23.68
CA ILE C 19 -12.40 -49.59 -22.96
C ILE C 19 -10.92 -49.41 -22.62
N PRO C 20 -10.36 -48.27 -23.06
CA PRO C 20 -8.94 -48.00 -22.80
C PRO C 20 -8.70 -47.53 -21.37
N HIS C 21 -7.61 -48.03 -20.79
CA HIS C 21 -7.22 -47.64 -19.44
C HIS C 21 -6.24 -46.47 -19.45
N LEU C 22 -6.56 -45.45 -18.66
CA LEU C 22 -5.70 -44.30 -18.49
C LEU C 22 -5.30 -44.21 -17.03
N ALA C 23 -4.04 -43.86 -16.78
CA ALA C 23 -3.53 -43.83 -15.42
C ALA C 23 -3.68 -42.48 -14.75
N ILE C 24 -4.04 -41.45 -15.53
CA ILE C 24 -4.23 -40.09 -15.02
C ILE C 24 -5.10 -40.04 -13.76
N ASP C 25 -4.70 -39.18 -12.84
CA ASP C 25 -5.54 -38.84 -11.71
C ASP C 25 -6.12 -37.46 -11.98
N PRO C 26 -7.46 -37.38 -12.20
CA PRO C 26 -8.11 -36.12 -12.56
C PRO C 26 -8.34 -35.22 -11.36
N PHE C 27 -8.01 -35.74 -10.18
CA PHE C 27 -8.05 -34.92 -8.97
C PHE C 27 -6.65 -34.64 -8.42
N SER C 28 -5.63 -34.76 -9.27
CA SER C 28 -4.26 -34.41 -8.87
C SER C 28 -3.95 -32.93 -9.15
N LEU C 29 -3.14 -32.31 -8.31
CA LEU C 29 -2.86 -30.88 -8.45
C LEU C 29 -2.29 -30.55 -9.84
N ASP C 30 -1.38 -31.40 -10.33
CA ASP C 30 -0.84 -31.23 -11.68
C ASP C 30 -1.90 -31.25 -12.78
N PHE C 31 -2.97 -32.01 -12.56
CA PHE C 31 -4.08 -31.99 -13.50
C PHE C 31 -4.84 -30.67 -13.42
N PHE C 32 -5.16 -30.24 -12.21
CA PHE C 32 -5.83 -28.95 -12.01
C PHE C 32 -5.03 -27.82 -12.64
N ASP C 33 -3.72 -27.84 -12.43
CA ASP C 33 -2.88 -26.76 -12.93
C ASP C 33 -2.95 -26.60 -14.44
N ASP C 34 -3.00 -27.72 -15.18
CA ASP C 34 -3.16 -27.64 -16.62
C ASP C 34 -3.92 -28.85 -17.16
N PRO C 35 -5.26 -28.78 -17.12
CA PRO C 35 -6.13 -29.92 -17.41
C PRO C 35 -6.36 -30.20 -18.91
N TYR C 36 -6.22 -29.17 -19.73
CA TYR C 36 -6.60 -29.24 -21.16
C TYR C 36 -5.96 -30.31 -22.06
N PRO C 37 -4.66 -30.62 -21.85
CA PRO C 37 -4.11 -31.70 -22.68
C PRO C 37 -4.56 -33.09 -22.23
N ASP C 38 -4.71 -33.30 -20.93
CA ASP C 38 -5.27 -34.54 -20.44
C ASP C 38 -6.73 -34.69 -20.85
N GLN C 39 -7.45 -33.58 -20.92
CA GLN C 39 -8.84 -33.63 -21.35
C GLN C 39 -8.95 -33.95 -22.83
N GLN C 40 -7.97 -33.52 -23.60
CA GLN C 40 -7.95 -33.89 -25.01
C GLN C 40 -7.65 -35.39 -25.16
N THR C 41 -6.73 -35.89 -24.35
CA THR C 41 -6.42 -37.31 -24.30
C THR C 41 -7.65 -38.13 -23.94
N LEU C 42 -8.32 -37.71 -22.88
CA LEU C 42 -9.55 -38.36 -22.44
C LEU C 42 -10.57 -38.43 -23.57
N ARG C 43 -10.83 -37.31 -24.24
CA ARG C 43 -11.79 -37.32 -25.35
C ARG C 43 -11.35 -38.24 -26.47
N ASP C 44 -10.09 -38.12 -26.89
CA ASP C 44 -9.59 -38.86 -28.04
C ASP C 44 -9.47 -40.36 -27.79
N ALA C 45 -9.36 -40.76 -26.53
CA ALA C 45 -9.16 -42.18 -26.22
C ALA C 45 -10.38 -42.98 -26.66
N GLY C 46 -11.53 -42.34 -26.68
CA GLY C 46 -12.77 -43.01 -27.03
C GLY C 46 -13.93 -42.38 -26.30
N PRO C 47 -15.16 -42.80 -26.64
CA PRO C 47 -16.38 -42.34 -25.98
C PRO C 47 -16.39 -42.65 -24.48
N VAL C 48 -15.79 -43.76 -24.08
CA VAL C 48 -15.69 -44.10 -22.66
C VAL C 48 -14.27 -44.52 -22.32
N VAL C 49 -13.79 -44.13 -21.15
CA VAL C 49 -12.49 -44.59 -20.67
C VAL C 49 -12.63 -45.18 -19.29
N TYR C 50 -11.61 -45.91 -18.87
CA TYR C 50 -11.53 -46.37 -17.50
C TYR C 50 -10.34 -45.72 -16.83
N LEU C 51 -10.60 -45.02 -15.74
CA LEU C 51 -9.56 -44.33 -14.99
C LEU C 51 -9.15 -45.22 -13.85
N ASP C 52 -8.02 -45.91 -13.99
CA ASP C 52 -7.59 -46.87 -12.98
C ASP C 52 -7.24 -46.27 -11.64
N LYS C 53 -6.82 -45.02 -11.63
CA LYS C 53 -6.46 -44.41 -10.38
C LYS C 53 -7.57 -44.65 -9.34
N TRP C 54 -8.82 -44.38 -9.72
CA TRP C 54 -9.96 -44.48 -8.79
C TRP C 54 -11.02 -45.54 -9.18
N ASN C 55 -10.68 -46.41 -10.13
CA ASN C 55 -11.59 -47.49 -10.53
C ASN C 55 -12.99 -46.97 -10.87
N VAL C 56 -13.00 -46.03 -11.80
CA VAL C 56 -14.20 -45.31 -12.17
C VAL C 56 -14.15 -45.10 -13.69
N TYR C 57 -15.30 -45.20 -14.33
CA TYR C 57 -15.34 -44.94 -15.76
C TYR C 57 -15.35 -43.43 -15.97
N GLY C 58 -14.94 -42.97 -17.16
CA GLY C 58 -14.96 -41.55 -17.46
C GLY C 58 -15.53 -41.24 -18.82
N VAL C 59 -16.26 -40.12 -18.91
CA VAL C 59 -16.66 -39.59 -20.21
C VAL C 59 -16.30 -38.11 -20.32
N ALA C 60 -15.66 -37.75 -21.41
CA ALA C 60 -15.15 -36.41 -21.58
C ALA C 60 -15.69 -35.76 -22.83
N ARG C 61 -16.33 -36.52 -23.70
CA ARG C 61 -16.89 -35.92 -24.92
C ARG C 61 -18.27 -35.33 -24.67
N TYR C 62 -18.60 -34.32 -25.46
CA TYR C 62 -19.88 -33.66 -25.32
C TYR C 62 -21.04 -34.65 -25.43
N ALA C 63 -21.02 -35.45 -26.50
CA ALA C 63 -22.09 -36.41 -26.75
C ALA C 63 -22.41 -37.31 -25.56
N GLU C 64 -21.38 -37.92 -24.98
CA GLU C 64 -21.59 -38.83 -23.85
C GLU C 64 -21.91 -38.12 -22.54
N VAL C 65 -21.32 -36.95 -22.30
CA VAL C 65 -21.62 -36.22 -21.07
C VAL C 65 -23.08 -35.80 -21.12
N HIS C 66 -23.51 -35.31 -22.27
CA HIS C 66 -24.90 -34.89 -22.45
C HIS C 66 -25.88 -36.05 -22.30
N ALA C 67 -25.54 -37.20 -22.86
CA ALA C 67 -26.41 -38.38 -22.80
C ALA C 67 -26.53 -38.93 -21.36
N VAL C 68 -25.39 -39.04 -20.68
CA VAL C 68 -25.36 -39.49 -19.30
C VAL C 68 -26.26 -38.62 -18.41
N LEU C 69 -26.06 -37.31 -18.49
CA LEU C 69 -26.84 -36.36 -17.69
C LEU C 69 -28.35 -36.47 -17.96
N ASN C 70 -28.71 -36.73 -19.22
CA ASN C 70 -30.12 -36.84 -19.59
C ASN C 70 -30.74 -38.24 -19.47
N ASP C 71 -30.08 -39.14 -18.74
CA ASP C 71 -30.64 -40.47 -18.47
C ASP C 71 -30.41 -40.80 -17.01
N PRO C 72 -31.10 -40.08 -16.11
CA PRO C 72 -30.93 -40.25 -14.66
C PRO C 72 -31.36 -41.62 -14.17
N THR C 73 -32.23 -42.28 -14.93
CA THR C 73 -32.66 -43.62 -14.55
C THR C 73 -31.50 -44.60 -14.62
N THR C 74 -30.77 -44.58 -15.73
CA THR C 74 -29.61 -45.43 -15.87
C THR C 74 -28.44 -44.89 -15.05
N PHE C 75 -28.23 -43.58 -15.14
CA PHE C 75 -27.10 -42.93 -14.47
C PHE C 75 -27.61 -42.10 -13.31
N CYS C 76 -27.73 -42.75 -12.17
CA CYS C 76 -28.41 -42.14 -11.05
C CYS C 76 -27.48 -41.26 -10.23
N SER C 77 -28.09 -40.39 -9.42
CA SER C 77 -27.39 -39.47 -8.54
C SER C 77 -27.51 -39.88 -7.07
N SER C 78 -28.49 -40.72 -6.75
CA SER C 78 -28.80 -41.07 -5.36
C SER C 78 -27.76 -41.98 -4.68
N ARG C 79 -26.83 -42.52 -5.46
CA ARG C 79 -25.71 -43.27 -4.88
C ARG C 79 -24.49 -42.37 -4.68
N GLY C 80 -24.70 -41.06 -4.79
CA GLY C 80 -23.67 -40.06 -4.59
C GLY C 80 -23.21 -39.44 -5.91
N VAL C 81 -23.01 -38.12 -5.93
CA VAL C 81 -22.45 -37.48 -7.12
C VAL C 81 -20.94 -37.19 -6.99
N GLY C 82 -20.36 -37.65 -5.88
CA GLY C 82 -18.93 -37.68 -5.72
C GLY C 82 -18.40 -39.10 -5.87
N LEU C 83 -17.13 -39.31 -5.55
CA LEU C 83 -16.50 -40.61 -5.73
C LEU C 83 -17.19 -41.70 -4.90
N SER C 84 -17.37 -41.42 -3.62
CA SER C 84 -17.97 -42.39 -2.72
C SER C 84 -19.31 -42.94 -3.24
N ASP C 85 -19.52 -44.25 -3.08
CA ASP C 85 -20.76 -44.91 -3.50
C ASP C 85 -21.62 -45.15 -2.26
N PHE C 86 -22.65 -44.34 -2.07
CA PHE C 86 -23.48 -44.40 -0.85
C PHE C 86 -23.99 -45.80 -0.59
N LYS C 87 -24.37 -46.51 -1.65
CA LYS C 87 -24.91 -47.85 -1.49
C LYS C 87 -23.90 -48.79 -0.83
N LYS C 88 -22.66 -48.33 -0.68
CA LYS C 88 -21.58 -49.19 -0.17
C LYS C 88 -20.75 -48.52 0.93
N GLU C 89 -20.87 -47.20 1.09
CA GLU C 89 -20.11 -46.48 2.11
C GLU C 89 -21.02 -45.53 2.86
N LYS C 90 -20.58 -45.00 4.00
CA LYS C 90 -21.34 -44.00 4.73
C LYS C 90 -20.92 -42.58 4.33
N PRO C 91 -21.88 -41.79 3.85
CA PRO C 91 -21.67 -40.40 3.44
C PRO C 91 -21.04 -39.55 4.56
N TRP C 92 -20.11 -38.68 4.21
CA TRP C 92 -19.46 -37.79 5.17
C TRP C 92 -20.50 -36.92 5.89
N ARG C 93 -21.57 -36.59 5.18
CA ARG C 93 -22.72 -35.90 5.78
C ARG C 93 -24.01 -36.47 5.21
N PRO C 94 -25.16 -36.14 5.83
CA PRO C 94 -26.41 -36.57 5.18
C PRO C 94 -26.42 -36.10 3.72
N PRO C 95 -26.61 -37.04 2.77
CA PRO C 95 -26.70 -36.74 1.34
C PRO C 95 -27.66 -35.59 1.06
N SER C 96 -27.42 -34.83 0.00
CA SER C 96 -28.28 -33.70 -0.32
C SER C 96 -29.67 -34.15 -0.74
N LEU C 97 -30.69 -33.54 -0.13
CA LEU C 97 -32.09 -33.82 -0.44
C LEU C 97 -32.40 -33.67 -1.92
N ILE C 98 -31.72 -32.74 -2.58
CA ILE C 98 -32.07 -32.46 -3.95
C ILE C 98 -31.00 -32.93 -4.93
N LEU C 99 -29.74 -32.61 -4.64
CA LEU C 99 -28.64 -32.97 -5.55
C LEU C 99 -28.45 -34.48 -5.60
N GLU C 100 -28.53 -35.15 -4.46
CA GLU C 100 -28.29 -36.59 -4.42
C GLU C 100 -29.56 -37.40 -4.21
N ALA C 101 -30.65 -36.92 -4.82
CA ALA C 101 -31.90 -37.66 -4.88
C ALA C 101 -32.27 -37.85 -6.34
N ASP C 102 -32.88 -38.99 -6.67
CA ASP C 102 -33.36 -39.28 -8.02
C ASP C 102 -34.85 -39.02 -8.10
N PRO C 103 -35.35 -38.80 -9.32
CA PRO C 103 -36.80 -38.87 -9.51
C PRO C 103 -37.19 -40.29 -9.16
N PRO C 104 -38.31 -40.48 -8.45
CA PRO C 104 -39.33 -39.46 -8.12
C PRO C 104 -39.10 -38.61 -6.86
N ALA C 105 -38.32 -39.07 -5.89
CA ALA C 105 -38.19 -38.35 -4.63
C ALA C 105 -37.67 -36.92 -4.81
N HIS C 106 -36.92 -36.72 -5.90
CA HIS C 106 -36.28 -35.45 -6.23
C HIS C 106 -37.23 -34.36 -6.72
N THR C 107 -38.33 -34.74 -7.35
CA THR C 107 -39.24 -33.79 -8.00
C THR C 107 -39.78 -32.72 -7.04
N ARG C 108 -40.07 -33.14 -5.82
CA ARG C 108 -40.73 -32.26 -4.86
C ARG C 108 -39.83 -31.11 -4.36
N PRO C 109 -38.70 -31.43 -3.72
CA PRO C 109 -37.77 -30.34 -3.37
C PRO C 109 -37.31 -29.55 -4.60
N ARG C 110 -37.23 -30.20 -5.75
CA ARG C 110 -36.83 -29.49 -6.97
C ARG C 110 -37.87 -28.42 -7.35
N ALA C 111 -39.15 -28.73 -7.18
CA ALA C 111 -40.24 -27.79 -7.46
C ALA C 111 -40.24 -26.61 -6.50
N VAL C 112 -40.01 -26.88 -5.23
CA VAL C 112 -39.89 -25.82 -4.25
C VAL C 112 -38.78 -24.87 -4.66
N LEU C 113 -37.55 -25.38 -4.76
CA LEU C 113 -36.42 -24.53 -5.13
C LEU C 113 -36.68 -23.85 -6.47
N SER C 114 -37.27 -24.58 -7.41
CA SER C 114 -37.55 -24.00 -8.71
C SER C 114 -38.42 -22.74 -8.59
N LYS C 115 -39.44 -22.79 -7.75
CA LYS C 115 -40.36 -21.66 -7.60
C LYS C 115 -39.67 -20.49 -6.91
N VAL C 116 -38.97 -20.78 -5.82
CA VAL C 116 -38.26 -19.76 -5.06
C VAL C 116 -37.23 -19.01 -5.89
N LEU C 117 -36.65 -19.68 -6.88
CA LEU C 117 -35.58 -19.10 -7.67
C LEU C 117 -36.04 -18.83 -9.11
N SER C 118 -37.33 -18.54 -9.27
CA SER C 118 -37.94 -18.40 -10.59
C SER C 118 -37.55 -17.11 -11.29
N PRO C 119 -37.96 -16.97 -12.56
CA PRO C 119 -37.74 -15.71 -13.30
C PRO C 119 -38.52 -14.54 -12.71
N ALA C 120 -39.68 -14.82 -12.11
CA ALA C 120 -40.43 -13.78 -11.41
C ALA C 120 -39.58 -13.23 -10.27
N THR C 121 -39.11 -14.13 -9.42
CA THR C 121 -38.24 -13.72 -8.33
C THR C 121 -37.08 -12.83 -8.83
N MET C 122 -36.40 -13.26 -9.89
CA MET C 122 -35.30 -12.50 -10.45
C MET C 122 -35.71 -11.04 -10.82
N LYS C 123 -36.93 -10.86 -11.32
CA LYS C 123 -37.40 -9.51 -11.64
C LYS C 123 -37.38 -8.60 -10.42
N THR C 124 -37.78 -9.14 -9.27
CA THR C 124 -37.92 -8.36 -8.05
C THR C 124 -36.59 -8.01 -7.38
N ILE C 125 -35.50 -8.64 -7.80
CA ILE C 125 -34.22 -8.37 -7.17
C ILE C 125 -33.20 -7.84 -8.17
N ARG C 126 -33.61 -7.76 -9.42
CA ARG C 126 -32.71 -7.35 -10.49
C ARG C 126 -32.11 -5.95 -10.28
N ASP C 127 -32.95 -5.00 -9.86
CA ASP C 127 -32.50 -3.62 -9.74
C ASP C 127 -31.47 -3.46 -8.61
N GLY C 128 -31.76 -4.05 -7.46
CA GLY C 128 -30.79 -4.10 -6.37
C GLY C 128 -29.44 -4.66 -6.82
N PHE C 129 -29.47 -5.77 -7.56
CA PHE C 129 -28.22 -6.41 -7.95
C PHE C 129 -27.40 -5.53 -8.88
N ALA C 130 -28.05 -4.87 -9.84
CA ALA C 130 -27.36 -4.01 -10.79
C ALA C 130 -26.79 -2.79 -10.08
N ALA C 131 -27.59 -2.21 -9.18
CA ALA C 131 -27.15 -1.04 -8.44
C ALA C 131 -25.89 -1.37 -7.65
N ALA C 132 -25.94 -2.45 -6.89
CA ALA C 132 -24.80 -2.87 -6.07
C ALA C 132 -23.58 -3.22 -6.93
N ALA C 133 -23.82 -3.63 -8.17
CA ALA C 133 -22.74 -3.93 -9.10
C ALA C 133 -22.10 -2.66 -9.64
N ASP C 134 -22.92 -1.71 -10.03
CA ASP C 134 -22.44 -0.42 -10.49
C ASP C 134 -21.59 0.23 -9.38
N ALA C 135 -22.10 0.15 -8.15
CA ALA C 135 -21.42 0.69 -6.99
C ALA C 135 -20.08 0.01 -6.73
N LYS C 136 -20.06 -1.31 -6.84
CA LYS C 136 -18.80 -2.05 -6.65
C LYS C 136 -17.74 -1.66 -7.68
N VAL C 137 -18.13 -1.54 -8.95
CA VAL C 137 -17.16 -1.21 -9.98
C VAL C 137 -16.59 0.20 -9.79
N ASP C 138 -17.46 1.12 -9.36
CA ASP C 138 -17.02 2.48 -9.04
C ASP C 138 -15.92 2.49 -7.98
N GLU C 139 -16.13 1.77 -6.87
CA GLU C 139 -15.15 1.60 -5.81
C GLU C 139 -13.83 1.05 -6.33
N LEU C 140 -13.93 -0.03 -7.09
CA LEU C 140 -12.76 -0.65 -7.67
C LEU C 140 -12.02 0.30 -8.62
N LEU C 141 -12.77 1.12 -9.35
CA LEU C 141 -12.16 2.12 -10.21
C LEU C 141 -11.35 3.09 -9.36
N GLN C 142 -11.85 3.41 -8.17
CA GLN C 142 -11.13 4.28 -7.26
C GLN C 142 -9.87 3.61 -6.73
N ARG C 143 -9.95 2.34 -6.36
CA ARG C 143 -8.74 1.58 -6.04
C ARG C 143 -7.74 1.56 -7.21
N GLY C 144 -8.25 1.37 -8.42
CA GLY C 144 -7.40 1.28 -9.60
C GLY C 144 -6.75 -0.09 -9.76
N CYS C 145 -5.86 -0.43 -8.84
CA CYS C 145 -5.25 -1.75 -8.81
C CYS C 145 -5.96 -2.60 -7.76
N ILE C 146 -6.40 -3.80 -8.17
CA ILE C 146 -7.19 -4.65 -7.29
C ILE C 146 -6.78 -6.12 -7.39
N ASP C 147 -7.32 -6.93 -6.49
CA ASP C 147 -7.33 -8.38 -6.65
C ASP C 147 -8.72 -8.71 -7.18
N ALA C 148 -8.83 -9.07 -8.45
CA ALA C 148 -10.15 -9.28 -9.05
C ALA C 148 -10.88 -10.49 -8.47
N ILE C 149 -10.18 -11.26 -7.64
CA ILE C 149 -10.83 -12.35 -6.94
C ILE C 149 -11.41 -11.82 -5.62
N ALA C 150 -10.56 -11.61 -4.60
CA ALA C 150 -11.03 -11.05 -3.33
C ALA C 150 -11.93 -9.81 -3.47
N ASP C 151 -11.50 -8.83 -4.26
CA ASP C 151 -12.17 -7.53 -4.28
C ASP C 151 -13.39 -7.48 -5.21
N LEU C 152 -13.55 -8.46 -6.09
CA LEU C 152 -14.60 -8.38 -7.10
C LEU C 152 -15.42 -9.66 -7.17
N ALA C 153 -14.78 -10.73 -7.60
CA ALA C 153 -15.43 -12.03 -7.76
C ALA C 153 -15.98 -12.59 -6.44
N GLU C 154 -15.22 -12.43 -5.36
CA GLU C 154 -15.70 -12.82 -4.04
C GLU C 154 -16.56 -11.70 -3.45
N ALA C 155 -16.00 -10.49 -3.40
CA ALA C 155 -16.68 -9.35 -2.77
C ALA C 155 -18.12 -9.10 -3.22
N TYR C 156 -18.37 -9.14 -4.53
CA TYR C 156 -19.70 -8.82 -5.03
C TYR C 156 -20.77 -9.86 -4.67
N PRO C 157 -20.54 -11.14 -5.03
CA PRO C 157 -21.55 -12.12 -4.67
C PRO C 157 -21.70 -12.23 -3.16
N LEU C 158 -20.64 -11.95 -2.41
CA LEU C 158 -20.72 -12.00 -0.93
C LEU C 158 -21.68 -10.95 -0.36
N SER C 159 -21.96 -9.91 -1.13
CA SER C 159 -22.85 -8.86 -0.64
C SER C 159 -24.29 -9.06 -1.09
N VAL C 160 -24.49 -9.41 -2.36
CA VAL C 160 -25.85 -9.54 -2.88
C VAL C 160 -26.53 -10.88 -2.57
N PHE C 161 -25.76 -11.96 -2.51
CA PHE C 161 -26.39 -13.28 -2.38
C PHE C 161 -26.80 -13.62 -0.96
N PRO C 162 -25.88 -13.50 0.01
CA PRO C 162 -26.33 -13.77 1.39
C PRO C 162 -27.47 -12.83 1.81
N ASP C 163 -27.49 -11.61 1.27
CA ASP C 163 -28.61 -10.70 1.50
C ASP C 163 -29.89 -11.21 0.85
N ALA C 164 -29.80 -11.63 -0.41
CA ALA C 164 -30.99 -12.11 -1.10
C ALA C 164 -31.56 -13.35 -0.41
N MET C 165 -30.67 -14.12 0.21
CA MET C 165 -31.03 -15.30 0.98
C MET C 165 -31.73 -14.89 2.26
N GLY C 166 -31.43 -13.69 2.74
CA GLY C 166 -31.96 -13.19 3.99
C GLY C 166 -31.10 -13.52 5.21
N LEU C 167 -29.80 -13.71 4.97
CA LEU C 167 -28.87 -14.12 6.03
C LEU C 167 -28.39 -12.94 6.92
N LYS C 168 -28.05 -13.25 8.17
CA LYS C 168 -27.44 -12.27 9.07
C LYS C 168 -26.09 -11.76 8.54
N GLN C 169 -25.52 -10.76 9.20
CA GLN C 169 -24.21 -10.22 8.82
C GLN C 169 -23.06 -10.97 9.50
N GLU C 170 -23.17 -11.17 10.81
CA GLU C 170 -22.14 -11.89 11.57
C GLU C 170 -21.91 -13.26 10.93
N GLY C 171 -20.64 -13.61 10.72
CA GLY C 171 -20.27 -14.96 10.36
C GLY C 171 -20.16 -15.28 8.87
N ARG C 172 -20.42 -14.29 8.02
CA ARG C 172 -20.35 -14.51 6.58
C ARG C 172 -18.97 -15.02 6.10
N GLU C 173 -17.95 -14.91 6.95
CA GLU C 173 -16.63 -15.40 6.56
C GLU C 173 -16.60 -16.92 6.54
N HIS C 174 -17.67 -17.55 7.04
CA HIS C 174 -17.77 -19.00 7.06
C HIS C 174 -18.29 -19.57 5.74
N LEU C 175 -18.79 -18.69 4.87
CA LEU C 175 -19.48 -19.13 3.65
C LEU C 175 -18.57 -19.78 2.61
N LEU C 176 -17.57 -19.04 2.14
CA LEU C 176 -16.66 -19.58 1.15
C LEU C 176 -15.98 -20.88 1.61
N PRO C 177 -15.41 -20.87 2.83
CA PRO C 177 -14.86 -22.14 3.33
C PRO C 177 -15.90 -23.28 3.38
N TYR C 178 -17.14 -22.95 3.72
CA TYR C 178 -18.19 -23.97 3.79
C TYR C 178 -18.49 -24.60 2.43
N ALA C 179 -18.83 -23.77 1.44
CA ALA C 179 -18.98 -24.24 0.07
C ALA C 179 -17.74 -25.01 -0.40
N GLY C 180 -16.56 -24.45 -0.15
CA GLY C 180 -15.31 -25.09 -0.54
C GLY C 180 -15.20 -26.52 -0.02
N LEU C 181 -15.69 -26.71 1.21
CA LEU C 181 -15.70 -28.02 1.84
C LEU C 181 -16.63 -28.95 1.07
N VAL C 182 -17.82 -28.44 0.76
CA VAL C 182 -18.82 -29.20 0.02
C VAL C 182 -18.20 -29.76 -1.25
N PHE C 183 -17.65 -28.87 -2.06
CA PHE C 183 -17.15 -29.26 -3.38
C PHE C 183 -15.87 -30.10 -3.32
N ASN C 184 -15.08 -29.91 -2.26
CA ASN C 184 -13.94 -30.77 -2.04
C ASN C 184 -14.34 -32.20 -1.66
N ALA C 185 -15.46 -32.33 -0.96
CA ALA C 185 -15.87 -33.62 -0.43
C ALA C 185 -16.35 -34.58 -1.53
N PHE C 186 -16.70 -34.05 -2.69
CA PHE C 186 -17.10 -34.89 -3.81
C PHE C 186 -15.89 -35.66 -4.37
N GLY C 187 -14.69 -35.13 -4.10
CA GLY C 187 -13.46 -35.70 -4.61
C GLY C 187 -13.04 -36.97 -3.89
N PRO C 188 -11.86 -37.49 -4.25
CA PRO C 188 -11.33 -38.68 -3.58
C PRO C 188 -10.77 -38.28 -2.23
N PRO C 189 -10.42 -39.27 -1.41
CA PRO C 189 -9.85 -38.97 -0.10
C PRO C 189 -8.39 -38.56 -0.24
N ASN C 190 -8.16 -37.44 -0.93
CA ASN C 190 -6.81 -36.91 -1.06
C ASN C 190 -6.65 -35.82 -0.03
N GLU C 191 -5.61 -35.00 -0.19
CA GLU C 191 -5.31 -34.00 0.82
C GLU C 191 -6.31 -32.86 0.86
N LEU C 192 -6.80 -32.44 -0.31
CA LEU C 192 -7.78 -31.36 -0.39
C LEU C 192 -9.07 -31.72 0.35
N ARG C 193 -9.48 -32.98 0.24
CA ARG C 193 -10.71 -33.43 0.85
C ARG C 193 -10.50 -33.65 2.34
N GLN C 194 -9.53 -34.48 2.69
CA GLN C 194 -9.29 -34.85 4.08
C GLN C 194 -8.98 -33.62 4.97
N THR C 195 -8.38 -32.59 4.38
CA THR C 195 -8.08 -31.37 5.12
C THR C 195 -9.35 -30.55 5.32
N ALA C 196 -10.13 -30.42 4.26
CA ALA C 196 -11.38 -29.67 4.32
C ALA C 196 -12.33 -30.28 5.35
N ILE C 197 -12.53 -31.59 5.28
CA ILE C 197 -13.37 -32.30 6.24
C ILE C 197 -12.85 -32.15 7.67
N GLU C 198 -11.54 -32.14 7.82
CA GLU C 198 -10.88 -32.01 9.12
C GLU C 198 -11.21 -30.69 9.82
N ARG C 199 -11.27 -29.60 9.05
CA ARG C 199 -11.50 -28.27 9.59
C ARG C 199 -12.95 -27.76 9.40
N SER C 200 -13.88 -28.69 9.17
CA SER C 200 -15.23 -28.33 8.76
C SER C 200 -16.16 -27.86 9.92
N ALA C 201 -16.00 -28.46 11.10
CA ALA C 201 -16.93 -28.25 12.22
C ALA C 201 -17.47 -26.82 12.39
N PRO C 202 -16.60 -25.84 12.64
CA PRO C 202 -17.12 -24.47 12.84
C PRO C 202 -17.88 -23.88 11.65
N HIS C 203 -17.62 -24.39 10.44
CA HIS C 203 -18.28 -23.86 9.24
C HIS C 203 -19.65 -24.49 9.04
N GLN C 204 -19.74 -25.79 9.30
CA GLN C 204 -21.02 -26.48 9.31
C GLN C 204 -21.88 -25.85 10.39
N ALA C 205 -21.36 -25.80 11.62
CA ALA C 205 -22.08 -25.27 12.77
C ALA C 205 -22.71 -23.91 12.50
N TYR C 206 -21.95 -23.02 11.88
CA TYR C 206 -22.47 -21.70 11.52
C TYR C 206 -23.58 -21.81 10.49
N VAL C 207 -23.28 -22.52 9.41
CA VAL C 207 -24.25 -22.73 8.34
C VAL C 207 -25.55 -23.31 8.87
N ASN C 208 -25.45 -24.43 9.60
CA ASN C 208 -26.59 -25.09 10.19
C ASN C 208 -27.53 -24.14 10.95
N GLU C 209 -26.97 -23.20 11.69
CA GLU C 209 -27.78 -22.24 12.44
C GLU C 209 -28.53 -21.28 11.53
N GLN C 210 -27.82 -20.69 10.58
CA GLN C 210 -28.38 -19.67 9.72
C GLN C 210 -29.54 -20.19 8.87
N CYS C 211 -29.66 -21.50 8.76
CA CYS C 211 -30.73 -22.08 7.94
C CYS C 211 -32.07 -22.20 8.68
N GLN C 212 -32.04 -22.17 10.01
CA GLN C 212 -33.28 -22.30 10.80
C GLN C 212 -34.19 -21.10 10.56
N ARG C 213 -35.49 -21.34 10.55
CA ARG C 213 -36.48 -20.31 10.20
C ARG C 213 -36.29 -18.94 10.90
N PRO C 214 -36.07 -18.93 12.21
CA PRO C 214 -35.97 -17.63 12.91
C PRO C 214 -34.82 -16.75 12.41
N ASN C 215 -33.78 -17.38 11.89
CA ASN C 215 -32.57 -16.65 11.49
C ASN C 215 -32.56 -16.17 10.04
N LEU C 216 -33.70 -16.28 9.36
CA LEU C 216 -33.78 -15.91 7.96
C LEU C 216 -34.74 -14.75 7.76
N ALA C 217 -34.21 -13.61 7.34
CA ALA C 217 -35.02 -12.41 7.19
C ALA C 217 -36.16 -12.61 6.21
N PRO C 218 -37.35 -12.07 6.55
CA PRO C 218 -38.56 -12.26 5.75
C PRO C 218 -38.38 -11.80 4.31
N GLY C 219 -39.02 -12.50 3.37
CA GLY C 219 -38.97 -12.13 1.97
C GLY C 219 -37.70 -12.53 1.25
N GLY C 220 -36.79 -13.23 1.92
CA GLY C 220 -35.57 -13.74 1.32
C GLY C 220 -35.72 -15.20 0.90
N PHE C 221 -34.83 -15.69 0.04
CA PHE C 221 -34.93 -17.06 -0.45
C PHE C 221 -35.19 -18.05 0.68
N GLY C 222 -34.47 -17.89 1.79
CA GLY C 222 -34.63 -18.79 2.91
C GLY C 222 -36.03 -18.78 3.52
N ALA C 223 -36.59 -17.58 3.66
CA ALA C 223 -37.94 -17.41 4.19
C ALA C 223 -38.96 -18.05 3.25
N CYS C 224 -38.87 -17.71 1.96
CA CYS C 224 -39.79 -18.26 0.97
C CYS C 224 -39.73 -19.78 0.92
N ILE C 225 -38.56 -20.36 1.19
CA ILE C 225 -38.45 -21.81 1.28
C ILE C 225 -39.25 -22.29 2.49
N HIS C 226 -39.03 -21.66 3.63
CA HIS C 226 -39.67 -22.07 4.87
C HIS C 226 -41.20 -22.00 4.80
N ALA C 227 -41.72 -21.05 4.03
CA ALA C 227 -43.15 -20.87 3.88
C ALA C 227 -43.81 -22.15 3.38
N PHE C 228 -43.06 -22.94 2.61
CA PHE C 228 -43.57 -24.19 2.07
C PHE C 228 -43.85 -25.21 3.16
N THR C 229 -43.34 -24.99 4.37
CA THR C 229 -43.72 -25.88 5.47
C THR C 229 -45.19 -25.64 5.85
N ASP C 230 -45.69 -24.42 5.59
CA ASP C 230 -47.05 -24.04 6.02
C ASP C 230 -48.16 -24.73 5.23
N THR C 231 -47.93 -24.98 3.95
CA THR C 231 -48.92 -25.67 3.13
C THR C 231 -48.67 -27.17 3.04
N GLY C 232 -47.68 -27.66 3.78
CA GLY C 232 -47.36 -29.07 3.81
C GLY C 232 -46.45 -29.58 2.69
N GLU C 233 -46.00 -28.69 1.81
CA GLU C 233 -45.23 -29.12 0.66
C GLU C 233 -43.89 -29.76 1.06
N ILE C 234 -43.24 -29.19 2.07
CA ILE C 234 -42.03 -29.78 2.65
C ILE C 234 -42.16 -29.81 4.16
N THR C 235 -41.40 -30.69 4.82
CA THR C 235 -41.42 -30.80 6.28
C THR C 235 -40.49 -29.76 6.94
N PRO C 236 -40.64 -29.59 8.25
CA PRO C 236 -39.77 -28.65 8.99
C PRO C 236 -38.35 -29.17 9.08
N ASP C 237 -38.16 -30.47 8.94
CA ASP C 237 -36.83 -31.05 8.85
C ASP C 237 -36.22 -30.69 7.50
N GLU C 238 -37.01 -30.86 6.44
CA GLU C 238 -36.58 -30.59 5.08
C GLU C 238 -36.20 -29.11 4.83
N ALA C 239 -36.95 -28.18 5.41
CA ALA C 239 -36.77 -26.77 5.09
C ALA C 239 -35.33 -26.25 5.29
N PRO C 240 -34.72 -26.51 6.46
CA PRO C 240 -33.35 -26.03 6.66
C PRO C 240 -32.39 -26.66 5.66
N LEU C 241 -32.57 -27.93 5.34
CA LEU C 241 -31.70 -28.59 4.39
C LEU C 241 -31.76 -27.94 3.00
N LEU C 242 -32.93 -27.45 2.61
CA LEU C 242 -33.06 -26.81 1.30
C LEU C 242 -32.41 -25.45 1.25
N VAL C 243 -32.33 -24.77 2.40
CA VAL C 243 -31.61 -23.50 2.47
C VAL C 243 -30.11 -23.76 2.39
N ARG C 244 -29.65 -24.75 3.15
CA ARG C 244 -28.26 -25.18 3.14
C ARG C 244 -27.82 -25.41 1.69
N SER C 245 -28.65 -26.12 0.92
CA SER C 245 -28.37 -26.43 -0.47
C SER C 245 -27.95 -25.23 -1.25
N LEU C 246 -28.64 -24.12 -1.03
CA LEU C 246 -28.37 -22.91 -1.78
C LEU C 246 -27.04 -22.31 -1.34
N LEU C 247 -26.75 -22.39 -0.04
CA LEU C 247 -25.47 -21.90 0.46
C LEU C 247 -24.33 -22.75 -0.10
N SER C 248 -24.49 -24.07 -0.05
CA SER C 248 -23.50 -24.97 -0.62
C SER C 248 -23.23 -24.67 -2.09
N ALA C 249 -24.30 -24.49 -2.86
CA ALA C 249 -24.19 -24.52 -4.32
C ALA C 249 -24.03 -23.16 -4.99
N GLY C 250 -24.45 -22.10 -4.31
CA GLY C 250 -24.65 -20.84 -4.99
C GLY C 250 -23.62 -19.73 -4.79
N LEU C 251 -22.64 -19.93 -3.91
CA LEU C 251 -21.69 -18.86 -3.67
C LEU C 251 -20.37 -19.08 -4.40
N ASP C 252 -19.65 -20.15 -4.06
CA ASP C 252 -18.33 -20.46 -4.61
C ASP C 252 -18.38 -20.58 -6.12
N THR C 253 -19.43 -21.21 -6.62
CA THR C 253 -19.60 -21.41 -8.06
C THR C 253 -19.65 -20.08 -8.83
N THR C 254 -20.44 -19.14 -8.35
CA THR C 254 -20.63 -17.87 -9.03
C THR C 254 -19.40 -16.96 -8.86
N VAL C 255 -18.74 -17.05 -7.71
CA VAL C 255 -17.45 -16.42 -7.53
C VAL C 255 -16.47 -16.88 -8.62
N ASN C 256 -16.31 -18.19 -8.77
CA ASN C 256 -15.50 -18.78 -9.84
C ASN C 256 -16.00 -18.37 -11.24
N GLY C 257 -17.30 -18.29 -11.43
CA GLY C 257 -17.86 -17.86 -12.70
C GLY C 257 -17.48 -16.44 -13.07
N ILE C 258 -17.78 -15.51 -12.18
CA ILE C 258 -17.42 -14.11 -12.37
C ILE C 258 -15.90 -13.97 -12.53
N GLY C 259 -15.14 -14.62 -11.66
CA GLY C 259 -13.70 -14.59 -11.74
C GLY C 259 -13.21 -15.03 -13.11
N ALA C 260 -13.72 -16.18 -13.56
CA ALA C 260 -13.38 -16.71 -14.88
C ALA C 260 -13.66 -15.69 -15.98
N ALA C 261 -14.81 -15.03 -15.90
CA ALA C 261 -15.20 -14.03 -16.90
C ALA C 261 -14.19 -12.88 -16.97
N VAL C 262 -13.87 -12.30 -15.82
CA VAL C 262 -12.90 -11.22 -15.75
C VAL C 262 -11.50 -11.67 -16.19
N TYR C 263 -11.15 -12.91 -15.86
CA TYR C 263 -9.87 -13.46 -16.29
C TYR C 263 -9.83 -13.50 -17.81
N CYS C 264 -10.96 -13.79 -18.43
CA CYS C 264 -11.06 -13.86 -19.89
C CYS C 264 -10.97 -12.49 -20.57
N LEU C 265 -11.73 -11.53 -20.06
CA LEU C 265 -11.70 -10.19 -20.62
C LEU C 265 -10.33 -9.52 -20.45
N ALA C 266 -9.59 -9.91 -19.41
CA ALA C 266 -8.26 -9.37 -19.15
C ALA C 266 -7.21 -9.93 -20.12
N ARG C 267 -7.32 -11.23 -20.39
CA ARG C 267 -6.39 -11.95 -21.26
C ARG C 267 -6.68 -11.74 -22.74
N PHE C 268 -7.94 -11.41 -23.06
CA PHE C 268 -8.39 -11.23 -24.44
C PHE C 268 -9.04 -9.86 -24.68
N PRO C 269 -8.20 -8.83 -24.89
CA PRO C 269 -8.61 -7.42 -25.00
C PRO C 269 -9.63 -7.14 -26.10
N GLY C 270 -9.52 -7.82 -27.23
CA GLY C 270 -10.47 -7.65 -28.32
C GLY C 270 -11.89 -8.04 -27.93
N GLU C 271 -12.00 -9.01 -27.03
CA GLU C 271 -13.31 -9.42 -26.54
C GLU C 271 -13.86 -8.35 -25.58
N LEU C 272 -12.99 -7.78 -24.74
CA LEU C 272 -13.38 -6.67 -23.87
C LEU C 272 -13.95 -5.49 -24.66
N GLN C 273 -13.30 -5.18 -25.79
CA GLN C 273 -13.73 -4.07 -26.64
C GLN C 273 -15.07 -4.32 -27.32
N ARG C 274 -15.30 -5.55 -27.80
CA ARG C 274 -16.60 -5.90 -28.35
C ARG C 274 -17.68 -5.70 -27.30
N LEU C 275 -17.32 -5.97 -26.05
CA LEU C 275 -18.28 -5.87 -24.96
C LEU C 275 -18.60 -4.41 -24.62
N ARG C 276 -17.58 -3.56 -24.60
CA ARG C 276 -17.78 -2.13 -24.44
C ARG C 276 -18.61 -1.55 -25.60
N SER C 277 -18.36 -2.04 -26.82
CA SER C 277 -19.10 -1.61 -28.01
C SER C 277 -20.57 -2.01 -27.94
N ASP C 278 -20.85 -3.18 -27.39
CA ASP C 278 -22.22 -3.60 -27.17
C ASP C 278 -22.36 -4.22 -25.78
N PRO C 279 -22.66 -3.37 -24.78
CA PRO C 279 -22.86 -3.85 -23.41
C PRO C 279 -24.01 -4.86 -23.26
N THR C 280 -24.89 -5.01 -24.26
CA THR C 280 -25.95 -6.03 -24.18
C THR C 280 -25.39 -7.45 -24.32
N LEU C 281 -24.12 -7.54 -24.67
CA LEU C 281 -23.43 -8.82 -24.73
C LEU C 281 -22.98 -9.31 -23.34
N ALA C 282 -23.30 -8.56 -22.28
CA ALA C 282 -22.94 -8.95 -20.91
C ALA C 282 -23.41 -10.35 -20.49
N ARG C 283 -24.65 -10.70 -20.82
CA ARG C 283 -25.21 -12.00 -20.44
C ARG C 283 -24.42 -13.13 -21.12
N ASN C 284 -24.39 -13.09 -22.44
CA ASN C 284 -23.69 -14.11 -23.22
C ASN C 284 -22.20 -14.16 -22.90
N ALA C 285 -21.61 -13.01 -22.58
CA ALA C 285 -20.21 -12.97 -22.19
C ALA C 285 -19.99 -13.74 -20.89
N PHE C 286 -21.01 -13.77 -20.04
CA PHE C 286 -20.93 -14.55 -18.81
C PHE C 286 -21.15 -16.04 -19.12
N GLU C 287 -22.27 -16.35 -19.77
CA GLU C 287 -22.56 -17.71 -20.25
C GLU C 287 -21.29 -18.32 -20.89
N GLU C 288 -20.67 -17.57 -21.82
CA GLU C 288 -19.46 -18.05 -22.47
C GLU C 288 -18.28 -18.22 -21.52
N ALA C 289 -18.25 -17.46 -20.43
CA ALA C 289 -17.22 -17.66 -19.42
C ALA C 289 -17.44 -19.00 -18.68
N VAL C 290 -18.71 -19.30 -18.43
CA VAL C 290 -19.10 -20.58 -17.83
C VAL C 290 -18.74 -21.77 -18.72
N ARG C 291 -19.04 -21.67 -20.02
CA ARG C 291 -18.60 -22.69 -20.97
C ARG C 291 -17.08 -22.83 -20.98
N PHE C 292 -16.41 -21.70 -21.16
CA PHE C 292 -14.97 -21.65 -21.41
C PHE C 292 -14.14 -22.09 -20.22
N GLU C 293 -14.60 -21.79 -19.01
CA GLU C 293 -13.88 -22.20 -17.80
C GLU C 293 -14.59 -23.29 -17.02
N SER C 294 -15.90 -23.39 -17.18
CA SER C 294 -16.68 -24.40 -16.44
C SER C 294 -16.31 -24.43 -14.97
N PRO C 295 -16.81 -23.45 -14.19
CA PRO C 295 -16.58 -23.41 -12.74
C PRO C 295 -16.73 -24.78 -12.08
N VAL C 296 -17.78 -25.52 -12.43
CA VAL C 296 -17.92 -26.87 -11.93
C VAL C 296 -17.38 -27.77 -13.03
N GLN C 297 -16.29 -28.46 -12.73
CA GLN C 297 -15.53 -29.22 -13.72
C GLN C 297 -16.03 -30.64 -13.89
N THR C 298 -16.43 -31.27 -12.78
CA THR C 298 -16.80 -32.68 -12.79
C THR C 298 -17.93 -33.00 -11.81
N PHE C 299 -18.74 -34.00 -12.16
CA PHE C 299 -19.61 -34.70 -11.22
C PHE C 299 -19.64 -36.17 -11.59
N PHE C 300 -20.05 -37.01 -10.63
CA PHE C 300 -20.21 -38.44 -10.85
C PHE C 300 -21.69 -38.85 -10.95
N ARG C 301 -21.91 -39.99 -11.59
CA ARG C 301 -23.19 -40.70 -11.55
C ARG C 301 -22.83 -42.13 -11.21
N THR C 302 -23.84 -42.96 -10.97
CA THR C 302 -23.60 -44.39 -10.76
C THR C 302 -24.57 -45.20 -11.61
N THR C 303 -24.05 -46.16 -12.36
CA THR C 303 -24.92 -46.99 -13.18
C THR C 303 -25.83 -47.86 -12.34
N THR C 304 -27.09 -47.98 -12.77
CA THR C 304 -28.07 -48.76 -12.03
C THR C 304 -28.28 -50.09 -12.73
N ARG C 305 -27.76 -50.16 -13.95
CA ARG C 305 -27.86 -51.37 -14.76
C ARG C 305 -26.66 -51.42 -15.70
N GLU C 306 -26.36 -52.60 -16.23
CA GLU C 306 -25.39 -52.70 -17.30
C GLU C 306 -25.91 -51.83 -18.44
N VAL C 307 -25.03 -51.05 -19.06
CA VAL C 307 -25.45 -50.13 -20.09
C VAL C 307 -24.41 -49.98 -21.19
N GLU C 308 -24.89 -49.88 -22.43
CA GLU C 308 -24.02 -49.58 -23.54
C GLU C 308 -23.96 -48.08 -23.77
N LEU C 309 -22.76 -47.51 -23.65
CA LEU C 309 -22.55 -46.08 -23.84
C LEU C 309 -21.55 -45.88 -24.95
N GLY C 310 -21.99 -45.28 -26.05
CA GLY C 310 -21.16 -45.08 -27.22
C GLY C 310 -20.38 -46.32 -27.63
N GLY C 311 -21.04 -47.47 -27.61
CA GLY C 311 -20.41 -48.70 -28.07
C GLY C 311 -19.73 -49.47 -26.95
N ALA C 312 -19.41 -48.77 -25.87
CA ALA C 312 -18.76 -49.42 -24.75
C ALA C 312 -19.81 -49.91 -23.81
N VAL C 313 -19.52 -51.00 -23.11
CA VAL C 313 -20.42 -51.54 -22.13
C VAL C 313 -19.89 -51.25 -20.74
N ILE C 314 -20.70 -50.62 -19.90
CA ILE C 314 -20.37 -50.44 -18.50
C ILE C 314 -21.32 -51.32 -17.70
N GLY C 315 -20.80 -52.09 -16.75
CA GLY C 315 -21.65 -52.93 -15.92
C GLY C 315 -22.40 -52.15 -14.85
N GLU C 316 -23.34 -52.80 -14.16
CA GLU C 316 -24.16 -52.17 -13.11
C GLU C 316 -23.31 -51.71 -11.92
N GLY C 317 -23.78 -50.70 -11.20
CA GLY C 317 -23.12 -50.25 -9.98
C GLY C 317 -21.73 -49.67 -10.13
N GLU C 318 -21.45 -49.05 -11.28
CA GLU C 318 -20.15 -48.43 -11.53
C GLU C 318 -20.23 -46.90 -11.51
N LYS C 319 -19.30 -46.27 -10.81
CA LYS C 319 -19.18 -44.81 -10.87
C LYS C 319 -18.77 -44.33 -12.26
N VAL C 320 -19.42 -43.28 -12.74
CA VAL C 320 -19.07 -42.67 -14.01
C VAL C 320 -18.75 -41.20 -13.76
N LEU C 321 -17.53 -40.79 -14.09
CA LEU C 321 -17.08 -39.42 -13.90
C LEU C 321 -17.36 -38.59 -15.14
N MET C 322 -18.06 -37.47 -14.97
CA MET C 322 -18.33 -36.58 -16.09
C MET C 322 -17.42 -35.36 -16.13
N PHE C 323 -16.75 -35.18 -17.25
CA PHE C 323 -15.94 -34.01 -17.47
C PHE C 323 -16.75 -32.94 -18.19
N LEU C 324 -17.36 -32.05 -17.41
CA LEU C 324 -18.21 -31.00 -17.95
C LEU C 324 -17.39 -29.98 -18.72
N GLY C 325 -16.26 -29.59 -18.15
CA GLY C 325 -15.34 -28.65 -18.78
C GLY C 325 -14.83 -29.19 -20.10
N SER C 326 -14.50 -30.48 -20.14
CA SER C 326 -14.02 -31.08 -21.38
C SER C 326 -15.10 -31.12 -22.45
N ALA C 327 -16.33 -31.45 -22.03
CA ALA C 327 -17.47 -31.47 -22.93
C ALA C 327 -17.72 -30.08 -23.49
N ASN C 328 -17.50 -29.07 -22.65
CA ASN C 328 -17.65 -27.69 -23.07
C ASN C 328 -16.59 -27.20 -24.06
N ARG C 329 -15.47 -27.92 -24.16
CA ARG C 329 -14.42 -27.61 -25.13
C ARG C 329 -14.18 -28.73 -26.17
N ASP C 330 -15.15 -29.64 -26.31
CA ASP C 330 -15.04 -30.76 -27.24
C ASP C 330 -15.17 -30.24 -28.68
N PRO C 331 -14.12 -30.39 -29.51
CA PRO C 331 -14.25 -29.82 -30.86
C PRO C 331 -15.26 -30.57 -31.73
N ARG C 332 -15.71 -31.72 -31.26
CA ARG C 332 -16.79 -32.45 -31.94
C ARG C 332 -18.11 -31.69 -31.87
N ARG C 333 -18.22 -30.74 -30.95
CA ARG C 333 -19.45 -29.99 -30.75
C ARG C 333 -19.28 -28.49 -31.01
N TRP C 334 -18.08 -27.98 -30.76
CA TRP C 334 -17.85 -26.53 -30.79
C TRP C 334 -16.79 -26.15 -31.82
N SER C 335 -17.01 -25.03 -32.50
CA SER C 335 -15.99 -24.46 -33.37
C SER C 335 -15.00 -23.65 -32.54
N ASP C 336 -13.72 -23.92 -32.74
CA ASP C 336 -12.66 -23.27 -31.95
C ASP C 336 -13.07 -23.20 -30.49
N PRO C 337 -13.28 -24.38 -29.87
CA PRO C 337 -13.71 -24.52 -28.48
C PRO C 337 -12.81 -23.76 -27.53
N ASP C 338 -11.54 -23.63 -27.89
CA ASP C 338 -10.54 -23.05 -27.00
C ASP C 338 -10.41 -21.54 -27.13
N LEU C 339 -11.28 -20.94 -27.96
CA LEU C 339 -11.39 -19.49 -28.03
C LEU C 339 -12.53 -18.96 -27.17
N TYR C 340 -12.26 -17.87 -26.45
CA TYR C 340 -13.29 -17.13 -25.74
C TYR C 340 -13.99 -16.18 -26.71
N ASP C 341 -15.24 -16.47 -27.05
CA ASP C 341 -15.99 -15.69 -28.03
C ASP C 341 -17.36 -15.26 -27.48
N ILE C 342 -17.49 -13.98 -27.15
CA ILE C 342 -18.68 -13.50 -26.45
C ILE C 342 -19.95 -13.43 -27.30
N THR C 343 -19.84 -13.76 -28.58
CA THR C 343 -21.04 -13.88 -29.42
C THR C 343 -21.31 -15.34 -29.80
N ARG C 344 -20.52 -16.26 -29.25
CA ARG C 344 -20.74 -17.68 -29.49
C ARG C 344 -22.17 -18.05 -29.19
N LYS C 345 -22.73 -18.98 -29.95
CA LYS C 345 -24.03 -19.54 -29.59
C LYS C 345 -23.78 -20.59 -28.51
N THR C 346 -24.06 -20.23 -27.27
CA THR C 346 -23.68 -21.00 -26.10
C THR C 346 -24.76 -22.01 -25.73
N SER C 347 -25.88 -21.95 -26.45
CA SER C 347 -27.00 -22.84 -26.14
C SER C 347 -26.52 -24.28 -26.13
N GLY C 348 -26.78 -25.00 -25.04
CA GLY C 348 -26.43 -26.40 -24.98
C GLY C 348 -25.17 -26.73 -24.22
N HIS C 349 -24.42 -25.73 -23.76
CA HIS C 349 -23.28 -26.04 -22.91
C HIS C 349 -23.79 -26.73 -21.66
N VAL C 350 -22.89 -27.45 -20.97
CA VAL C 350 -23.26 -28.23 -19.80
C VAL C 350 -22.61 -27.67 -18.53
N GLY C 351 -22.22 -26.40 -18.60
CA GLY C 351 -21.69 -25.69 -17.45
C GLY C 351 -22.61 -25.70 -16.24
N PHE C 352 -23.93 -25.69 -16.49
CA PHE C 352 -24.94 -25.81 -15.43
C PHE C 352 -25.54 -27.21 -15.40
N GLY C 353 -24.92 -28.14 -16.13
CA GLY C 353 -25.44 -29.49 -16.25
C GLY C 353 -26.52 -29.53 -17.31
N SER C 354 -27.37 -30.55 -17.23
CA SER C 354 -28.41 -30.74 -18.23
C SER C 354 -29.46 -31.74 -17.72
N GLY C 355 -30.74 -31.47 -18.00
CA GLY C 355 -31.80 -32.39 -17.60
C GLY C 355 -32.34 -32.10 -16.21
N VAL C 356 -32.77 -33.16 -15.52
CA VAL C 356 -33.55 -32.96 -14.30
C VAL C 356 -32.81 -32.24 -13.17
N HIS C 357 -31.48 -32.32 -13.16
CA HIS C 357 -30.71 -31.66 -12.12
C HIS C 357 -30.05 -30.36 -12.60
N MET C 358 -30.32 -29.96 -13.84
CA MET C 358 -29.71 -28.74 -14.35
C MET C 358 -29.83 -27.63 -13.29
N CYS C 359 -28.74 -26.93 -13.02
CA CYS C 359 -28.67 -25.93 -11.93
C CYS C 359 -30.00 -25.21 -11.68
N VAL C 360 -30.54 -25.37 -10.48
CA VAL C 360 -31.82 -24.75 -10.14
C VAL C 360 -31.62 -23.25 -9.89
N GLY C 361 -30.38 -22.86 -9.59
CA GLY C 361 -30.04 -21.48 -9.35
C GLY C 361 -29.45 -20.76 -10.55
N GLN C 362 -29.62 -21.31 -11.76
CA GLN C 362 -28.94 -20.73 -12.92
C GLN C 362 -29.35 -19.27 -13.16
N LEU C 363 -30.59 -18.91 -12.83
CA LEU C 363 -31.04 -17.54 -13.04
C LEU C 363 -30.34 -16.55 -12.11
N VAL C 364 -30.03 -16.97 -10.89
CA VAL C 364 -29.31 -16.13 -9.96
C VAL C 364 -27.87 -15.95 -10.46
N ALA C 365 -27.24 -17.06 -10.82
CA ALA C 365 -25.88 -16.99 -11.34
C ALA C 365 -25.82 -16.06 -12.55
N ARG C 366 -26.80 -16.16 -13.43
CA ARG C 366 -26.77 -15.35 -14.64
C ARG C 366 -27.05 -13.87 -14.36
N LEU C 367 -27.96 -13.61 -13.41
CA LEU C 367 -28.24 -12.24 -12.98
C LEU C 367 -26.95 -11.60 -12.48
N GLU C 368 -26.30 -12.23 -11.50
CA GLU C 368 -25.07 -11.72 -10.93
C GLU C 368 -23.97 -11.52 -11.97
N GLY C 369 -23.84 -12.46 -12.90
CA GLY C 369 -22.83 -12.37 -13.93
C GLY C 369 -23.14 -11.27 -14.94
N GLU C 370 -24.40 -11.16 -15.31
CA GLU C 370 -24.79 -10.15 -16.29
C GLU C 370 -24.61 -8.72 -15.77
N VAL C 371 -25.13 -8.44 -14.59
CA VAL C 371 -25.06 -7.07 -14.09
C VAL C 371 -23.61 -6.66 -13.83
N MET C 372 -22.80 -7.57 -13.31
CA MET C 372 -21.39 -7.27 -13.03
C MET C 372 -20.65 -6.98 -14.33
N LEU C 373 -20.90 -7.77 -15.37
CA LEU C 373 -20.25 -7.55 -16.67
C LEU C 373 -20.80 -6.30 -17.37
N SER C 374 -22.08 -6.00 -17.17
CA SER C 374 -22.62 -4.78 -17.73
C SER C 374 -21.87 -3.56 -17.16
N ALA C 375 -21.80 -3.50 -15.83
CA ALA C 375 -21.08 -2.45 -15.12
C ALA C 375 -19.65 -2.25 -15.63
N LEU C 376 -18.87 -3.33 -15.74
CA LEU C 376 -17.51 -3.20 -16.27
C LEU C 376 -17.55 -2.69 -17.72
N ALA C 377 -18.54 -3.16 -18.47
CA ALA C 377 -18.69 -2.80 -19.88
C ALA C 377 -18.79 -1.29 -20.04
N ARG C 378 -19.51 -0.67 -19.12
CA ARG C 378 -19.82 0.75 -19.22
C ARG C 378 -18.80 1.67 -18.55
N LYS C 379 -18.01 1.16 -17.63
CA LYS C 379 -17.17 2.01 -16.79
C LYS C 379 -15.68 1.78 -16.94
N VAL C 380 -15.29 0.62 -17.47
CA VAL C 380 -13.88 0.24 -17.54
C VAL C 380 -13.38 0.17 -18.97
N ALA C 381 -12.34 0.95 -19.27
CA ALA C 381 -11.76 0.97 -20.61
C ALA C 381 -10.84 -0.24 -20.83
N ALA C 382 -10.05 -0.57 -19.82
CA ALA C 382 -9.04 -1.60 -19.93
C ALA C 382 -8.92 -2.37 -18.63
N ILE C 383 -8.62 -3.67 -18.77
CA ILE C 383 -8.34 -4.53 -17.63
C ILE C 383 -7.02 -5.24 -17.86
N ASP C 384 -6.01 -4.93 -17.05
CA ASP C 384 -4.67 -5.43 -17.29
C ASP C 384 -4.10 -6.18 -16.10
N ILE C 385 -3.74 -7.44 -16.33
CA ILE C 385 -3.12 -8.24 -15.29
C ILE C 385 -1.82 -7.57 -14.89
N ASP C 386 -1.66 -7.27 -13.60
CA ASP C 386 -0.47 -6.56 -13.15
C ASP C 386 0.17 -7.23 -11.92
N GLY C 387 -0.10 -8.52 -11.74
CA GLY C 387 0.51 -9.26 -10.66
C GLY C 387 0.49 -10.73 -10.95
N PRO C 388 1.17 -11.52 -10.09
CA PRO C 388 1.18 -12.97 -10.29
C PRO C 388 -0.23 -13.57 -10.16
N VAL C 389 -0.66 -14.31 -11.18
CA VAL C 389 -1.96 -14.98 -11.11
C VAL C 389 -1.81 -16.28 -10.34
N LYS C 390 -2.65 -16.47 -9.32
CA LYS C 390 -2.61 -17.70 -8.52
C LYS C 390 -3.90 -18.51 -8.69
N ARG C 391 -3.74 -19.83 -8.77
CA ARG C 391 -4.86 -20.74 -8.95
C ARG C 391 -5.33 -21.31 -7.61
N ARG C 392 -6.65 -21.46 -7.48
CA ARG C 392 -7.23 -22.13 -6.33
C ARG C 392 -7.54 -23.58 -6.67
N PHE C 393 -7.00 -24.50 -5.89
CA PHE C 393 -7.20 -25.92 -6.16
C PHE C 393 -8.36 -26.48 -5.36
N ASN C 394 -9.22 -27.23 -6.03
CA ASN C 394 -10.41 -27.80 -5.44
C ASN C 394 -10.82 -29.05 -6.21
N ASN C 395 -11.22 -30.12 -5.52
CA ASN C 395 -11.51 -31.37 -6.22
C ASN C 395 -12.55 -31.26 -7.33
N THR C 396 -13.41 -30.24 -7.25
CA THR C 396 -14.54 -30.12 -8.18
C THR C 396 -14.61 -28.78 -8.89
N LEU C 397 -14.18 -27.72 -8.19
CA LEU C 397 -14.28 -26.37 -8.71
C LEU C 397 -12.98 -25.92 -9.39
N ARG C 398 -13.11 -25.22 -10.52
CA ARG C 398 -11.96 -24.60 -11.15
C ARG C 398 -12.07 -23.07 -10.98
N GLY C 399 -10.94 -22.44 -10.66
CA GLY C 399 -10.94 -21.02 -10.43
C GLY C 399 -9.66 -20.50 -9.79
N LEU C 400 -9.52 -19.18 -9.77
CA LEU C 400 -8.29 -18.56 -9.31
C LEU C 400 -8.38 -18.16 -7.84
N GLU C 401 -7.23 -18.21 -7.15
CA GLU C 401 -7.17 -17.71 -5.79
C GLU C 401 -6.91 -16.21 -5.74
N SER C 402 -6.31 -15.68 -6.81
CA SER C 402 -5.86 -14.30 -6.83
C SER C 402 -5.53 -13.86 -8.25
N LEU C 403 -6.16 -12.75 -8.67
CA LEU C 403 -6.01 -12.23 -10.01
C LEU C 403 -5.81 -10.72 -9.94
N PRO C 404 -4.56 -10.29 -9.70
CA PRO C 404 -4.27 -8.85 -9.60
C PRO C 404 -4.41 -8.16 -10.95
N VAL C 405 -5.34 -7.21 -11.05
CA VAL C 405 -5.51 -6.42 -12.26
C VAL C 405 -5.50 -4.91 -11.99
N LYS C 406 -5.21 -4.15 -13.04
CA LYS C 406 -5.36 -2.71 -13.03
C LYS C 406 -6.59 -2.37 -13.86
N LEU C 407 -7.52 -1.59 -13.30
CA LEU C 407 -8.69 -1.13 -14.04
C LEU C 407 -8.55 0.31 -14.49
N THR C 408 -8.50 0.52 -15.80
CA THR C 408 -8.49 1.86 -16.36
C THR C 408 -9.93 2.29 -16.63
N PRO C 409 -10.28 3.52 -16.24
CA PRO C 409 -11.67 4.00 -16.39
C PRO C 409 -12.01 4.35 -17.84
N ALA C 410 -13.26 4.11 -18.24
CA ALA C 410 -13.72 4.49 -19.58
C ALA C 410 -13.88 6.01 -19.63
N THR D 18 -3.64 28.65 -28.09
CA THR D 18 -2.19 28.58 -27.96
C THR D 18 -1.78 27.18 -27.46
N ILE D 19 -0.48 27.00 -27.23
CA ILE D 19 0.08 25.70 -26.94
C ILE D 19 0.04 25.36 -25.45
N PRO D 20 -0.69 24.29 -25.10
CA PRO D 20 -0.88 23.85 -23.72
C PRO D 20 0.38 23.25 -23.12
N HIS D 21 0.57 23.52 -21.84
CA HIS D 21 1.68 22.92 -21.09
C HIS D 21 1.23 21.66 -20.34
N LEU D 22 2.09 20.66 -20.32
CA LEU D 22 1.86 19.41 -19.59
C LEU D 22 3.14 18.95 -18.91
N ALA D 23 3.00 18.33 -17.75
CA ALA D 23 4.15 17.80 -17.00
C ALA D 23 4.32 16.29 -17.23
N ILE D 24 3.60 15.77 -18.21
CA ILE D 24 3.72 14.36 -18.53
C ILE D 24 5.19 14.02 -18.83
N ASP D 25 5.68 12.90 -18.32
CA ASP D 25 7.06 12.50 -18.57
C ASP D 25 7.13 11.22 -19.40
N PRO D 26 7.41 11.37 -20.71
CA PRO D 26 7.41 10.24 -21.65
C PRO D 26 8.61 9.31 -21.48
N PHE D 27 9.50 9.63 -20.54
CA PHE D 27 10.65 8.76 -20.26
C PHE D 27 10.68 8.25 -18.82
N SER D 28 9.52 8.21 -18.18
CA SER D 28 9.42 7.68 -16.82
C SER D 28 8.95 6.23 -16.88
N LEU D 29 9.33 5.44 -15.87
CA LEU D 29 8.96 4.03 -15.87
C LEU D 29 7.45 3.84 -15.90
N ASP D 30 6.70 4.70 -15.22
CA ASP D 30 5.25 4.59 -15.26
C ASP D 30 4.74 4.70 -16.70
N PHE D 31 5.24 5.70 -17.42
CA PHE D 31 4.88 5.89 -18.81
C PHE D 31 5.19 4.64 -19.64
N PHE D 32 6.40 4.09 -19.51
CA PHE D 32 6.78 2.92 -20.32
C PHE D 32 5.84 1.74 -20.03
N ASP D 33 5.46 1.60 -18.76
CA ASP D 33 4.61 0.49 -18.32
C ASP D 33 3.20 0.58 -18.87
N ASP D 34 2.64 1.78 -18.89
CA ASP D 34 1.32 2.02 -19.47
C ASP D 34 1.25 3.42 -20.08
N PRO D 35 1.61 3.53 -21.36
CA PRO D 35 1.70 4.86 -21.99
C PRO D 35 0.36 5.30 -22.55
N TYR D 36 -0.57 4.37 -22.73
CA TYR D 36 -1.78 4.64 -23.49
C TYR D 36 -2.66 5.79 -22.98
N PRO D 37 -2.91 5.86 -21.65
CA PRO D 37 -3.68 7.02 -21.14
C PRO D 37 -2.96 8.36 -21.37
N ASP D 38 -1.68 8.45 -21.05
CA ASP D 38 -0.94 9.68 -21.31
C ASP D 38 -0.85 10.00 -22.81
N GLN D 39 -0.83 8.98 -23.67
CA GLN D 39 -0.79 9.23 -25.10
C GLN D 39 -2.10 9.82 -25.60
N GLN D 40 -3.22 9.30 -25.11
CA GLN D 40 -4.51 9.91 -25.37
C GLN D 40 -4.53 11.39 -24.90
N THR D 41 -4.12 11.63 -23.66
CA THR D 41 -4.05 13.00 -23.16
C THR D 41 -3.26 13.91 -24.11
N LEU D 42 -2.08 13.45 -24.52
CA LEU D 42 -1.23 14.23 -25.41
C LEU D 42 -1.91 14.47 -26.75
N ARG D 43 -2.59 13.47 -27.29
CA ARG D 43 -3.30 13.69 -28.54
C ARG D 43 -4.41 14.72 -28.35
N ASP D 44 -5.20 14.56 -27.30
CA ASP D 44 -6.41 15.36 -27.14
C ASP D 44 -6.10 16.81 -26.73
N ALA D 45 -4.93 17.03 -26.14
CA ALA D 45 -4.53 18.39 -25.71
C ALA D 45 -4.33 19.38 -26.88
N GLY D 46 -4.02 18.87 -28.06
CA GLY D 46 -3.92 19.72 -29.23
C GLY D 46 -2.91 19.17 -30.22
N PRO D 47 -2.82 19.78 -31.40
CA PRO D 47 -1.83 19.38 -32.40
C PRO D 47 -0.41 19.44 -31.86
N VAL D 48 -0.13 20.39 -30.98
CA VAL D 48 1.21 20.60 -30.46
C VAL D 48 1.11 20.93 -28.97
N VAL D 49 1.92 20.24 -28.17
CA VAL D 49 1.97 20.52 -26.74
C VAL D 49 3.38 20.94 -26.35
N TYR D 50 3.51 21.50 -25.16
CA TYR D 50 4.83 21.77 -24.59
C TYR D 50 5.03 20.95 -23.31
N LEU D 51 6.12 20.19 -23.28
CA LEU D 51 6.37 19.28 -22.18
C LEU D 51 7.40 19.90 -21.25
N ASP D 52 6.97 20.35 -20.09
CA ASP D 52 7.88 21.07 -19.22
C ASP D 52 8.92 20.18 -18.55
N LYS D 53 8.61 18.90 -18.38
CA LYS D 53 9.54 17.97 -17.74
C LYS D 53 10.93 17.98 -18.40
N TRP D 54 10.96 18.10 -19.73
CA TRP D 54 12.22 18.13 -20.49
C TRP D 54 12.37 19.36 -21.38
N ASN D 55 11.48 20.35 -21.23
CA ASN D 55 11.59 21.58 -22.02
C ASN D 55 11.60 21.30 -23.53
N VAL D 56 10.58 20.64 -24.04
CA VAL D 56 10.53 20.29 -25.46
C VAL D 56 9.08 20.31 -25.97
N TYR D 57 8.90 20.49 -27.27
CA TYR D 57 7.56 20.42 -27.86
C TYR D 57 7.23 18.97 -28.15
N GLY D 58 5.93 18.67 -28.23
CA GLY D 58 5.51 17.31 -28.49
C GLY D 58 4.40 17.28 -29.51
N VAL D 59 4.41 16.26 -30.37
CA VAL D 59 3.32 15.98 -31.29
C VAL D 59 2.98 14.52 -31.14
N ALA D 60 1.69 14.21 -31.02
CA ALA D 60 1.24 12.86 -30.70
C ALA D 60 0.17 12.36 -31.65
N ARG D 61 -0.40 13.27 -32.42
CA ARG D 61 -1.40 12.89 -33.42
C ARG D 61 -0.74 12.39 -34.71
N TYR D 62 -1.44 11.50 -35.41
CA TYR D 62 -0.93 11.00 -36.68
C TYR D 62 -0.59 12.16 -37.62
N ALA D 63 -1.53 13.08 -37.78
CA ALA D 63 -1.40 14.14 -38.79
C ALA D 63 -0.15 14.99 -38.63
N GLU D 64 0.16 15.38 -37.39
CA GLU D 64 1.34 16.21 -37.13
C GLU D 64 2.64 15.40 -37.16
N VAL D 65 2.59 14.17 -36.67
CA VAL D 65 3.78 13.33 -36.69
C VAL D 65 4.16 13.03 -38.14
N HIS D 66 3.18 12.72 -38.97
CA HIS D 66 3.44 12.47 -40.38
C HIS D 66 4.01 13.73 -41.03
N ALA D 67 3.34 14.85 -40.82
CA ALA D 67 3.77 16.14 -41.36
C ALA D 67 5.21 16.44 -40.97
N VAL D 68 5.55 16.23 -39.71
CA VAL D 68 6.90 16.53 -39.26
C VAL D 68 7.95 15.65 -39.94
N LEU D 69 7.64 14.36 -40.04
CA LEU D 69 8.60 13.44 -40.62
C LEU D 69 8.88 13.82 -42.08
N ASN D 70 7.89 14.39 -42.75
CA ASN D 70 8.03 14.66 -44.17
C ASN D 70 8.43 16.09 -44.49
N ASP D 71 8.95 16.79 -43.49
CA ASP D 71 9.46 18.13 -43.70
C ASP D 71 10.84 18.20 -43.07
N PRO D 72 11.82 17.50 -43.66
CA PRO D 72 13.18 17.48 -43.10
C PRO D 72 13.85 18.86 -43.14
N THR D 73 13.34 19.76 -43.97
CA THR D 73 13.99 21.06 -44.10
C THR D 73 13.66 21.94 -42.90
N THR D 74 12.40 21.92 -42.47
CA THR D 74 12.01 22.62 -41.25
C THR D 74 12.39 21.81 -40.01
N PHE D 75 12.17 20.50 -40.05
CA PHE D 75 12.36 19.65 -38.89
C PHE D 75 13.52 18.72 -39.13
N CYS D 76 14.71 19.20 -38.77
CA CYS D 76 15.93 18.53 -39.18
C CYS D 76 16.34 17.40 -38.23
N SER D 77 17.24 16.54 -38.69
CA SER D 77 17.80 15.51 -37.84
C SER D 77 19.23 15.79 -37.46
N SER D 78 19.83 16.82 -38.06
CA SER D 78 21.29 16.96 -37.99
C SER D 78 21.74 17.59 -36.67
N ARG D 79 20.79 18.12 -35.90
CA ARG D 79 21.07 18.61 -34.56
C ARG D 79 20.73 17.53 -33.53
N GLY D 80 20.44 16.34 -34.04
CA GLY D 80 20.24 15.16 -33.21
C GLY D 80 18.79 14.72 -33.24
N VAL D 81 18.57 13.40 -33.22
CA VAL D 81 17.24 12.85 -33.14
C VAL D 81 16.95 12.36 -31.71
N GLY D 82 17.88 12.67 -30.80
CA GLY D 82 17.66 12.45 -29.39
C GLY D 82 17.32 13.79 -28.74
N LEU D 83 17.19 13.79 -27.42
CA LEU D 83 16.88 15.02 -26.70
C LEU D 83 18.01 16.01 -26.88
N SER D 84 19.24 15.52 -26.70
CA SER D 84 20.41 16.35 -26.79
C SER D 84 20.48 17.11 -28.13
N ASP D 85 20.77 18.40 -28.07
CA ASP D 85 20.89 19.23 -29.27
C ASP D 85 22.37 19.38 -29.62
N PHE D 86 22.76 18.88 -30.79
CA PHE D 86 24.18 18.86 -31.21
C PHE D 86 24.76 20.24 -31.48
N LYS D 87 23.93 21.15 -31.98
CA LYS D 87 24.42 22.49 -32.26
C LYS D 87 24.76 23.24 -30.98
N LYS D 88 24.63 22.57 -29.84
CA LYS D 88 24.85 23.20 -28.54
C LYS D 88 25.49 22.24 -27.53
N GLU D 89 25.53 20.96 -27.87
CA GLU D 89 26.09 19.93 -26.99
C GLU D 89 27.03 18.99 -27.74
N LYS D 90 27.93 18.36 -27.00
CA LYS D 90 28.81 17.35 -27.58
C LYS D 90 28.14 15.96 -27.57
N PRO D 91 27.81 15.46 -28.76
CA PRO D 91 27.26 14.11 -28.93
C PRO D 91 28.00 13.10 -28.08
N TRP D 92 27.30 12.08 -27.57
CA TRP D 92 27.93 11.03 -26.77
C TRP D 92 28.86 10.15 -27.62
N ARG D 93 28.63 10.15 -28.92
CA ARG D 93 29.52 9.52 -29.89
C ARG D 93 29.45 10.31 -31.20
N PRO D 94 30.33 9.99 -32.16
CA PRO D 94 30.20 10.73 -33.42
C PRO D 94 28.82 10.48 -34.06
N PRO D 95 28.04 11.54 -34.28
CA PRO D 95 26.68 11.48 -34.85
C PRO D 95 26.58 10.48 -36.01
N SER D 96 25.48 9.74 -36.12
CA SER D 96 25.30 8.83 -37.25
C SER D 96 25.51 9.56 -38.57
N LEU D 97 26.16 8.90 -39.53
CA LEU D 97 26.33 9.47 -40.87
C LEU D 97 25.01 9.53 -41.61
N ILE D 98 24.14 8.57 -41.29
CA ILE D 98 22.86 8.48 -41.98
C ILE D 98 21.71 9.06 -41.16
N LEU D 99 21.56 8.59 -39.93
CA LEU D 99 20.40 8.96 -39.10
C LEU D 99 20.37 10.44 -38.76
N GLU D 100 21.53 11.00 -38.48
CA GLU D 100 21.62 12.38 -38.04
C GLU D 100 22.28 13.29 -39.08
N ALA D 101 21.91 13.08 -40.34
CA ALA D 101 22.32 13.94 -41.43
C ALA D 101 21.09 14.32 -42.23
N ASP D 102 21.06 15.56 -42.71
CA ASP D 102 19.94 16.03 -43.51
C ASP D 102 20.30 15.93 -44.98
N PRO D 103 19.28 15.80 -45.85
CA PRO D 103 19.61 15.98 -47.27
C PRO D 103 20.26 17.37 -47.38
N PRO D 104 21.24 17.53 -48.27
CA PRO D 104 21.66 16.53 -49.26
C PRO D 104 22.77 15.58 -48.76
N ALA D 105 23.56 15.99 -47.77
CA ALA D 105 24.61 15.13 -47.25
C ALA D 105 24.15 13.70 -46.94
N HIS D 106 22.87 13.54 -46.63
CA HIS D 106 22.30 12.27 -46.21
C HIS D 106 22.08 11.28 -47.36
N THR D 107 21.98 11.80 -48.59
CA THR D 107 21.49 10.99 -49.70
C THR D 107 22.45 9.89 -50.13
N ARG D 108 23.74 10.18 -50.06
CA ARG D 108 24.76 9.24 -50.49
C ARG D 108 24.80 8.01 -49.57
N PRO D 109 25.13 8.20 -48.27
CA PRO D 109 25.12 7.02 -47.37
C PRO D 109 23.77 6.31 -47.36
N ARG D 110 22.69 7.05 -47.56
CA ARG D 110 21.38 6.41 -47.64
C ARG D 110 21.31 5.47 -48.84
N ALA D 111 21.85 5.91 -49.96
CA ALA D 111 21.79 5.12 -51.19
C ALA D 111 22.56 3.80 -51.09
N VAL D 112 23.71 3.84 -50.42
CA VAL D 112 24.51 2.63 -50.21
C VAL D 112 23.75 1.58 -49.39
N LEU D 113 23.37 1.93 -48.16
CA LEU D 113 22.60 1.02 -47.33
C LEU D 113 21.36 0.55 -48.07
N SER D 114 20.71 1.46 -48.76
CA SER D 114 19.50 1.11 -49.50
C SER D 114 19.78 0.00 -50.51
N LYS D 115 20.92 0.08 -51.20
CA LYS D 115 21.24 -0.90 -52.23
C LYS D 115 21.63 -2.23 -51.58
N VAL D 116 22.38 -2.14 -50.49
CA VAL D 116 22.78 -3.33 -49.73
C VAL D 116 21.58 -4.10 -49.15
N LEU D 117 20.53 -3.39 -48.77
CA LEU D 117 19.40 -4.04 -48.12
C LEU D 117 18.20 -4.01 -49.05
N SER D 118 18.48 -4.12 -50.34
CA SER D 118 17.46 -4.00 -51.39
C SER D 118 16.54 -5.20 -51.45
N PRO D 119 15.47 -5.09 -52.24
CA PRO D 119 14.60 -6.25 -52.47
C PRO D 119 15.40 -7.40 -53.09
N ALA D 120 16.22 -7.08 -54.09
CA ALA D 120 17.04 -8.08 -54.75
C ALA D 120 17.90 -8.87 -53.76
N THR D 121 18.56 -8.16 -52.85
CA THR D 121 19.35 -8.79 -51.79
C THR D 121 18.50 -9.70 -50.89
N MET D 122 17.24 -9.34 -50.69
CA MET D 122 16.35 -10.11 -49.81
C MET D 122 15.99 -11.45 -50.44
N LYS D 123 15.85 -11.46 -51.76
CA LYS D 123 15.55 -12.67 -52.50
C LYS D 123 16.66 -13.71 -52.34
N THR D 124 17.90 -13.25 -52.16
CA THR D 124 19.05 -14.15 -52.07
C THR D 124 19.34 -14.68 -50.66
N ILE D 125 18.61 -14.17 -49.66
CA ILE D 125 18.79 -14.67 -48.30
C ILE D 125 17.45 -15.16 -47.77
N ARG D 126 16.41 -15.02 -48.60
CA ARG D 126 15.06 -15.39 -48.21
C ARG D 126 14.93 -16.85 -47.73
N ASP D 127 15.49 -17.78 -48.51
CA ASP D 127 15.31 -19.21 -48.24
C ASP D 127 16.07 -19.65 -47.00
N GLY D 128 17.28 -19.15 -46.82
CA GLY D 128 18.02 -19.39 -45.59
C GLY D 128 17.24 -18.91 -44.38
N PHE D 129 16.73 -17.69 -44.44
CA PHE D 129 15.98 -17.13 -43.33
C PHE D 129 14.73 -17.93 -43.03
N ALA D 130 14.03 -18.35 -44.08
CA ALA D 130 12.83 -19.14 -43.87
C ALA D 130 13.19 -20.49 -43.26
N ALA D 131 14.23 -21.12 -43.80
CA ALA D 131 14.67 -22.41 -43.27
C ALA D 131 15.00 -22.30 -41.77
N ALA D 132 15.77 -21.27 -41.41
CA ALA D 132 16.18 -21.09 -40.01
C ALA D 132 15.01 -20.75 -39.09
N ALA D 133 13.91 -20.29 -39.69
CA ALA D 133 12.68 -20.01 -38.95
C ALA D 133 11.87 -21.28 -38.72
N ASP D 134 11.60 -22.02 -39.79
CA ASP D 134 10.95 -23.31 -39.66
C ASP D 134 11.70 -24.21 -38.68
N ALA D 135 13.03 -24.17 -38.74
CA ALA D 135 13.86 -25.00 -37.86
C ALA D 135 13.76 -24.57 -36.40
N LYS D 136 13.70 -23.26 -36.16
CA LYS D 136 13.56 -22.76 -34.80
C LYS D 136 12.17 -23.06 -34.22
N VAL D 137 11.13 -22.94 -35.05
CA VAL D 137 9.77 -23.21 -34.60
C VAL D 137 9.61 -24.68 -34.21
N ASP D 138 10.21 -25.58 -35.00
CA ASP D 138 10.26 -27.01 -34.66
C ASP D 138 10.97 -27.28 -33.34
N GLU D 139 12.13 -26.67 -33.13
CA GLU D 139 12.86 -26.80 -31.87
C GLU D 139 12.01 -26.41 -30.67
N LEU D 140 11.27 -25.32 -30.83
CA LEU D 140 10.46 -24.77 -29.75
C LEU D 140 9.22 -25.63 -29.42
N LEU D 141 8.57 -26.17 -30.45
CA LEU D 141 7.44 -27.07 -30.25
C LEU D 141 7.83 -28.35 -29.47
N GLN D 142 9.08 -28.79 -29.59
CA GLN D 142 9.63 -29.88 -28.78
C GLN D 142 9.61 -29.54 -27.28
N ARG D 143 10.02 -28.32 -26.97
CA ARG D 143 10.07 -27.88 -25.57
C ARG D 143 8.68 -27.53 -25.05
N GLY D 144 7.81 -27.09 -25.95
CA GLY D 144 6.43 -26.78 -25.59
C GLY D 144 6.27 -25.50 -24.79
N CYS D 145 6.96 -25.42 -23.66
CA CYS D 145 6.88 -24.24 -22.79
C CYS D 145 8.20 -23.47 -22.86
N ILE D 146 8.15 -22.32 -23.53
CA ILE D 146 9.34 -21.56 -23.87
C ILE D 146 9.17 -20.11 -23.41
N ASP D 147 10.28 -19.38 -23.33
CA ASP D 147 10.21 -17.92 -23.15
C ASP D 147 10.25 -17.32 -24.55
N ALA D 148 9.15 -16.71 -24.97
CA ALA D 148 9.04 -16.26 -26.36
C ALA D 148 10.04 -15.15 -26.70
N ILE D 149 10.63 -14.55 -25.67
CA ILE D 149 11.70 -13.58 -25.85
C ILE D 149 13.07 -14.24 -26.05
N ALA D 150 13.67 -14.70 -24.96
CA ALA D 150 15.00 -15.30 -25.01
C ALA D 150 15.10 -16.39 -26.07
N ASP D 151 14.04 -17.19 -26.23
CA ASP D 151 14.11 -18.39 -27.06
C ASP D 151 13.54 -18.21 -28.47
N LEU D 152 12.80 -17.14 -28.70
CA LEU D 152 12.24 -16.92 -30.03
C LEU D 152 12.60 -15.53 -30.60
N ALA D 153 12.15 -14.48 -29.91
CA ALA D 153 12.35 -13.11 -30.40
C ALA D 153 13.79 -12.62 -30.33
N GLU D 154 14.56 -13.14 -29.38
CA GLU D 154 15.99 -12.88 -29.37
C GLU D 154 16.72 -13.92 -30.20
N ALA D 155 16.45 -15.18 -29.90
CA ALA D 155 17.18 -16.29 -30.50
C ALA D 155 17.25 -16.25 -32.02
N TYR D 156 16.10 -16.06 -32.67
CA TYR D 156 16.04 -16.14 -34.13
C TYR D 156 16.85 -15.04 -34.82
N PRO D 157 16.67 -13.77 -34.40
CA PRO D 157 17.46 -12.72 -35.06
C PRO D 157 18.97 -12.88 -34.83
N LEU D 158 19.39 -13.31 -33.66
CA LEU D 158 20.82 -13.52 -33.39
C LEU D 158 21.44 -14.64 -34.26
N SER D 159 20.61 -15.58 -34.69
CA SER D 159 21.12 -16.67 -35.51
C SER D 159 21.08 -16.37 -37.03
N VAL D 160 20.34 -15.35 -37.45
CA VAL D 160 20.31 -15.02 -38.87
C VAL D 160 20.96 -13.69 -39.21
N PHE D 161 20.69 -12.67 -38.38
CA PHE D 161 21.13 -11.31 -38.69
C PHE D 161 22.64 -11.13 -38.60
N PRO D 162 23.25 -11.48 -37.46
CA PRO D 162 24.71 -11.34 -37.37
C PRO D 162 25.42 -12.18 -38.44
N ASP D 163 24.80 -13.30 -38.82
CA ASP D 163 25.33 -14.13 -39.91
C ASP D 163 25.24 -13.37 -41.22
N ALA D 164 24.07 -12.78 -41.49
CA ALA D 164 23.88 -12.06 -42.74
C ALA D 164 24.74 -10.81 -42.77
N MET D 165 25.16 -10.36 -41.59
CA MET D 165 26.08 -9.23 -41.50
C MET D 165 27.50 -9.63 -41.89
N GLY D 166 27.78 -10.93 -41.78
CA GLY D 166 29.12 -11.48 -42.00
C GLY D 166 29.98 -11.32 -40.76
N LEU D 167 29.34 -11.33 -39.59
CA LEU D 167 30.02 -11.12 -38.31
C LEU D 167 30.69 -12.38 -37.76
N LYS D 168 31.72 -12.20 -36.94
CA LYS D 168 32.35 -13.31 -36.25
C LYS D 168 31.41 -13.87 -35.16
N GLN D 169 31.61 -15.13 -34.80
CA GLN D 169 30.81 -15.80 -33.76
C GLN D 169 31.14 -15.31 -32.35
N GLU D 170 32.42 -15.10 -32.09
CA GLU D 170 32.87 -14.67 -30.76
C GLU D 170 32.52 -13.22 -30.49
N GLY D 171 31.91 -12.99 -29.33
CA GLY D 171 31.63 -11.63 -28.87
C GLY D 171 30.24 -11.14 -29.21
N ARG D 172 29.46 -12.01 -29.87
CA ARG D 172 28.10 -11.66 -30.26
C ARG D 172 27.21 -11.30 -29.06
N GLU D 173 27.66 -11.61 -27.85
CA GLU D 173 26.89 -11.29 -26.65
C GLU D 173 26.79 -9.77 -26.45
N HIS D 174 27.68 -9.04 -27.12
CA HIS D 174 27.78 -7.59 -26.96
C HIS D 174 26.71 -6.84 -27.74
N LEU D 175 26.04 -7.55 -28.64
CA LEU D 175 25.16 -6.91 -29.63
C LEU D 175 23.92 -6.26 -29.04
N LEU D 176 23.13 -7.05 -28.32
CA LEU D 176 21.93 -6.52 -27.67
C LEU D 176 22.23 -5.37 -26.72
N PRO D 177 23.17 -5.57 -25.78
CA PRO D 177 23.45 -4.45 -24.90
C PRO D 177 23.92 -3.21 -25.67
N TYR D 178 24.67 -3.40 -26.76
CA TYR D 178 25.15 -2.26 -27.55
C TYR D 178 23.98 -1.46 -28.11
N ALA D 179 23.07 -2.16 -28.79
CA ALA D 179 21.85 -1.57 -29.31
C ALA D 179 21.02 -0.85 -28.23
N GLY D 180 20.79 -1.52 -27.11
CA GLY D 180 20.07 -0.89 -26.00
C GLY D 180 20.71 0.42 -25.57
N LEU D 181 22.03 0.42 -25.50
CA LEU D 181 22.78 1.61 -25.17
C LEU D 181 22.47 2.71 -26.17
N VAL D 182 22.45 2.35 -27.45
CA VAL D 182 22.17 3.34 -28.49
C VAL D 182 20.78 3.93 -28.31
N PHE D 183 19.77 3.07 -28.24
CA PHE D 183 18.41 3.57 -28.09
C PHE D 183 18.14 4.28 -26.77
N ASN D 184 18.80 3.86 -25.68
CA ASN D 184 18.68 4.60 -24.43
C ASN D 184 19.38 5.94 -24.51
N ALA D 185 20.35 6.06 -25.42
CA ALA D 185 21.14 7.28 -25.55
C ALA D 185 20.33 8.43 -26.18
N PHE D 186 19.29 8.07 -26.92
CA PHE D 186 18.40 9.08 -27.50
C PHE D 186 17.60 9.80 -26.43
N GLY D 187 17.45 9.17 -25.28
CA GLY D 187 16.58 9.68 -24.25
C GLY D 187 17.20 10.80 -23.44
N PRO D 188 16.47 11.26 -22.40
CA PRO D 188 16.98 12.31 -21.53
C PRO D 188 18.05 11.71 -20.65
N PRO D 189 18.81 12.56 -19.96
CA PRO D 189 19.79 12.06 -19.00
C PRO D 189 19.06 11.54 -17.75
N ASN D 190 18.60 10.30 -17.83
CA ASN D 190 17.98 9.62 -16.70
C ASN D 190 18.81 8.38 -16.37
N GLU D 191 18.39 7.63 -15.35
CA GLU D 191 19.15 6.48 -14.89
C GLU D 191 19.37 5.43 -15.99
N LEU D 192 18.40 5.29 -16.88
CA LEU D 192 18.51 4.32 -17.98
C LEU D 192 19.62 4.72 -18.94
N ARG D 193 19.70 6.01 -19.24
CA ARG D 193 20.70 6.53 -20.15
C ARG D 193 22.09 6.45 -19.52
N GLN D 194 22.25 7.14 -18.39
CA GLN D 194 23.58 7.28 -17.79
C GLN D 194 24.20 5.95 -17.38
N THR D 195 23.40 5.05 -16.81
CA THR D 195 23.87 3.69 -16.56
C THR D 195 24.35 3.04 -17.86
N ALA D 196 23.59 3.18 -18.93
CA ALA D 196 23.94 2.62 -20.23
C ALA D 196 25.28 3.16 -20.74
N ILE D 197 25.39 4.48 -20.77
CA ILE D 197 26.61 5.15 -21.20
C ILE D 197 27.76 4.76 -20.30
N GLU D 198 27.45 4.50 -19.04
CA GLU D 198 28.44 4.14 -18.04
C GLU D 198 29.14 2.81 -18.37
N ARG D 199 28.37 1.80 -18.77
CA ARG D 199 28.92 0.47 -19.05
C ARG D 199 29.18 0.22 -20.56
N SER D 200 29.34 1.30 -21.32
CA SER D 200 29.41 1.18 -22.78
C SER D 200 30.75 0.69 -23.36
N ALA D 201 31.87 1.23 -22.89
CA ALA D 201 33.18 0.99 -23.52
C ALA D 201 33.39 -0.41 -24.14
N PRO D 202 33.27 -1.48 -23.35
CA PRO D 202 33.53 -2.82 -23.92
C PRO D 202 32.58 -3.21 -25.06
N HIS D 203 31.37 -2.65 -25.09
CA HIS D 203 30.43 -2.95 -26.17
C HIS D 203 30.81 -2.22 -27.45
N GLN D 204 31.16 -0.94 -27.32
CA GLN D 204 31.59 -0.12 -28.45
C GLN D 204 32.88 -0.68 -29.02
N ALA D 205 33.86 -0.88 -28.15
CA ALA D 205 35.13 -1.49 -28.55
C ALA D 205 34.91 -2.74 -29.39
N TYR D 206 34.00 -3.61 -28.96
CA TYR D 206 33.74 -4.85 -29.70
C TYR D 206 33.13 -4.57 -31.05
N VAL D 207 32.18 -3.63 -31.07
CA VAL D 207 31.45 -3.27 -32.28
C VAL D 207 32.39 -2.58 -33.25
N ASN D 208 33.06 -1.54 -32.76
CA ASN D 208 34.05 -0.83 -33.55
C ASN D 208 35.02 -1.77 -34.29
N GLU D 209 35.49 -2.81 -33.60
CA GLU D 209 36.36 -3.82 -34.20
C GLU D 209 35.65 -4.60 -35.30
N GLN D 210 34.40 -5.00 -35.05
CA GLN D 210 33.69 -5.84 -36.00
C GLN D 210 33.33 -5.09 -37.27
N CYS D 211 33.35 -3.77 -37.21
CA CYS D 211 32.96 -2.95 -38.35
C CYS D 211 34.05 -2.85 -39.43
N GLN D 212 35.30 -3.12 -39.03
CA GLN D 212 36.45 -3.05 -39.93
C GLN D 212 36.43 -4.15 -41.00
N ARG D 213 36.84 -3.78 -42.22
CA ARG D 213 36.73 -4.62 -43.41
C ARG D 213 37.28 -6.06 -43.33
N PRO D 214 38.43 -6.25 -42.65
CA PRO D 214 38.99 -7.61 -42.56
C PRO D 214 38.07 -8.57 -41.82
N ASN D 215 37.31 -8.04 -40.84
CA ASN D 215 36.55 -8.87 -39.92
C ASN D 215 35.12 -9.20 -40.37
N LEU D 216 34.81 -8.88 -41.62
CA LEU D 216 33.46 -9.12 -42.14
C LEU D 216 33.51 -10.14 -43.26
N ALA D 217 32.83 -11.28 -43.07
CA ALA D 217 32.83 -12.35 -44.07
C ALA D 217 32.41 -11.85 -45.46
N PRO D 218 32.95 -12.48 -46.52
CA PRO D 218 32.55 -12.09 -47.88
C PRO D 218 31.07 -12.35 -48.14
N GLY D 219 30.43 -11.45 -48.89
CA GLY D 219 29.04 -11.62 -49.28
C GLY D 219 28.03 -11.15 -48.25
N GLY D 220 28.53 -10.74 -47.08
CA GLY D 220 27.68 -10.24 -46.02
C GLY D 220 27.34 -8.77 -46.20
N PHE D 221 26.39 -8.27 -45.42
CA PHE D 221 26.00 -6.86 -45.49
C PHE D 221 27.21 -5.97 -45.29
N GLY D 222 28.06 -6.36 -44.35
CA GLY D 222 29.23 -5.57 -43.99
C GLY D 222 30.30 -5.53 -45.07
N ALA D 223 30.46 -6.64 -45.79
CA ALA D 223 31.45 -6.67 -46.86
C ALA D 223 30.90 -5.95 -48.08
N CYS D 224 29.60 -6.08 -48.30
CA CYS D 224 28.97 -5.40 -49.44
C CYS D 224 29.07 -3.90 -49.30
N ILE D 225 28.89 -3.41 -48.07
CA ILE D 225 29.01 -1.99 -47.80
C ILE D 225 30.42 -1.59 -48.19
N HIS D 226 31.40 -2.28 -47.61
CA HIS D 226 32.80 -1.98 -47.85
C HIS D 226 33.14 -2.03 -49.34
N ALA D 227 32.43 -2.87 -50.09
CA ALA D 227 32.65 -2.97 -51.54
C ALA D 227 32.45 -1.63 -52.23
N PHE D 228 31.69 -0.74 -51.57
CA PHE D 228 31.39 0.56 -52.14
C PHE D 228 32.57 1.53 -52.08
N THR D 229 33.51 1.28 -51.17
CA THR D 229 34.70 2.13 -51.13
C THR D 229 35.45 2.00 -52.46
N ASP D 230 35.37 0.80 -53.05
CA ASP D 230 36.07 0.45 -54.28
C ASP D 230 35.65 1.28 -55.49
N THR D 231 34.35 1.52 -55.62
CA THR D 231 33.83 2.29 -56.75
C THR D 231 33.75 3.79 -56.43
N GLY D 232 34.09 4.16 -55.20
CA GLY D 232 34.12 5.56 -54.80
C GLY D 232 32.85 6.15 -54.20
N GLU D 233 31.77 5.37 -54.06
CA GLU D 233 30.55 5.89 -53.42
C GLU D 233 30.86 6.47 -52.05
N ILE D 234 31.66 5.76 -51.27
CA ILE D 234 31.98 6.20 -49.91
C ILE D 234 33.48 6.07 -49.63
N THR D 235 33.96 6.76 -48.60
CA THR D 235 35.38 6.70 -48.23
C THR D 235 35.64 5.52 -47.29
N PRO D 236 36.92 5.17 -47.10
CA PRO D 236 37.24 4.06 -46.21
C PRO D 236 36.89 4.35 -44.75
N ASP D 237 36.82 5.63 -44.40
CA ASP D 237 36.45 6.00 -43.03
C ASP D 237 34.95 5.95 -42.80
N GLU D 238 34.19 6.09 -43.89
CA GLU D 238 32.73 6.02 -43.85
C GLU D 238 32.23 4.58 -43.82
N ALA D 239 32.97 3.67 -44.45
CA ALA D 239 32.54 2.28 -44.52
C ALA D 239 32.22 1.65 -43.13
N PRO D 240 33.15 1.77 -42.16
CA PRO D 240 32.90 1.22 -40.81
C PRO D 240 31.69 1.84 -40.12
N LEU D 241 31.49 3.15 -40.31
CA LEU D 241 30.39 3.85 -39.69
C LEU D 241 29.07 3.35 -40.23
N LEU D 242 29.02 3.07 -41.53
CA LEU D 242 27.81 2.55 -42.13
C LEU D 242 27.50 1.14 -41.61
N VAL D 243 28.53 0.35 -41.40
CA VAL D 243 28.35 -0.98 -40.82
C VAL D 243 27.85 -0.84 -39.38
N ARG D 244 28.32 0.19 -38.67
CA ARG D 244 27.89 0.44 -37.30
C ARG D 244 26.40 0.75 -37.25
N SER D 245 25.91 1.52 -38.21
CA SER D 245 24.49 1.81 -38.33
C SER D 245 23.63 0.55 -38.26
N LEU D 246 24.00 -0.47 -39.02
CA LEU D 246 23.19 -1.68 -39.07
C LEU D 246 23.26 -2.46 -37.77
N LEU D 247 24.41 -2.42 -37.11
CA LEU D 247 24.53 -3.08 -35.80
C LEU D 247 23.68 -2.35 -34.75
N SER D 248 23.81 -1.03 -34.70
CA SER D 248 23.03 -0.20 -33.78
C SER D 248 21.52 -0.39 -33.94
N ALA D 249 21.03 -0.30 -35.17
CA ALA D 249 19.61 -0.16 -35.42
C ALA D 249 18.88 -1.46 -35.79
N GLY D 250 19.64 -2.49 -36.13
CA GLY D 250 19.05 -3.63 -36.82
C GLY D 250 18.65 -4.83 -35.98
N LEU D 251 19.11 -4.90 -34.73
CA LEU D 251 18.88 -6.10 -33.94
C LEU D 251 17.80 -5.94 -32.86
N ASP D 252 18.04 -5.04 -31.91
CA ASP D 252 17.09 -4.77 -30.85
C ASP D 252 15.68 -4.55 -31.38
N THR D 253 15.57 -3.72 -32.42
CA THR D 253 14.29 -3.34 -32.97
C THR D 253 13.51 -4.54 -33.51
N THR D 254 14.18 -5.41 -34.23
CA THR D 254 13.54 -6.62 -34.76
C THR D 254 13.18 -7.61 -33.64
N VAL D 255 14.02 -7.70 -32.61
CA VAL D 255 13.71 -8.51 -31.45
C VAL D 255 12.33 -8.11 -30.96
N ASN D 256 12.14 -6.82 -30.75
CA ASN D 256 10.86 -6.30 -30.24
C ASN D 256 9.72 -6.45 -31.22
N GLY D 257 10.01 -6.25 -32.51
CA GLY D 257 9.01 -6.46 -33.55
C GLY D 257 8.43 -7.86 -33.49
N ILE D 258 9.31 -8.84 -33.37
CA ILE D 258 8.91 -10.24 -33.36
C ILE D 258 8.22 -10.64 -32.05
N GLY D 259 8.74 -10.15 -30.93
CA GLY D 259 8.16 -10.49 -29.64
C GLY D 259 6.77 -9.89 -29.57
N ALA D 260 6.67 -8.65 -30.00
CA ALA D 260 5.40 -7.96 -30.13
C ALA D 260 4.41 -8.82 -30.91
N ALA D 261 4.82 -9.27 -32.10
CA ALA D 261 4.00 -10.10 -32.96
C ALA D 261 3.42 -11.31 -32.22
N VAL D 262 4.30 -12.00 -31.48
CA VAL D 262 3.92 -13.18 -30.71
C VAL D 262 2.97 -12.82 -29.57
N TYR D 263 3.31 -11.75 -28.85
CA TYR D 263 2.41 -11.22 -27.83
C TYR D 263 1.02 -10.94 -28.39
N CYS D 264 0.98 -10.25 -29.53
CA CYS D 264 -0.29 -9.92 -30.21
C CYS D 264 -1.11 -11.16 -30.57
N LEU D 265 -0.43 -12.23 -31.00
CA LEU D 265 -1.14 -13.43 -31.42
C LEU D 265 -1.65 -14.24 -30.23
N ALA D 266 -1.01 -14.08 -29.08
CA ALA D 266 -1.45 -14.73 -27.84
C ALA D 266 -2.69 -14.05 -27.27
N ARG D 267 -2.69 -12.71 -27.30
CA ARG D 267 -3.79 -11.92 -26.76
C ARG D 267 -4.96 -11.77 -27.72
N PHE D 268 -4.71 -11.96 -29.02
CA PHE D 268 -5.79 -11.96 -30.01
C PHE D 268 -5.84 -13.30 -30.73
N PRO D 269 -6.18 -14.39 -30.02
CA PRO D 269 -6.02 -15.71 -30.65
C PRO D 269 -6.89 -15.94 -31.89
N GLY D 270 -8.03 -15.26 -32.01
CA GLY D 270 -8.83 -15.36 -33.22
C GLY D 270 -8.01 -14.96 -34.44
N GLU D 271 -7.05 -14.07 -34.23
CA GLU D 271 -6.16 -13.63 -35.29
C GLU D 271 -5.13 -14.68 -35.63
N LEU D 272 -4.63 -15.40 -34.62
CA LEU D 272 -3.71 -16.50 -34.89
C LEU D 272 -4.37 -17.49 -35.84
N GLN D 273 -5.65 -17.78 -35.58
CA GLN D 273 -6.44 -18.71 -36.38
C GLN D 273 -6.71 -18.22 -37.81
N ARG D 274 -6.98 -16.92 -37.97
CA ARG D 274 -7.16 -16.35 -39.31
C ARG D 274 -5.88 -16.51 -40.12
N LEU D 275 -4.74 -16.38 -39.43
CA LEU D 275 -3.42 -16.54 -40.04
C LEU D 275 -3.13 -17.99 -40.36
N ARG D 276 -3.58 -18.89 -39.49
CA ARG D 276 -3.47 -20.31 -39.74
C ARG D 276 -4.31 -20.69 -40.97
N SER D 277 -5.49 -20.09 -41.09
CA SER D 277 -6.33 -20.28 -42.29
C SER D 277 -5.69 -19.73 -43.57
N ASP D 278 -4.98 -18.61 -43.45
CA ASP D 278 -4.34 -18.01 -44.63
C ASP D 278 -2.94 -17.53 -44.27
N PRO D 279 -1.96 -18.43 -44.37
CA PRO D 279 -0.59 -18.10 -43.98
C PRO D 279 0.04 -17.00 -44.84
N THR D 280 -0.57 -16.64 -45.98
CA THR D 280 -0.06 -15.55 -46.82
C THR D 280 -0.25 -14.19 -46.14
N LEU D 281 -0.99 -14.20 -45.02
CA LEU D 281 -1.19 -13.01 -44.21
C LEU D 281 -0.01 -12.77 -43.26
N ALA D 282 0.91 -13.73 -43.20
CA ALA D 282 2.12 -13.62 -42.39
C ALA D 282 2.73 -12.22 -42.38
N ARG D 283 2.96 -11.68 -43.58
CA ARG D 283 3.72 -10.43 -43.75
C ARG D 283 2.96 -9.21 -43.23
N ASN D 284 1.68 -9.12 -43.57
CA ASN D 284 0.86 -8.03 -43.08
C ASN D 284 0.52 -8.21 -41.58
N ALA D 285 0.54 -9.46 -41.12
CA ALA D 285 0.36 -9.74 -39.71
C ALA D 285 1.49 -9.11 -38.92
N PHE D 286 2.70 -9.24 -39.44
CA PHE D 286 3.86 -8.65 -38.77
C PHE D 286 3.85 -7.13 -38.85
N GLU D 287 3.39 -6.60 -39.98
CA GLU D 287 3.33 -5.16 -40.19
C GLU D 287 2.33 -4.51 -39.21
N GLU D 288 1.24 -5.23 -38.94
CA GLU D 288 0.23 -4.78 -37.98
C GLU D 288 0.73 -4.86 -36.54
N ALA D 289 1.67 -5.75 -36.26
CA ALA D 289 2.27 -5.84 -34.94
C ALA D 289 3.22 -4.66 -34.72
N VAL D 290 3.81 -4.18 -35.82
CA VAL D 290 4.65 -2.98 -35.76
C VAL D 290 3.80 -1.74 -35.51
N ARG D 291 2.66 -1.64 -36.19
CA ARG D 291 1.73 -0.53 -35.91
C ARG D 291 1.21 -0.59 -34.50
N PHE D 292 0.88 -1.80 -34.03
CA PHE D 292 0.22 -1.97 -32.74
C PHE D 292 1.14 -1.73 -31.56
N GLU D 293 2.39 -2.17 -31.65
CA GLU D 293 3.35 -1.98 -30.57
C GLU D 293 4.42 -0.91 -30.80
N SER D 294 4.72 -0.61 -32.06
CA SER D 294 5.73 0.42 -32.37
C SER D 294 6.98 0.26 -31.52
N PRO D 295 7.78 -0.77 -31.80
CA PRO D 295 9.03 -1.02 -31.08
C PRO D 295 9.84 0.24 -30.89
N VAL D 296 9.98 1.07 -31.92
CA VAL D 296 10.55 2.39 -31.74
C VAL D 296 9.41 3.35 -31.45
N GLN D 297 9.42 3.92 -30.24
CA GLN D 297 8.28 4.70 -29.72
C GLN D 297 8.37 6.17 -30.06
N THR D 298 9.55 6.74 -29.95
CA THR D 298 9.73 8.19 -30.03
C THR D 298 11.03 8.60 -30.73
N PHE D 299 11.04 9.82 -31.28
CA PHE D 299 12.23 10.43 -31.89
C PHE D 299 12.06 11.93 -31.91
N PHE D 300 13.17 12.66 -31.86
CA PHE D 300 13.13 14.11 -31.96
C PHE D 300 13.46 14.62 -33.35
N ARG D 301 13.00 15.83 -33.65
CA ARG D 301 13.55 16.64 -34.73
C ARG D 301 13.88 17.98 -34.08
N THR D 302 14.63 18.82 -34.78
CA THR D 302 14.89 20.18 -34.30
C THR D 302 14.45 21.18 -35.36
N THR D 303 13.69 22.19 -34.97
CA THR D 303 13.26 23.21 -35.93
C THR D 303 14.46 24.02 -36.39
N THR D 304 14.47 24.42 -37.67
CA THR D 304 15.55 25.23 -38.24
C THR D 304 15.03 26.60 -38.64
N ARG D 305 13.72 26.79 -38.49
CA ARG D 305 13.11 28.10 -38.65
C ARG D 305 11.89 28.13 -37.73
N GLU D 306 11.21 29.27 -37.68
CA GLU D 306 9.92 29.36 -37.02
C GLU D 306 8.92 28.68 -37.94
N VAL D 307 7.98 27.94 -37.38
CA VAL D 307 7.03 27.18 -38.21
C VAL D 307 5.66 27.05 -37.56
N GLU D 308 4.64 27.07 -38.39
CA GLU D 308 3.28 26.79 -37.94
C GLU D 308 2.95 25.32 -38.17
N LEU D 309 2.26 24.71 -37.21
CA LEU D 309 1.97 23.29 -37.27
C LEU D 309 0.61 23.05 -36.62
N GLY D 310 -0.37 22.70 -37.44
CA GLY D 310 -1.73 22.51 -36.94
C GLY D 310 -2.33 23.79 -36.39
N GLY D 311 -1.57 24.88 -36.44
CA GLY D 311 -2.07 26.16 -35.96
C GLY D 311 -1.16 26.77 -34.93
N ALA D 312 -0.27 25.94 -34.40
CA ALA D 312 0.61 26.39 -33.33
C ALA D 312 1.93 26.82 -33.92
N VAL D 313 2.53 27.85 -33.34
CA VAL D 313 3.79 28.36 -33.82
C VAL D 313 4.94 27.89 -32.94
N ILE D 314 5.87 27.12 -33.51
CA ILE D 314 7.08 26.75 -32.79
C ILE D 314 8.19 27.64 -33.30
N GLY D 315 9.09 28.06 -32.40
CA GLY D 315 10.22 28.88 -32.79
C GLY D 315 11.40 28.05 -33.29
N GLU D 316 12.35 28.71 -33.94
CA GLU D 316 13.57 28.07 -34.43
C GLU D 316 14.38 27.54 -33.25
N GLY D 317 15.17 26.49 -33.48
CA GLY D 317 16.06 25.97 -32.46
C GLY D 317 15.38 25.09 -31.41
N GLU D 318 14.14 24.69 -31.70
CA GLU D 318 13.33 23.94 -30.74
C GLU D 318 13.23 22.45 -31.04
N LYS D 319 13.56 21.64 -30.03
CA LYS D 319 13.32 20.21 -30.10
C LYS D 319 11.82 19.88 -30.20
N VAL D 320 11.49 18.95 -31.08
CA VAL D 320 10.12 18.49 -31.23
C VAL D 320 10.14 17.00 -31.05
N LEU D 321 9.49 16.51 -30.00
CA LEU D 321 9.42 15.08 -29.76
C LEU D 321 8.23 14.45 -30.46
N MET D 322 8.47 13.41 -31.27
CA MET D 322 7.38 12.72 -31.95
C MET D 322 7.04 11.40 -31.29
N PHE D 323 5.74 11.19 -31.06
CA PHE D 323 5.24 9.96 -30.47
C PHE D 323 4.71 9.07 -31.56
N LEU D 324 5.56 8.17 -32.05
CA LEU D 324 5.21 7.29 -33.16
C LEU D 324 4.17 6.25 -32.76
N GLY D 325 4.29 5.74 -31.55
CA GLY D 325 3.38 4.73 -31.08
C GLY D 325 1.98 5.31 -30.96
N SER D 326 1.94 6.55 -30.48
CA SER D 326 0.70 7.30 -30.38
C SER D 326 0.08 7.50 -31.77
N ALA D 327 0.87 8.06 -32.68
CA ALA D 327 0.40 8.28 -34.05
C ALA D 327 -0.16 7.00 -34.66
N ASN D 328 0.43 5.86 -34.31
CA ASN D 328 -0.05 4.56 -34.76
C ASN D 328 -1.34 4.09 -34.07
N ARG D 329 -1.73 4.76 -32.99
CA ARG D 329 -2.98 4.43 -32.32
C ARG D 329 -3.97 5.58 -32.28
N ASP D 330 -3.83 6.51 -33.21
CA ASP D 330 -4.63 7.72 -33.20
C ASP D 330 -6.00 7.45 -33.81
N PRO D 331 -7.06 7.53 -32.99
CA PRO D 331 -8.38 7.22 -33.56
C PRO D 331 -8.75 8.12 -34.74
N ARG D 332 -8.10 9.29 -34.83
CA ARG D 332 -8.39 10.21 -35.93
C ARG D 332 -7.96 9.63 -37.27
N ARG D 333 -7.21 8.53 -37.22
CA ARG D 333 -6.58 7.93 -38.41
C ARG D 333 -6.92 6.46 -38.60
N TRP D 334 -7.03 5.72 -37.50
CA TRP D 334 -7.24 4.29 -37.51
C TRP D 334 -8.61 3.96 -36.92
N SER D 335 -9.30 3.01 -37.55
CA SER D 335 -10.55 2.48 -37.00
C SER D 335 -10.20 1.40 -35.98
N ASP D 336 -10.79 1.51 -34.80
CA ASP D 336 -10.51 0.58 -33.71
C ASP D 336 -9.00 0.47 -33.52
N PRO D 337 -8.35 1.59 -33.18
CA PRO D 337 -6.88 1.56 -33.15
C PRO D 337 -6.31 0.57 -32.14
N ASP D 338 -7.08 0.25 -31.10
CA ASP D 338 -6.60 -0.67 -30.06
C ASP D 338 -6.91 -2.14 -30.32
N LEU D 339 -7.30 -2.45 -31.56
CA LEU D 339 -7.45 -3.85 -31.97
C LEU D 339 -6.30 -4.28 -32.88
N TYR D 340 -5.82 -5.51 -32.69
CA TYR D 340 -4.83 -6.09 -33.57
C TYR D 340 -5.55 -6.87 -34.67
N ASP D 341 -5.52 -6.33 -35.88
CA ASP D 341 -6.26 -6.90 -36.99
C ASP D 341 -5.32 -7.18 -38.17
N ILE D 342 -5.06 -8.45 -38.44
CA ILE D 342 -4.05 -8.79 -39.44
C ILE D 342 -4.46 -8.48 -40.89
N THR D 343 -5.72 -8.10 -41.10
CA THR D 343 -6.17 -7.68 -42.43
C THR D 343 -6.27 -6.16 -42.55
N ARG D 344 -6.01 -5.45 -41.46
CA ARG D 344 -6.00 -3.99 -41.51
C ARG D 344 -5.15 -3.47 -42.66
N LYS D 345 -5.62 -2.43 -43.34
CA LYS D 345 -4.80 -1.73 -44.33
C LYS D 345 -3.74 -0.97 -43.55
N THR D 346 -2.54 -1.54 -43.43
CA THR D 346 -1.55 -0.97 -42.52
C THR D 346 -0.73 0.11 -43.19
N SER D 347 -0.91 0.24 -44.51
CA SER D 347 -0.17 1.24 -45.27
C SER D 347 -0.32 2.65 -44.70
N GLY D 348 0.79 3.25 -44.30
CA GLY D 348 0.77 4.61 -43.76
C GLY D 348 1.09 4.72 -42.28
N HIS D 349 1.16 3.59 -41.58
CA HIS D 349 1.64 3.61 -40.21
C HIS D 349 3.08 4.15 -40.17
N VAL D 350 3.53 4.59 -39.00
CA VAL D 350 4.83 5.23 -38.90
C VAL D 350 5.80 4.48 -38.00
N GLY D 351 5.59 3.17 -37.82
CA GLY D 351 6.50 2.37 -37.02
C GLY D 351 7.93 2.35 -37.57
N PHE D 352 8.06 2.47 -38.89
CA PHE D 352 9.37 2.57 -39.53
C PHE D 352 9.68 4.03 -39.90
N GLY D 353 8.94 4.98 -39.35
CA GLY D 353 9.11 6.37 -39.73
C GLY D 353 8.45 6.68 -41.06
N SER D 354 8.85 7.78 -41.70
CA SER D 354 8.24 8.20 -42.95
C SER D 354 9.11 9.25 -43.63
N GLY D 355 9.16 9.22 -44.96
CA GLY D 355 9.96 10.19 -45.70
C GLY D 355 11.40 9.75 -45.88
N VAL D 356 12.31 10.72 -45.96
CA VAL D 356 13.68 10.41 -46.42
C VAL D 356 14.50 9.55 -45.47
N HIS D 357 14.07 9.48 -44.21
CA HIS D 357 14.78 8.71 -43.19
C HIS D 357 14.09 7.39 -42.90
N MET D 358 12.96 7.14 -43.56
CA MET D 358 12.20 5.94 -43.29
C MET D 358 13.10 4.71 -43.25
N CYS D 359 12.88 3.85 -42.26
CA CYS D 359 13.79 2.72 -41.96
C CYS D 359 14.41 2.12 -43.23
N VAL D 360 15.73 2.20 -43.34
CA VAL D 360 16.41 1.71 -44.53
C VAL D 360 16.49 0.19 -44.48
N GLY D 361 16.24 -0.38 -43.29
CA GLY D 361 16.35 -1.81 -43.08
C GLY D 361 15.01 -2.51 -42.98
N GLN D 362 13.94 -1.82 -43.37
CA GLN D 362 12.61 -2.37 -43.21
C GLN D 362 12.45 -3.71 -43.94
N LEU D 363 13.02 -3.83 -45.12
CA LEU D 363 12.87 -5.06 -45.90
C LEU D 363 13.45 -6.27 -45.15
N VAL D 364 14.53 -6.04 -44.39
CA VAL D 364 15.09 -7.08 -43.53
C VAL D 364 14.15 -7.40 -42.37
N ALA D 365 13.69 -6.37 -41.67
CA ALA D 365 12.77 -6.57 -40.55
C ALA D 365 11.51 -7.31 -41.01
N ARG D 366 10.91 -6.84 -42.10
CA ARG D 366 9.75 -7.53 -42.68
C ARG D 366 10.06 -8.97 -43.08
N LEU D 367 11.26 -9.21 -43.60
CA LEU D 367 11.64 -10.56 -43.99
C LEU D 367 11.70 -11.47 -42.77
N GLU D 368 12.41 -11.03 -41.72
CA GLU D 368 12.47 -11.77 -40.47
C GLU D 368 11.09 -12.05 -39.93
N GLY D 369 10.28 -11.01 -39.83
CA GLY D 369 8.95 -11.15 -39.29
C GLY D 369 8.06 -12.07 -40.09
N GLU D 370 8.13 -11.96 -41.42
CA GLU D 370 7.25 -12.75 -42.29
C GLU D 370 7.52 -14.24 -42.23
N VAL D 371 8.79 -14.63 -42.21
CA VAL D 371 9.12 -16.07 -42.24
C VAL D 371 8.90 -16.67 -40.86
N MET D 372 9.18 -15.90 -39.83
CA MET D 372 8.90 -16.35 -38.47
C MET D 372 7.40 -16.59 -38.32
N LEU D 373 6.59 -15.64 -38.81
CA LEU D 373 5.14 -15.78 -38.70
C LEU D 373 4.56 -16.78 -39.68
N SER D 374 5.25 -16.98 -40.80
CA SER D 374 4.83 -18.00 -41.76
C SER D 374 5.03 -19.37 -41.14
N ALA D 375 6.12 -19.48 -40.37
CA ALA D 375 6.49 -20.73 -39.72
C ALA D 375 5.56 -21.07 -38.55
N LEU D 376 5.09 -20.04 -37.84
CA LEU D 376 4.11 -20.25 -36.77
C LEU D 376 2.73 -20.58 -37.34
N ALA D 377 2.36 -19.89 -38.42
CA ALA D 377 1.05 -20.09 -39.06
C ALA D 377 0.89 -21.46 -39.71
N ARG D 378 1.98 -22.22 -39.80
CA ARG D 378 1.93 -23.56 -40.38
C ARG D 378 2.20 -24.66 -39.36
N LYS D 379 2.90 -24.34 -38.28
CA LYS D 379 3.37 -25.35 -37.34
C LYS D 379 2.74 -25.27 -35.96
N VAL D 380 2.07 -24.15 -35.66
CA VAL D 380 1.47 -23.97 -34.33
C VAL D 380 -0.03 -23.72 -34.36
N ALA D 381 -0.77 -24.41 -33.48
CA ALA D 381 -2.24 -24.27 -33.39
C ALA D 381 -2.67 -23.24 -32.34
N ALA D 382 -1.81 -22.99 -31.36
CA ALA D 382 -2.15 -22.11 -30.25
C ALA D 382 -0.92 -21.57 -29.56
N ILE D 383 -1.01 -20.32 -29.12
CA ILE D 383 0.03 -19.70 -28.29
C ILE D 383 -0.64 -19.12 -27.05
N ASP D 384 -0.26 -19.63 -25.88
CA ASP D 384 -0.87 -19.19 -24.63
C ASP D 384 0.15 -18.72 -23.64
N ILE D 385 0.01 -17.47 -23.22
CA ILE D 385 0.80 -16.96 -22.12
C ILE D 385 0.55 -17.87 -20.91
N ASP D 386 1.60 -18.29 -20.24
CA ASP D 386 1.47 -19.24 -19.14
C ASP D 386 2.50 -18.96 -18.04
N GLY D 387 2.77 -17.69 -17.82
CA GLY D 387 3.71 -17.28 -16.79
C GLY D 387 3.65 -15.78 -16.70
N PRO D 388 4.27 -15.20 -15.66
CA PRO D 388 4.29 -13.73 -15.55
C PRO D 388 5.00 -13.08 -16.74
N VAL D 389 4.55 -11.88 -17.10
CA VAL D 389 5.14 -11.14 -18.19
C VAL D 389 5.97 -10.01 -17.60
N LYS D 390 7.20 -9.87 -18.09
CA LYS D 390 8.11 -8.81 -17.66
C LYS D 390 8.45 -7.89 -18.82
N ARG D 391 8.49 -6.60 -18.53
CA ARG D 391 8.75 -5.58 -19.53
C ARG D 391 10.22 -5.20 -19.43
N ARG D 392 10.85 -4.94 -20.58
CA ARG D 392 12.17 -4.32 -20.58
C ARG D 392 11.98 -2.82 -20.80
N PHE D 393 12.60 -2.01 -19.95
CA PHE D 393 12.47 -0.57 -20.08
C PHE D 393 13.61 0.00 -20.94
N ASN D 394 13.25 0.92 -21.82
CA ASN D 394 14.22 1.61 -22.67
C ASN D 394 13.66 2.95 -23.08
N ASN D 395 14.47 4.01 -22.98
CA ASN D 395 14.06 5.35 -23.37
C ASN D 395 13.38 5.47 -24.73
N THR D 396 13.68 4.54 -25.64
CA THR D 396 13.18 4.64 -27.00
C THR D 396 12.43 3.39 -27.43
N LEU D 397 12.92 2.23 -27.03
CA LEU D 397 12.30 0.98 -27.43
C LEU D 397 11.26 0.51 -26.42
N ARG D 398 10.23 -0.13 -26.95
CA ARG D 398 9.19 -0.76 -26.16
C ARG D 398 9.16 -2.24 -26.48
N GLY D 399 9.16 -3.06 -25.43
CA GLY D 399 9.11 -4.50 -25.63
C GLY D 399 9.30 -5.24 -24.33
N LEU D 400 9.26 -6.55 -24.42
CA LEU D 400 9.27 -7.40 -23.24
C LEU D 400 10.64 -8.01 -22.93
N GLU D 401 10.93 -8.15 -21.64
CA GLU D 401 12.09 -8.89 -21.20
C GLU D 401 11.75 -10.38 -21.21
N SER D 402 10.55 -10.72 -20.76
CA SER D 402 10.13 -12.12 -20.68
C SER D 402 8.68 -12.34 -21.07
N LEU D 403 8.44 -13.33 -21.92
CA LEU D 403 7.09 -13.66 -22.36
C LEU D 403 6.84 -15.17 -22.31
N PRO D 404 6.61 -15.74 -21.10
CA PRO D 404 6.46 -17.19 -21.01
C PRO D 404 5.19 -17.67 -21.73
N VAL D 405 5.34 -18.52 -22.74
CA VAL D 405 4.19 -19.07 -23.45
C VAL D 405 4.26 -20.59 -23.63
N LYS D 406 3.15 -21.17 -24.08
CA LYS D 406 3.09 -22.57 -24.44
C LYS D 406 2.64 -22.66 -25.88
N LEU D 407 3.40 -23.39 -26.68
CA LEU D 407 3.04 -23.60 -28.08
C LEU D 407 2.39 -24.97 -28.25
N THR D 408 1.19 -24.95 -28.83
CA THR D 408 0.51 -26.19 -29.16
C THR D 408 0.74 -26.50 -30.62
N PRO D 409 1.23 -27.71 -30.90
CA PRO D 409 1.48 -28.15 -32.29
C PRO D 409 0.19 -28.32 -33.08
N ALA D 410 0.29 -28.18 -34.40
CA ALA D 410 -0.88 -28.20 -35.27
C ALA D 410 -1.30 -29.63 -35.60
CHA HEM E . -11.76 21.99 4.61
CHB HEM E . -8.32 24.46 6.94
CHC HEM E . -10.40 23.43 11.20
CHD HEM E . -12.91 19.99 8.92
C1A HEM E . -10.69 22.82 4.83
C2A HEM E . -9.93 23.57 3.84
C3A HEM E . -8.98 24.24 4.50
C4A HEM E . -9.10 23.96 5.92
CMA HEM E . -7.93 25.17 3.88
CAA HEM E . -10.15 23.59 2.31
CBA HEM E . -9.88 22.23 1.67
CGA HEM E . -9.86 22.37 0.16
O1A HEM E . -9.54 21.39 -0.55
O2A HEM E . -10.15 23.48 -0.35
C1B HEM E . -8.62 24.44 8.28
C2B HEM E . -7.97 25.22 9.33
C3B HEM E . -8.52 24.91 10.50
C4B HEM E . -9.57 23.95 10.24
CMB HEM E . -6.79 26.18 9.12
CAB HEM E . -8.20 25.46 11.91
CBB HEM E . -7.42 26.54 12.14
C1C HEM E . -11.29 22.40 10.97
C2C HEM E . -12.17 21.78 11.94
C3C HEM E . -12.86 20.82 11.30
C4C HEM E . -12.45 20.83 9.91
CMC HEM E . -12.25 22.19 13.44
CAC HEM E . -13.94 19.87 11.88
CBC HEM E . -14.44 20.01 13.11
C1D HEM E . -12.85 20.20 7.56
C2D HEM E . -13.51 19.39 6.57
C3D HEM E . -13.18 20.02 5.21
C4D HEM E . -12.32 21.13 5.53
CMD HEM E . -14.39 18.15 6.84
CAD HEM E . -13.62 19.55 3.80
CBD HEM E . -14.63 20.59 3.30
CGD HEM E . -15.16 20.23 1.94
O1D HEM E . -16.28 20.69 1.60
O2D HEM E . -14.47 19.50 1.18
NA HEM E . -10.16 23.09 6.09
NB HEM E . -9.61 23.70 8.88
NC HEM E . -11.49 21.80 9.74
ND HEM E . -12.15 21.21 6.90
FE HEM E . -10.93 22.54 7.86
O1 8ZX F . -8.15 16.99 5.90
C4 8ZX F . -9.31 17.15 5.54
N1 8ZX F . -9.83 18.35 5.26
C1 8ZX F . -10.14 15.91 5.40
C3 8ZX F . -11.46 15.95 4.97
C6 8ZX F . -12.19 14.77 4.82
C7 8ZX F . -11.63 13.52 5.10
O2 8ZX F . -12.37 12.34 4.95
C8 8ZX F . -12.15 11.14 5.68
C5 8ZX F . -10.32 13.48 5.52
C2 8ZX F . -9.58 14.67 5.65
O1 8ZX G . -5.53 1.98 -0.46
C4 8ZX G . -6.58 1.50 -0.04
N1 8ZX G . -6.60 0.70 1.04
C1 8ZX G . -7.87 1.82 -0.72
C3 8ZX G . -9.00 1.14 -0.28
C6 8ZX G . -10.24 1.39 -0.86
C7 8ZX G . -10.36 2.31 -1.88
O2 8ZX G . -11.62 2.51 -2.41
C8 8ZX G . -11.87 3.60 -3.28
C5 8ZX G . -9.23 3.00 -2.34
C2 8ZX G . -7.99 2.75 -1.76
O1 8ZX H . 1.69 14.84 19.90
C4 8ZX H . 1.99 14.20 18.89
N1 8ZX H . 2.51 12.98 18.97
C1 8ZX H . 1.75 14.77 17.51
C3 8ZX H . 2.01 13.99 16.39
C6 8ZX H . 1.79 14.51 15.11
C7 8ZX H . 1.30 15.82 14.94
O2 8ZX H . 1.08 16.31 13.68
C8 8ZX H . 0.96 17.72 13.40
C5 8ZX H . 1.03 16.60 16.07
C2 8ZX H . 1.25 16.08 17.35
CL CL I . -8.08 6.08 7.63
C1 GOL J . -21.26 26.86 6.99
O1 GOL J . -21.20 25.55 6.44
C2 GOL J . -20.32 26.81 8.17
O2 GOL J . -18.98 26.82 7.72
C3 GOL J . -20.68 25.48 8.83
O3 GOL J . -22.08 25.42 9.04
S SO4 K . -6.66 12.98 -18.45
O1 SO4 K . -7.90 13.60 -17.98
O2 SO4 K . -6.28 13.64 -19.70
O3 SO4 K . -6.85 11.54 -18.65
O4 SO4 K . -5.59 13.15 -17.45
S SO4 L . -26.69 12.53 -4.83
O1 SO4 L . -27.68 13.26 -5.64
O2 SO4 L . -26.35 11.28 -5.51
O3 SO4 L . -27.16 12.26 -3.48
O4 SO4 L . -25.49 13.36 -4.72
S SO4 M . -21.98 25.76 3.41
O1 SO4 M . -23.29 26.18 3.91
O2 SO4 M . -21.85 26.12 1.99
O3 SO4 M . -21.88 24.31 3.55
O4 SO4 M . -20.93 26.45 4.15
S SO4 N . -14.49 35.69 -1.28
O1 SO4 N . -14.60 34.98 -2.58
O2 SO4 N . -15.83 35.99 -0.77
O3 SO4 N . -13.77 36.95 -1.48
O4 SO4 N . -13.78 34.80 -0.34
S SO4 O . 4.39 45.15 18.28
O1 SO4 O . 3.27 44.36 18.80
O2 SO4 O . 4.33 45.15 16.81
O3 SO4 O . 4.30 46.52 18.77
O4 SO4 O . 5.67 44.57 18.70
S SO4 P . 6.11 44.41 2.13
O1 SO4 P . 6.52 43.00 2.06
O2 SO4 P . 4.95 44.67 1.27
O3 SO4 P . 5.78 44.76 3.51
O4 SO4 P . 7.24 45.26 1.70
CHA HEM Q . 15.55 2.23 42.55
CHB HEM Q . 14.70 -0.08 38.38
CHC HEM Q . 9.93 0.74 39.04
CHD HEM Q . 11.07 4.14 42.28
C1A HEM Q . 15.74 1.47 41.42
C2A HEM Q . 16.97 0.84 41.03
C3A HEM Q . 16.75 0.20 39.87
C4A HEM Q . 15.36 0.40 39.50
CMA HEM Q . 17.78 -0.61 39.03
CAA HEM Q . 18.29 0.92 41.83
CBA HEM Q . 19.04 2.21 41.55
CGA HEM Q . 20.43 2.15 42.15
O1A HEM Q . 21.15 3.19 42.09
O2A HEM Q . 20.81 1.09 42.69
C1B HEM Q . 13.32 -0.11 38.24
C2B HEM Q . 12.57 -0.91 37.26
C3B HEM Q . 11.26 -0.66 37.44
C4B HEM Q . 11.13 0.27 38.55
CMB HEM Q . 13.20 -1.82 36.19
CAB HEM Q . 10.05 -1.26 36.68
CBB HEM Q . 10.12 -2.40 35.99
C1C HEM Q . 9.82 1.71 39.99
C2C HEM Q . 8.57 2.28 40.50
C3C HEM Q . 8.90 3.24 41.40
C4C HEM Q . 10.35 3.29 41.48
CMC HEM Q . 7.14 1.86 40.08
CAC HEM Q . 7.98 4.13 42.24
CBC HEM Q . 6.66 4.00 42.13
C1D HEM Q . 12.38 3.96 42.66
C2D HEM Q . 13.09 4.80 43.60
C3D HEM Q . 14.48 4.20 43.69
C4D HEM Q . 14.48 3.07 42.78
CMD HEM Q . 12.56 6.03 44.37
CAD HEM Q . 15.65 4.69 44.57
CBD HEM Q . 15.71 3.68 45.73
CGD HEM Q . 16.83 4.01 46.68
O1D HEM Q . 16.78 3.58 47.86
O2D HEM Q . 17.78 4.71 46.26
NA HEM Q . 14.78 1.17 40.49
NB HEM Q . 12.40 0.58 39.01
NC HEM Q . 10.88 2.34 40.60
ND HEM Q . 13.23 2.96 42.20
FE HEM Q . 12.75 1.61 40.73
O1 8ZX R . 15.53 6.88 38.74
C4 8ZX R . 15.38 6.90 39.96
N1 8ZX R . 15.32 5.79 40.69
C1 8ZX R . 15.24 8.23 40.62
C3 8ZX R . 15.27 9.32 39.78
C6 8ZX R . 15.12 10.60 40.35
C7 8ZX R . 14.95 10.81 41.72
O2 8ZX R . 14.84 12.13 42.15
C8 8ZX R . 14.04 12.63 43.23
C5 8ZX R . 14.92 9.70 42.56
C2 8ZX R . 15.07 8.41 42.00
O1 8ZX S . 39.63 -13.34 33.81
C4 8ZX S . 38.81 -13.83 33.05
N1 8ZX S . 38.77 -13.57 31.73
C1 8ZX S . 37.82 -14.73 33.65
C3 8ZX S . 36.60 -14.95 33.03
C6 8ZX S . 35.65 -15.81 33.62
C7 8ZX S . 35.98 -16.43 34.81
O2 8ZX S . 35.10 -17.27 35.43
C8 8ZX S . 35.13 -17.37 36.85
C5 8ZX S . 37.21 -16.20 35.42
C2 8ZX S . 38.14 -15.35 34.83
O1 8ZX T . 11.77 7.94 27.42
C4 8ZX T . 10.54 7.79 27.42
N1 8ZX T . 10.00 6.75 28.05
C1 8ZX T . 9.66 8.78 26.72
C3 8ZX T . 8.37 8.42 26.34
C6 8ZX T . 7.55 9.34 25.68
C7 8ZX T . 8.03 10.62 25.39
O2 8ZX T . 7.23 11.53 24.75
C8 8ZX T . 7.83 12.70 24.17
C5 8ZX T . 9.32 10.98 25.77
C2 8ZX T . 10.14 10.07 26.44
CL CL U . 13.25 18.23 38.17
C1 GOL V . 10.34 -2.60 50.75
O1 GOL V . 10.88 -1.32 50.59
C2 GOL V . 9.44 -2.84 49.55
O2 GOL V . 10.23 -2.80 48.36
C3 GOL V . 8.40 -1.72 49.60
O3 GOL V . 7.83 -1.65 50.91
C1 GOL W . 8.39 -20.15 22.30
O1 GOL W . 8.80 -20.20 20.95
C2 GOL W . 9.61 -20.44 23.17
O2 GOL W . 10.73 -20.46 22.32
C3 GOL W . 9.46 -21.81 23.85
O3 GOL W . 8.44 -21.81 24.85
S SO4 X . 19.17 11.83 59.77
O1 SO4 X . 18.42 11.40 58.60
O2 SO4 X . 18.22 12.48 60.69
O3 SO4 X . 20.20 12.81 59.37
O4 SO4 X . 19.82 10.67 60.41
S SO4 Y . 13.59 -1.82 52.52
O1 SO4 Y . 13.20 -2.40 51.24
O2 SO4 Y . 13.40 -0.37 52.53
O3 SO4 Y . 12.80 -2.40 53.61
O4 SO4 Y . 15.00 -2.12 52.74
S SO4 Z . 20.75 -11.30 46.70
O1 SO4 Z . 20.83 -11.80 45.33
O2 SO4 Z . 19.33 -11.24 47.09
O3 SO4 Z . 21.33 -9.95 46.79
O4 SO4 Z . 21.50 -12.21 47.59
S SO4 AA . 28.40 -10.22 47.16
O1 SO4 AA . 28.15 -10.05 45.72
O2 SO4 AA . 27.27 -9.69 47.96
O3 SO4 AA . 29.64 -9.52 47.50
O4 SO4 AA . 28.54 -11.65 47.44
CHA HEM BA . -27.09 -27.84 -9.75
CHB HEM BA . -23.28 -25.46 -11.56
CHC HEM BA . -24.79 -21.40 -9.40
CHD HEM BA . -27.72 -24.11 -6.68
C1A HEM BA . -25.97 -27.56 -10.50
C2A HEM BA . -25.33 -28.41 -11.48
C3A HEM BA . -24.27 -27.74 -11.97
C4A HEM BA . -24.22 -26.45 -11.32
CMA HEM BA . -23.26 -28.25 -13.04
CAA HEM BA . -25.76 -29.84 -11.90
CBA HEM BA . -25.43 -30.89 -10.83
CGA HEM BA . -25.74 -32.29 -11.35
O1A HEM BA . -25.46 -33.27 -10.62
O2A HEM BA . -26.27 -32.45 -12.49
C1B HEM BA . -23.39 -24.13 -11.22
C2B HEM BA . -22.62 -23.01 -11.75
C3B HEM BA . -23.04 -21.89 -11.14
C4B HEM BA . -24.08 -22.26 -10.22
CMB HEM BA . -21.51 -23.10 -12.81
CAB HEM BA . -22.53 -20.45 -11.35
CBB HEM BA . -21.66 -20.12 -12.32
C1C HEM BA . -25.77 -21.78 -8.51
C2C HEM BA . -26.60 -20.88 -7.72
C3C HEM BA . -27.41 -21.62 -6.96
C4C HEM BA . -27.11 -23.02 -7.25
CMC HEM BA . -26.49 -19.34 -7.79
CAC HEM BA . -28.48 -21.16 -5.96
CBC HEM BA . -28.86 -19.89 -5.85
C1D HEM BA . -27.82 -25.37 -7.23
C2D HEM BA . -28.59 -26.46 -6.65
C3D HEM BA . -28.40 -27.62 -7.61
C4D HEM BA . -27.53 -27.12 -8.66
CMD HEM BA . -29.42 -26.44 -5.36
CAD HEM BA . -29.01 -29.03 -7.49
CBD HEM BA . -30.18 -29.09 -8.46
CGD HEM BA . -30.78 -30.46 -8.54
O1D HEM BA . -31.90 -30.58 -9.13
O2D HEM BA . -30.15 -31.45 -8.02
NA HEM BA . -25.27 -26.38 -10.44
NB HEM BA . -24.26 -23.63 -10.28
NC HEM BA . -26.12 -23.07 -8.19
ND HEM BA . -27.21 -25.79 -8.40
FE HEM BA . -25.79 -24.70 -9.43
O1 8ZX CA . -27.34 -29.33 -2.26
C4 8ZX CA . -26.14 -29.45 -2.27
N1 8ZX CA . -25.46 -29.95 -1.24
C1 8ZX CA . -25.41 -29.06 -3.53
C3 8ZX CA . -24.02 -29.09 -3.58
C6 8ZX CA . -23.38 -28.74 -4.77
C7 8ZX CA . -24.13 -28.35 -5.88
O2 8ZX CA . -23.49 -28.00 -7.06
C8 8ZX CA . -24.01 -26.97 -7.91
C5 8ZX CA . -25.52 -28.34 -5.82
C2 8ZX CA . -26.16 -28.69 -4.64
CL CL DA . -26.19 -29.21 1.34
C1 GOL EA . -34.02 -22.87 -13.28
O1 GOL EA . -33.72 -22.55 -14.62
C2 GOL EA . -35.53 -22.74 -13.04
O2 GOL EA . -36.03 -23.99 -12.63
C3 GOL EA . -35.80 -21.69 -11.95
O3 GOL EA . -37.18 -21.43 -11.89
C1 GOL FA . -14.34 -39.15 -32.53
O1 GOL FA . -15.14 -38.25 -33.26
C2 GOL FA . -12.89 -39.01 -32.97
O2 GOL FA . -12.74 -39.64 -34.23
C3 GOL FA . -11.96 -39.66 -31.94
O3 GOL FA . -10.62 -39.21 -32.11
S SO4 GA . -37.33 -27.09 -13.57
O1 SO4 GA . -37.20 -28.43 -14.14
O2 SO4 GA . -38.62 -26.52 -13.94
O3 SO4 GA . -36.25 -26.25 -14.09
O4 SO4 GA . -37.23 -27.16 -12.12
S SO4 HA . -1.64 -35.16 -5.74
O1 SO4 HA . -2.95 -35.65 -5.32
O2 SO4 HA . -1.76 -33.86 -6.41
O3 SO4 HA . -1.00 -36.12 -6.65
O4 SO4 HA . -0.82 -35.00 -4.54
S SO4 IA . -14.18 -43.14 -31.94
O1 SO4 IA . -14.35 -44.15 -32.98
O2 SO4 IA . -15.49 -42.63 -31.56
O3 SO4 IA . -13.52 -43.77 -30.78
O4 SO4 IA . -13.35 -42.05 -32.46
CHA HEM JA . 15.63 4.25 -39.51
CHB HEM JA . 12.31 1.64 -37.02
CHC HEM JA . 14.60 -2.47 -38.26
CHD HEM JA . 18.37 0.21 -39.67
C1A HEM JA . 14.49 3.90 -38.77
C2A HEM JA . 13.44 4.81 -38.36
C3A HEM JA . 12.52 4.09 -37.69
C4A HEM JA . 12.96 2.71 -37.63
CMA HEM JA . 11.22 4.66 -37.06
CAA HEM JA . 13.35 6.33 -38.66
CBA HEM JA . 14.31 7.18 -37.83
CGA HEM JA . 14.06 8.67 -38.02
O1A HEM JA . 14.78 9.48 -37.39
O2A HEM JA . 13.14 9.05 -38.79
C1B HEM JA . 12.61 0.29 -37.16
C2B HEM JA . 11.83 -0.83 -36.69
C3B HEM JA . 12.49 -1.96 -37.03
C4B HEM JA . 13.69 -1.58 -37.74
CMB HEM JA . 10.51 -0.76 -35.91
CAB HEM JA . 12.11 -3.44 -36.80
CBB HEM JA . 10.83 -3.81 -36.68
C1C HEM JA . 15.82 -2.11 -38.80
C2C HEM JA . 16.81 -2.99 -39.38
C3C HEM JA . 17.85 -2.23 -39.76
C4C HEM JA . 17.54 -0.85 -39.45
CMC HEM JA . 16.67 -4.54 -39.51
CAC HEM JA . 19.16 -2.68 -40.43
CBC HEM JA . 19.27 -3.88 -40.99
C1D HEM JA . 18.02 1.55 -39.78
C2D HEM JA . 18.88 2.62 -40.23
C3D HEM JA . 18.04 3.88 -40.18
C4D HEM JA . 16.73 3.45 -39.71
CMD HEM JA . 20.37 2.49 -40.66
CAD HEM JA . 18.48 5.31 -40.58
CBD HEM JA . 17.73 5.64 -41.86
CGD HEM JA . 18.00 7.06 -42.30
O1D HEM JA . 17.92 7.31 -43.53
O2D HEM JA . 18.33 7.91 -41.42
NA HEM JA . 14.17 2.64 -38.30
NB HEM JA . 13.73 -0.21 -37.80
NC HEM JA . 16.30 -0.82 -38.85
ND HEM JA . 16.77 2.07 -39.49
FE HEM JA . 15.12 0.92 -38.87
O1 8ZX KA . 23.30 4.26 -35.45
C4 8ZX KA . 22.43 4.49 -36.27
N1 8ZX KA . 22.74 4.94 -37.48
C1 8ZX KA . 20.96 4.31 -35.95
C3 8ZX KA . 20.05 4.47 -36.98
C6 8ZX KA . 18.69 4.33 -36.76
C7 8ZX KA . 18.22 4.00 -35.49
O2 8ZX KA . 16.86 3.90 -35.32
C8 8ZX KA . 16.14 2.67 -35.20
C5 8ZX KA . 19.13 3.85 -34.44
C2 8ZX KA . 20.51 4.00 -34.66
CL CL LA . 26.08 4.93 -36.09
C1 GOL MA . 13.80 0.28 -47.92
O1 GOL MA . 12.65 0.07 -48.72
C2 GOL MA . 15.01 0.39 -48.83
O2 GOL MA . 14.72 1.31 -49.86
C3 GOL MA . 15.35 -0.97 -49.43
O3 GOL MA . 16.47 -0.87 -50.28
C1 GOL NA . 4.07 15.63 -46.75
O1 GOL NA . 3.85 14.24 -46.97
C2 GOL NA . 3.73 16.02 -45.31
O2 GOL NA . 4.53 17.11 -44.85
C3 GOL NA . 2.24 16.36 -45.23
O3 GOL NA . 1.51 15.25 -45.69
S SO4 OA . 14.94 4.79 -50.47
O1 SO4 OA . 15.23 4.24 -51.79
O2 SO4 OA . 14.54 6.20 -50.59
O3 SO4 OA . 13.86 4.03 -49.85
O4 SO4 OA . 16.13 4.70 -49.63
#